data_5XXH
# 
_entry.id   5XXH 
# 
_audit_conform.dict_name       mmcif_pdbx.dic 
_audit_conform.dict_version    5.380 
_audit_conform.dict_location   http://mmcif.pdb.org/dictionaries/ascii/mmcif_pdbx.dic 
# 
loop_
_database_2.database_id 
_database_2.database_code 
_database_2.pdbx_database_accession 
_database_2.pdbx_DOI 
PDB   5XXH         pdb_00005xxh 10.2210/pdb5xxh/pdb 
WWPDB D_1300004330 ?            ?                   
# 
_pdbx_database_status.status_code                     REL 
_pdbx_database_status.status_code_sf                  REL 
_pdbx_database_status.status_code_mr                  ? 
_pdbx_database_status.entry_id                        5XXH 
_pdbx_database_status.recvd_initial_deposition_date   2017-07-04 
_pdbx_database_status.SG_entry                        N 
_pdbx_database_status.deposit_site                    PDBJ 
_pdbx_database_status.process_site                    PDBJ 
_pdbx_database_status.status_code_cs                  ? 
_pdbx_database_status.status_code_nmr_data            ? 
_pdbx_database_status.methods_development_category    ? 
_pdbx_database_status.pdb_format_compatible           Y 
# 
loop_
_audit_author.name 
_audit_author.pdbx_ordinal 
_audit_author.identifier_ORCID 
'Xiang, Q.' 1 ? 
'Zhang, Y.' 2 ? 
'Wang, C.'  3 ? 
'Song, M.'  4 ? 
# 
_citation.abstract                  ? 
_citation.abstract_id_CAS           ? 
_citation.book_id_ISBN              ? 
_citation.book_publisher            ? 
_citation.book_publisher_city       ? 
_citation.book_title                ? 
_citation.coordinate_linkage        ? 
_citation.country                   FR 
_citation.database_id_Medline       ? 
_citation.details                   ? 
_citation.id                        primary 
_citation.journal_abbrev            'Eur J Med Chem' 
_citation.journal_id_ASTM           EJMCA5 
_citation.journal_id_CSD            0493 
_citation.journal_id_ISSN           1768-3254 
_citation.journal_full              ? 
_citation.journal_issue             ? 
_citation.journal_volume            147 
_citation.language                  ? 
_citation.page_first                238 
_citation.page_last                 252 
_citation.title                     
;Discovery and optimization of 1-(1H-indol-1-yl)ethanone derivatives as CBP/EP300 bromodomain inhibitors for the treatment of castration-resistant prostate cancer.
;
_citation.year                      2018 
_citation.database_id_CSD           ? 
_citation.pdbx_database_id_DOI      10.1016/j.ejmech.2018.01.087 
_citation.pdbx_database_id_PubMed   29448139 
_citation.pdbx_database_id_patent   ? 
_citation.unpublished_flag          ? 
# 
loop_
_citation_author.citation_id 
_citation_author.name 
_citation_author.ordinal 
_citation_author.identifier_ORCID 
primary 'Xiang, Q.'       1  ? 
primary 'Wang, C.'        2  ? 
primary 'Zhang, Y.'       3  ? 
primary 'Xue, X.'         4  ? 
primary 'Song, M.'        5  ? 
primary 'Zhang, C.'       6  ? 
primary 'Li, C.'          7  ? 
primary 'Wu, C.'          8  ? 
primary 'Li, K.'          9  ? 
primary 'Hui, X.'         10 ? 
primary 'Zhou, Y.'        11 ? 
primary 'Smaill, J.B.'    12 ? 
primary 'Patterson, A.V.' 13 ? 
primary 'Wu, D.'          14 ? 
primary 'Ding, K.'        15 ? 
primary 'Xu, Y.'          16 ? 
# 
_cell.angle_alpha                  90.000 
_cell.angle_alpha_esd              ? 
_cell.angle_beta                   90.000 
_cell.angle_beta_esd               ? 
_cell.angle_gamma                  120.000 
_cell.angle_gamma_esd              ? 
_cell.entry_id                     5XXH 
_cell.details                      ? 
_cell.formula_units_Z              ? 
_cell.length_a                     44.320 
_cell.length_a_esd                 ? 
_cell.length_b                     44.320 
_cell.length_b_esd                 ? 
_cell.length_c                     121.292 
_cell.length_c_esd                 ? 
_cell.volume                       ? 
_cell.volume_esd                   ? 
_cell.Z_PDB                        6 
_cell.reciprocal_angle_alpha       ? 
_cell.reciprocal_angle_beta        ? 
_cell.reciprocal_angle_gamma       ? 
_cell.reciprocal_angle_alpha_esd   ? 
_cell.reciprocal_angle_beta_esd    ? 
_cell.reciprocal_angle_gamma_esd   ? 
_cell.reciprocal_length_a          ? 
_cell.reciprocal_length_b          ? 
_cell.reciprocal_length_c          ? 
_cell.reciprocal_length_a_esd      ? 
_cell.reciprocal_length_b_esd      ? 
_cell.reciprocal_length_c_esd      ? 
_cell.pdbx_unique_axis             ? 
_cell.pdbx_esd_method              ? 
# 
_symmetry.entry_id                         5XXH 
_symmetry.cell_setting                     ? 
_symmetry.Int_Tables_number                154 
_symmetry.space_group_name_Hall            ? 
_symmetry.space_group_name_H-M             'P 32 2 1' 
_symmetry.pdbx_full_space_group_name_H-M   ? 
# 
loop_
_entity.id 
_entity.type 
_entity.src_method 
_entity.pdbx_description 
_entity.formula_weight 
_entity.pdbx_number_of_molecules 
_entity.pdbx_ec 
_entity.pdbx_mutation 
_entity.pdbx_fragment 
_entity.details 
1 polymer     man 'CREB-binding protein'                                                  15891.296 1   2.3.1.48 ? 
'UNP RESIDUES 1081-1197' ? 
2 non-polymer syn '(3S)-1-[2-(3-ethanoylindol-1-yl)ethanoyl]piperidine-3-carboxylic acid' 328.362   1   ?        ? ? ? 
3 non-polymer syn 1,2-ETHANEDIOL                                                          62.068    1   ?        ? ? ? 
4 non-polymer syn 'MAGNESIUM ION'                                                         24.305    1   ?        ? ? ? 
5 water       nat water                                                                   18.015    122 ?        ? ? ? 
# 
_entity_poly.entity_id                      1 
_entity_poly.type                           'polypeptide(L)' 
_entity_poly.nstd_linkage                   no 
_entity_poly.nstd_monomer                   no 
_entity_poly.pdbx_seq_one_letter_code       
;MKKGHHHHHHLVPRGSRKKIFKPEELRQALMPTLEALYRQDPESLPFRQPVDPQLLGIPDYFDIVKNPMDLSTIKRKLDT
GQYQEPWQYVDDVWLMFNNAWLYNRKTSRVYKFCSKLAEVFEQEIDPVMQSLG
;
_entity_poly.pdbx_seq_one_letter_code_can   
;MKKGHHHHHHLVPRGSRKKIFKPEELRQALMPTLEALYRQDPESLPFRQPVDPQLLGIPDYFDIVKNPMDLSTIKRKLDT
GQYQEPWQYVDDVWLMFNNAWLYNRKTSRVYKFCSKLAEVFEQEIDPVMQSLG
;
_entity_poly.pdbx_strand_id                 A 
_entity_poly.pdbx_target_identifier         ? 
# 
loop_
_entity_poly_seq.entity_id 
_entity_poly_seq.num 
_entity_poly_seq.mon_id 
_entity_poly_seq.hetero 
1 1   MET n 
1 2   LYS n 
1 3   LYS n 
1 4   GLY n 
1 5   HIS n 
1 6   HIS n 
1 7   HIS n 
1 8   HIS n 
1 9   HIS n 
1 10  HIS n 
1 11  LEU n 
1 12  VAL n 
1 13  PRO n 
1 14  ARG n 
1 15  GLY n 
1 16  SER n 
1 17  ARG n 
1 18  LYS n 
1 19  LYS n 
1 20  ILE n 
1 21  PHE n 
1 22  LYS n 
1 23  PRO n 
1 24  GLU n 
1 25  GLU n 
1 26  LEU n 
1 27  ARG n 
1 28  GLN n 
1 29  ALA n 
1 30  LEU n 
1 31  MET n 
1 32  PRO n 
1 33  THR n 
1 34  LEU n 
1 35  GLU n 
1 36  ALA n 
1 37  LEU n 
1 38  TYR n 
1 39  ARG n 
1 40  GLN n 
1 41  ASP n 
1 42  PRO n 
1 43  GLU n 
1 44  SER n 
1 45  LEU n 
1 46  PRO n 
1 47  PHE n 
1 48  ARG n 
1 49  GLN n 
1 50  PRO n 
1 51  VAL n 
1 52  ASP n 
1 53  PRO n 
1 54  GLN n 
1 55  LEU n 
1 56  LEU n 
1 57  GLY n 
1 58  ILE n 
1 59  PRO n 
1 60  ASP n 
1 61  TYR n 
1 62  PHE n 
1 63  ASP n 
1 64  ILE n 
1 65  VAL n 
1 66  LYS n 
1 67  ASN n 
1 68  PRO n 
1 69  MET n 
1 70  ASP n 
1 71  LEU n 
1 72  SER n 
1 73  THR n 
1 74  ILE n 
1 75  LYS n 
1 76  ARG n 
1 77  LYS n 
1 78  LEU n 
1 79  ASP n 
1 80  THR n 
1 81  GLY n 
1 82  GLN n 
1 83  TYR n 
1 84  GLN n 
1 85  GLU n 
1 86  PRO n 
1 87  TRP n 
1 88  GLN n 
1 89  TYR n 
1 90  VAL n 
1 91  ASP n 
1 92  ASP n 
1 93  VAL n 
1 94  TRP n 
1 95  LEU n 
1 96  MET n 
1 97  PHE n 
1 98  ASN n 
1 99  ASN n 
1 100 ALA n 
1 101 TRP n 
1 102 LEU n 
1 103 TYR n 
1 104 ASN n 
1 105 ARG n 
1 106 LYS n 
1 107 THR n 
1 108 SER n 
1 109 ARG n 
1 110 VAL n 
1 111 TYR n 
1 112 LYS n 
1 113 PHE n 
1 114 CYS n 
1 115 SER n 
1 116 LYS n 
1 117 LEU n 
1 118 ALA n 
1 119 GLU n 
1 120 VAL n 
1 121 PHE n 
1 122 GLU n 
1 123 GLN n 
1 124 GLU n 
1 125 ILE n 
1 126 ASP n 
1 127 PRO n 
1 128 VAL n 
1 129 MET n 
1 130 GLN n 
1 131 SER n 
1 132 LEU n 
1 133 GLY n 
# 
_entity_src_gen.entity_id                          1 
_entity_src_gen.pdbx_src_id                        1 
_entity_src_gen.pdbx_alt_source_flag               sample 
_entity_src_gen.pdbx_seq_type                      'Biological sequence' 
_entity_src_gen.pdbx_beg_seq_num                   1 
_entity_src_gen.pdbx_end_seq_num                   133 
_entity_src_gen.gene_src_common_name               human 
_entity_src_gen.gene_src_genus                     ? 
_entity_src_gen.pdbx_gene_src_gene                 'CREBBP, CBP' 
_entity_src_gen.gene_src_species                   ? 
_entity_src_gen.gene_src_strain                    ? 
_entity_src_gen.gene_src_tissue                    ? 
_entity_src_gen.gene_src_tissue_fraction           ? 
_entity_src_gen.gene_src_details                   ? 
_entity_src_gen.pdbx_gene_src_fragment             ? 
_entity_src_gen.pdbx_gene_src_scientific_name      'Homo sapiens' 
_entity_src_gen.pdbx_gene_src_ncbi_taxonomy_id     9606 
_entity_src_gen.pdbx_gene_src_variant              ? 
_entity_src_gen.pdbx_gene_src_cell_line            ? 
_entity_src_gen.pdbx_gene_src_atcc                 ? 
_entity_src_gen.pdbx_gene_src_organ                ? 
_entity_src_gen.pdbx_gene_src_organelle            ? 
_entity_src_gen.pdbx_gene_src_cell                 ? 
_entity_src_gen.pdbx_gene_src_cellular_location    ? 
_entity_src_gen.host_org_common_name               ? 
_entity_src_gen.pdbx_host_org_scientific_name      'Escherichia coli BL21' 
_entity_src_gen.pdbx_host_org_ncbi_taxonomy_id     511693 
_entity_src_gen.host_org_genus                     ? 
_entity_src_gen.pdbx_host_org_gene                 ? 
_entity_src_gen.pdbx_host_org_organ                ? 
_entity_src_gen.host_org_species                   ? 
_entity_src_gen.pdbx_host_org_tissue               ? 
_entity_src_gen.pdbx_host_org_tissue_fraction      ? 
_entity_src_gen.pdbx_host_org_strain               ? 
_entity_src_gen.pdbx_host_org_variant              ? 
_entity_src_gen.pdbx_host_org_cell_line            ? 
_entity_src_gen.pdbx_host_org_atcc                 ? 
_entity_src_gen.pdbx_host_org_culture_collection   ? 
_entity_src_gen.pdbx_host_org_cell                 ? 
_entity_src_gen.pdbx_host_org_organelle            ? 
_entity_src_gen.pdbx_host_org_cellular_location    ? 
_entity_src_gen.pdbx_host_org_vector_type          ? 
_entity_src_gen.pdbx_host_org_vector               ? 
_entity_src_gen.host_org_details                   ? 
_entity_src_gen.expression_system_id               ? 
_entity_src_gen.plasmid_name                       ? 
_entity_src_gen.plasmid_details                    ? 
_entity_src_gen.pdbx_description                   ? 
# 
_struct_ref.id                         1 
_struct_ref.db_name                    UNP 
_struct_ref.db_code                    CBP_HUMAN 
_struct_ref.pdbx_db_accession          Q92793 
_struct_ref.pdbx_db_isoform            ? 
_struct_ref.entity_id                  1 
_struct_ref.pdbx_seq_one_letter_code   
;RKKIFKPEELRQALMPTLEALYRQDPESLPFRQPVDPQLLGIPDYFDIVKNPMDLSTIKRKLDTGQYQEPWQYVDDVWLM
FNNAWLYNRKTSRVYKFCSKLAEVFEQEIDPVMQSLG
;
_struct_ref.pdbx_align_begin           1081 
# 
_struct_ref_seq.align_id                      1 
_struct_ref_seq.ref_id                        1 
_struct_ref_seq.pdbx_PDB_id_code              5XXH 
_struct_ref_seq.pdbx_strand_id                A 
_struct_ref_seq.seq_align_beg                 17 
_struct_ref_seq.pdbx_seq_align_beg_ins_code   ? 
_struct_ref_seq.seq_align_end                 133 
_struct_ref_seq.pdbx_seq_align_end_ins_code   ? 
_struct_ref_seq.pdbx_db_accession             Q92793 
_struct_ref_seq.db_align_beg                  1081 
_struct_ref_seq.pdbx_db_align_beg_ins_code    ? 
_struct_ref_seq.db_align_end                  1197 
_struct_ref_seq.pdbx_db_align_end_ins_code    ? 
_struct_ref_seq.pdbx_auth_seq_align_beg       1081 
_struct_ref_seq.pdbx_auth_seq_align_end       1197 
# 
loop_
_struct_ref_seq_dif.align_id 
_struct_ref_seq_dif.pdbx_pdb_id_code 
_struct_ref_seq_dif.mon_id 
_struct_ref_seq_dif.pdbx_pdb_strand_id 
_struct_ref_seq_dif.seq_num 
_struct_ref_seq_dif.pdbx_pdb_ins_code 
_struct_ref_seq_dif.pdbx_seq_db_name 
_struct_ref_seq_dif.pdbx_seq_db_accession_code 
_struct_ref_seq_dif.db_mon_id 
_struct_ref_seq_dif.pdbx_seq_db_seq_num 
_struct_ref_seq_dif.details 
_struct_ref_seq_dif.pdbx_auth_seq_num 
_struct_ref_seq_dif.pdbx_ordinal 
1 5XXH MET A 1  ? UNP Q92793 ? ? 'expression tag' 1065 1  
1 5XXH LYS A 2  ? UNP Q92793 ? ? 'expression tag' 1066 2  
1 5XXH LYS A 3  ? UNP Q92793 ? ? 'expression tag' 1067 3  
1 5XXH GLY A 4  ? UNP Q92793 ? ? 'expression tag' 1068 4  
1 5XXH HIS A 5  ? UNP Q92793 ? ? 'expression tag' 1069 5  
1 5XXH HIS A 6  ? UNP Q92793 ? ? 'expression tag' 1070 6  
1 5XXH HIS A 7  ? UNP Q92793 ? ? 'expression tag' 1071 7  
1 5XXH HIS A 8  ? UNP Q92793 ? ? 'expression tag' 1072 8  
1 5XXH HIS A 9  ? UNP Q92793 ? ? 'expression tag' 1073 9  
1 5XXH HIS A 10 ? UNP Q92793 ? ? 'expression tag' 1074 10 
1 5XXH LEU A 11 ? UNP Q92793 ? ? 'expression tag' 1075 11 
1 5XXH VAL A 12 ? UNP Q92793 ? ? 'expression tag' 1076 12 
1 5XXH PRO A 13 ? UNP Q92793 ? ? 'expression tag' 1077 13 
1 5XXH ARG A 14 ? UNP Q92793 ? ? 'expression tag' 1078 14 
1 5XXH GLY A 15 ? UNP Q92793 ? ? 'expression tag' 1079 15 
1 5XXH SER A 16 ? UNP Q92793 ? ? 'expression tag' 1080 16 
# 
loop_
_chem_comp.id 
_chem_comp.type 
_chem_comp.mon_nstd_flag 
_chem_comp.name 
_chem_comp.pdbx_synonyms 
_chem_comp.formula 
_chem_comp.formula_weight 
ALA 'L-peptide linking' y ALANINE                                                                 ?                 'C3 H7 N O2' 
89.093  
ARG 'L-peptide linking' y ARGININE                                                                ?                 
'C6 H15 N4 O2 1' 175.209 
ASN 'L-peptide linking' y ASPARAGINE                                                              ?                 'C4 H8 N2 O3' 
132.118 
ASP 'L-peptide linking' y 'ASPARTIC ACID'                                                         ?                 'C4 H7 N O4' 
133.103 
CYS 'L-peptide linking' y CYSTEINE                                                                ?                 'C3 H7 N O2 S' 
121.158 
E0D non-polymer         . '(3S)-1-[2-(3-ethanoylindol-1-yl)ethanoyl]piperidine-3-carboxylic acid' ?                 
'C18 H20 N2 O4'  328.362 
EDO non-polymer         . 1,2-ETHANEDIOL                                                          'ETHYLENE GLYCOL' 'C2 H6 O2' 
62.068  
GLN 'L-peptide linking' y GLUTAMINE                                                               ?                 'C5 H10 N2 O3' 
146.144 
GLU 'L-peptide linking' y 'GLUTAMIC ACID'                                                         ?                 'C5 H9 N O4' 
147.129 
GLY 'peptide linking'   y GLYCINE                                                                 ?                 'C2 H5 N O2' 
75.067  
HIS 'L-peptide linking' y HISTIDINE                                                               ?                 
'C6 H10 N3 O2 1' 156.162 
HOH non-polymer         . WATER                                                                   ?                 'H2 O' 18.015  
ILE 'L-peptide linking' y ISOLEUCINE                                                              ?                 'C6 H13 N O2' 
131.173 
LEU 'L-peptide linking' y LEUCINE                                                                 ?                 'C6 H13 N O2' 
131.173 
LYS 'L-peptide linking' y LYSINE                                                                  ?                 
'C6 H15 N2 O2 1' 147.195 
MET 'L-peptide linking' y METHIONINE                                                              ?                 
'C5 H11 N O2 S'  149.211 
MG  non-polymer         . 'MAGNESIUM ION'                                                         ?                 'Mg 2' 24.305  
PHE 'L-peptide linking' y PHENYLALANINE                                                           ?                 'C9 H11 N O2' 
165.189 
PRO 'L-peptide linking' y PROLINE                                                                 ?                 'C5 H9 N O2' 
115.130 
SER 'L-peptide linking' y SERINE                                                                  ?                 'C3 H7 N O3' 
105.093 
THR 'L-peptide linking' y THREONINE                                                               ?                 'C4 H9 N O3' 
119.119 
TRP 'L-peptide linking' y TRYPTOPHAN                                                              ?                 
'C11 H12 N2 O2'  204.225 
TYR 'L-peptide linking' y TYROSINE                                                                ?                 'C9 H11 N O3' 
181.189 
VAL 'L-peptide linking' y VALINE                                                                  ?                 'C5 H11 N O2' 
117.146 
# 
_exptl.absorpt_coefficient_mu     ? 
_exptl.absorpt_correction_T_max   ? 
_exptl.absorpt_correction_T_min   ? 
_exptl.absorpt_correction_type    ? 
_exptl.absorpt_process_details    ? 
_exptl.entry_id                   5XXH 
_exptl.crystals_number            1 
_exptl.details                    ? 
_exptl.method                     'X-RAY DIFFRACTION' 
_exptl.method_details             ? 
# 
_exptl_crystal.colour                       ? 
_exptl_crystal.density_diffrn               ? 
_exptl_crystal.density_Matthews             2.16 
_exptl_crystal.density_method               ? 
_exptl_crystal.density_percent_sol          43.16 
_exptl_crystal.description                  ? 
_exptl_crystal.F_000                        ? 
_exptl_crystal.id                           1 
_exptl_crystal.preparation                  ? 
_exptl_crystal.size_max                     ? 
_exptl_crystal.size_mid                     ? 
_exptl_crystal.size_min                     ? 
_exptl_crystal.size_rad                     ? 
_exptl_crystal.colour_lustre                ? 
_exptl_crystal.colour_modifier              ? 
_exptl_crystal.colour_primary               ? 
_exptl_crystal.density_meas                 ? 
_exptl_crystal.density_meas_esd             ? 
_exptl_crystal.density_meas_gt              ? 
_exptl_crystal.density_meas_lt              ? 
_exptl_crystal.density_meas_temp            ? 
_exptl_crystal.density_meas_temp_esd        ? 
_exptl_crystal.density_meas_temp_gt         ? 
_exptl_crystal.density_meas_temp_lt         ? 
_exptl_crystal.pdbx_crystal_image_url       ? 
_exptl_crystal.pdbx_crystal_image_format    ? 
_exptl_crystal.pdbx_mosaicity               ? 
_exptl_crystal.pdbx_mosaicity_esd           ? 
_exptl_crystal.pdbx_mosaic_method           ? 
_exptl_crystal.pdbx_mosaic_block_size       ? 
_exptl_crystal.pdbx_mosaic_block_size_esd   ? 
# 
_exptl_crystal_grow.apparatus       ? 
_exptl_crystal_grow.atmosphere      ? 
_exptl_crystal_grow.crystal_id      1 
_exptl_crystal_grow.details         ? 
_exptl_crystal_grow.method          'VAPOR DIFFUSION, SITTING DROP' 
_exptl_crystal_grow.method_ref      ? 
_exptl_crystal_grow.pH              8.5 
_exptl_crystal_grow.pressure        ? 
_exptl_crystal_grow.pressure_esd    ? 
_exptl_crystal_grow.seeding         ? 
_exptl_crystal_grow.seeding_ref     ? 
_exptl_crystal_grow.temp            277 
_exptl_crystal_grow.temp_details    ? 
_exptl_crystal_grow.temp_esd        ? 
_exptl_crystal_grow.time            ? 
_exptl_crystal_grow.pdbx_details    '30% PEG 3350, 0.2M MgCl2, 0.1M Tris HCl, PH 8.5' 
_exptl_crystal_grow.pdbx_pH_range   ? 
# 
_diffrn.ambient_environment              ? 
_diffrn.ambient_temp                     80 
_diffrn.ambient_temp_details             'liquid nitrogen' 
_diffrn.ambient_temp_esd                 ? 
_diffrn.crystal_id                       1 
_diffrn.crystal_support                  ? 
_diffrn.crystal_treatment                ? 
_diffrn.details                          ? 
_diffrn.id                               1 
_diffrn.ambient_pressure                 ? 
_diffrn.ambient_pressure_esd             ? 
_diffrn.ambient_pressure_gt              ? 
_diffrn.ambient_pressure_lt              ? 
_diffrn.ambient_temp_gt                  ? 
_diffrn.ambient_temp_lt                  ? 
_diffrn.pdbx_serial_crystal_experiment   N 
# 
_diffrn_detector.details                      ? 
_diffrn_detector.detector                     PIXEL 
_diffrn_detector.diffrn_id                    1 
_diffrn_detector.type                         'DECTRIS PILATUS3 6M' 
_diffrn_detector.area_resol_mean              ? 
_diffrn_detector.dtime                        ? 
_diffrn_detector.pdbx_frames_total            ? 
_diffrn_detector.pdbx_collection_time_total   ? 
_diffrn_detector.pdbx_collection_date         2016-03-25 
_diffrn_detector.pdbx_frequency               ? 
# 
_diffrn_radiation.collimation                      ? 
_diffrn_radiation.diffrn_id                        1 
_diffrn_radiation.filter_edge                      ? 
_diffrn_radiation.inhomogeneity                    ? 
_diffrn_radiation.monochromator                    ? 
_diffrn_radiation.polarisn_norm                    ? 
_diffrn_radiation.polarisn_ratio                   ? 
_diffrn_radiation.probe                            ? 
_diffrn_radiation.type                             ? 
_diffrn_radiation.xray_symbol                      ? 
_diffrn_radiation.wavelength_id                    1 
_diffrn_radiation.pdbx_monochromatic_or_laue_m_l   M 
_diffrn_radiation.pdbx_wavelength_list             ? 
_diffrn_radiation.pdbx_wavelength                  ? 
_diffrn_radiation.pdbx_diffrn_protocol             'SINGLE WAVELENGTH' 
_diffrn_radiation.pdbx_analyzer                    ? 
_diffrn_radiation.pdbx_scattering_type             x-ray 
# 
_diffrn_radiation_wavelength.id           1 
_diffrn_radiation_wavelength.wavelength   0.97791 
_diffrn_radiation_wavelength.wt           1.0 
# 
_diffrn_source.current                     ? 
_diffrn_source.details                     ? 
_diffrn_source.diffrn_id                   1 
_diffrn_source.power                       ? 
_diffrn_source.size                        ? 
_diffrn_source.source                      SYNCHROTRON 
_diffrn_source.target                      ? 
_diffrn_source.type                        'SSRF BEAMLINE BL18U1' 
_diffrn_source.voltage                     ? 
_diffrn_source.take-off_angle              ? 
_diffrn_source.pdbx_wavelength_list        0.97791 
_diffrn_source.pdbx_wavelength             ? 
_diffrn_source.pdbx_synchrotron_beamline   BL18U1 
_diffrn_source.pdbx_synchrotron_site       SSRF 
# 
_reflns.B_iso_Wilson_estimate                          ? 
_reflns.entry_id                                       5XXH 
_reflns.data_reduction_details                         ? 
_reflns.data_reduction_method                          ? 
_reflns.d_resolution_high                              1.620 
_reflns.d_resolution_low                               60.650 
_reflns.details                                        ? 
_reflns.limit_h_max                                    ? 
_reflns.limit_h_min                                    ? 
_reflns.limit_k_max                                    ? 
_reflns.limit_k_min                                    ? 
_reflns.limit_l_max                                    ? 
_reflns.limit_l_min                                    ? 
_reflns.number_all                                     ? 
_reflns.number_obs                                     18496 
_reflns.observed_criterion                             ? 
_reflns.observed_criterion_F_max                       ? 
_reflns.observed_criterion_F_min                       ? 
_reflns.observed_criterion_I_max                       ? 
_reflns.observed_criterion_I_min                       ? 
_reflns.observed_criterion_sigma_F                     ? 
_reflns.observed_criterion_sigma_I                     ? 
_reflns.percent_possible_obs                           100.000 
_reflns.R_free_details                                 ? 
_reflns.Rmerge_F_all                                   ? 
_reflns.Rmerge_F_obs                                   ? 
_reflns.Friedel_coverage                               ? 
_reflns.number_gt                                      ? 
_reflns.threshold_expression                           ? 
_reflns.pdbx_redundancy                                17.400 
_reflns.pdbx_Rmerge_I_obs                              0.085 
_reflns.pdbx_Rmerge_I_all                              ? 
_reflns.pdbx_Rsym_value                                ? 
_reflns.pdbx_netI_over_av_sigmaI                       ? 
_reflns.pdbx_netI_over_sigmaI                          22.200 
_reflns.pdbx_res_netI_over_av_sigmaI_2                 ? 
_reflns.pdbx_res_netI_over_sigmaI_2                    ? 
_reflns.pdbx_chi_squared                               ? 
_reflns.pdbx_scaling_rejects                           291 
_reflns.pdbx_d_res_high_opt                            ? 
_reflns.pdbx_d_res_low_opt                             ? 
_reflns.pdbx_d_res_opt_method                          ? 
_reflns.phase_calculation_details                      ? 
_reflns.pdbx_Rrim_I_all                                0.088 
_reflns.pdbx_Rpim_I_all                                0.021 
_reflns.pdbx_d_opt                                     ? 
_reflns.pdbx_number_measured_all                       322175 
_reflns.pdbx_diffrn_id                                 1 
_reflns.pdbx_ordinal                                   1 
_reflns.pdbx_CC_half                                   0.998 
_reflns.pdbx_CC_star                                   ? 
_reflns.pdbx_R_split                                   ? 
_reflns.pdbx_aniso_diffraction_limit_axis_1_ortho[1]   ? 
_reflns.pdbx_aniso_diffraction_limit_axis_1_ortho[2]   ? 
_reflns.pdbx_aniso_diffraction_limit_axis_1_ortho[3]   ? 
_reflns.pdbx_aniso_diffraction_limit_axis_2_ortho[1]   ? 
_reflns.pdbx_aniso_diffraction_limit_axis_2_ortho[2]   ? 
_reflns.pdbx_aniso_diffraction_limit_axis_2_ortho[3]   ? 
_reflns.pdbx_aniso_diffraction_limit_axis_3_ortho[1]   ? 
_reflns.pdbx_aniso_diffraction_limit_axis_3_ortho[2]   ? 
_reflns.pdbx_aniso_diffraction_limit_axis_3_ortho[3]   ? 
_reflns.pdbx_aniso_diffraction_limit_1                 ? 
_reflns.pdbx_aniso_diffraction_limit_2                 ? 
_reflns.pdbx_aniso_diffraction_limit_3                 ? 
_reflns.pdbx_aniso_B_tensor_eigenvector_1_ortho[1]     ? 
_reflns.pdbx_aniso_B_tensor_eigenvector_1_ortho[2]     ? 
_reflns.pdbx_aniso_B_tensor_eigenvector_1_ortho[3]     ? 
_reflns.pdbx_aniso_B_tensor_eigenvector_2_ortho[1]     ? 
_reflns.pdbx_aniso_B_tensor_eigenvector_2_ortho[2]     ? 
_reflns.pdbx_aniso_B_tensor_eigenvector_2_ortho[3]     ? 
_reflns.pdbx_aniso_B_tensor_eigenvector_3_ortho[1]     ? 
_reflns.pdbx_aniso_B_tensor_eigenvector_3_ortho[2]     ? 
_reflns.pdbx_aniso_B_tensor_eigenvector_3_ortho[3]     ? 
_reflns.pdbx_aniso_B_tensor_eigenvalue_1               ? 
_reflns.pdbx_aniso_B_tensor_eigenvalue_2               ? 
_reflns.pdbx_aniso_B_tensor_eigenvalue_3               ? 
_reflns.pdbx_orthogonalization_convention              ? 
_reflns.pdbx_percent_possible_ellipsoidal              ? 
_reflns.pdbx_percent_possible_spherical                ? 
_reflns.pdbx_percent_possible_ellipsoidal_anomalous    ? 
_reflns.pdbx_percent_possible_spherical_anomalous      ? 
_reflns.pdbx_redundancy_anomalous                      ? 
_reflns.pdbx_CC_half_anomalous                         ? 
_reflns.pdbx_absDiff_over_sigma_anomalous              ? 
_reflns.pdbx_percent_possible_anomalous                ? 
_reflns.pdbx_observed_signal_threshold                 ? 
_reflns.pdbx_signal_type                               ? 
_reflns.pdbx_signal_details                            ? 
_reflns.pdbx_signal_software_id                        ? 
_reflns.pdbx_CC_split_method                           ? 
# 
_reflns_shell.d_res_high                                    1.620 
_reflns_shell.d_res_low                                     1.640 
_reflns_shell.meanI_over_sigI_all                           ? 
_reflns_shell.meanI_over_sigI_obs                           ? 
_reflns_shell.number_measured_all                           16584 
_reflns_shell.number_measured_obs                           ? 
_reflns_shell.number_possible                               ? 
_reflns_shell.number_unique_all                             ? 
_reflns_shell.number_unique_obs                             894 
_reflns_shell.percent_possible_all                          100.000 
_reflns_shell.percent_possible_obs                          ? 
_reflns_shell.Rmerge_F_all                                  ? 
_reflns_shell.Rmerge_F_obs                                  ? 
_reflns_shell.Rmerge_I_all                                  ? 
_reflns_shell.Rmerge_I_obs                                  0.335 
_reflns_shell.meanI_over_sigI_gt                            ? 
_reflns_shell.meanI_over_uI_all                             ? 
_reflns_shell.meanI_over_uI_gt                              ? 
_reflns_shell.number_measured_gt                            ? 
_reflns_shell.number_unique_gt                              ? 
_reflns_shell.percent_possible_gt                           ? 
_reflns_shell.Rmerge_F_gt                                   ? 
_reflns_shell.Rmerge_I_gt                                   ? 
_reflns_shell.pdbx_redundancy                               18.600 
_reflns_shell.pdbx_Rsym_value                               ? 
_reflns_shell.pdbx_chi_squared                              ? 
_reflns_shell.pdbx_netI_over_sigmaI_all                     ? 
_reflns_shell.pdbx_netI_over_sigmaI_obs                     9.600 
_reflns_shell.pdbx_Rrim_I_all                               0.344 
_reflns_shell.pdbx_Rpim_I_all                               0.080 
_reflns_shell.pdbx_rejects                                  ? 
_reflns_shell.pdbx_ordinal                                  1 
_reflns_shell.pdbx_diffrn_id                                1 
_reflns_shell.pdbx_CC_half                                  0.985 
_reflns_shell.pdbx_CC_star                                  ? 
_reflns_shell.pdbx_R_split                                  ? 
_reflns_shell.pdbx_percent_possible_ellipsoidal             ? 
_reflns_shell.pdbx_percent_possible_spherical               ? 
_reflns_shell.pdbx_percent_possible_ellipsoidal_anomalous   ? 
_reflns_shell.pdbx_percent_possible_spherical_anomalous     ? 
_reflns_shell.pdbx_redundancy_anomalous                     ? 
_reflns_shell.pdbx_CC_half_anomalous                        ? 
_reflns_shell.pdbx_absDiff_over_sigma_anomalous             ? 
_reflns_shell.pdbx_percent_possible_anomalous               ? 
# 
_refine.aniso_B[1][1]                            0.0700 
_refine.aniso_B[1][2]                            0.0400 
_refine.aniso_B[1][3]                            0.0000 
_refine.aniso_B[2][2]                            0.0700 
_refine.aniso_B[2][3]                            0.0000 
_refine.aniso_B[3][3]                            -0.2300 
_refine.B_iso_max                                46.900 
_refine.B_iso_mean                               17.7100 
_refine.B_iso_min                                9.370 
_refine.correlation_coeff_Fo_to_Fc               0.9520 
_refine.correlation_coeff_Fo_to_Fc_free          0.9340 
_refine.details                                  
'HYDROGENS HAVE BEEN ADDED IN THE RIDING POSITIONS U VALUES : REFINED INDIVIDUALLY' 
_refine.diff_density_max                         ? 
_refine.diff_density_max_esd                     ? 
_refine.diff_density_min                         ? 
_refine.diff_density_min_esd                     ? 
_refine.diff_density_rms                         ? 
_refine.diff_density_rms_esd                     ? 
_refine.entry_id                                 5XXH 
_refine.pdbx_refine_id                           'X-RAY DIFFRACTION' 
_refine.ls_abs_structure_details                 ? 
_refine.ls_abs_structure_Flack                   ? 
_refine.ls_abs_structure_Flack_esd               ? 
_refine.ls_abs_structure_Rogers                  ? 
_refine.ls_abs_structure_Rogers_esd              ? 
_refine.ls_d_res_high                            1.6200 
_refine.ls_d_res_low                             40.4300 
_refine.ls_extinction_coef                       ? 
_refine.ls_extinction_coef_esd                   ? 
_refine.ls_extinction_expression                 ? 
_refine.ls_extinction_method                     ? 
_refine.ls_goodness_of_fit_all                   ? 
_refine.ls_goodness_of_fit_all_esd               ? 
_refine.ls_goodness_of_fit_obs                   ? 
_refine.ls_goodness_of_fit_obs_esd               ? 
_refine.ls_hydrogen_treatment                    ? 
_refine.ls_matrix_type                           ? 
_refine.ls_number_constraints                    ? 
_refine.ls_number_parameters                     ? 
_refine.ls_number_reflns_all                     ? 
_refine.ls_number_reflns_obs                     17589 
_refine.ls_number_reflns_R_free                  859 
_refine.ls_number_reflns_R_work                  ? 
_refine.ls_number_restraints                     ? 
_refine.ls_percent_reflns_obs                    100.0000 
_refine.ls_percent_reflns_R_free                 4.7000 
_refine.ls_R_factor_all                          ? 
_refine.ls_R_factor_obs                          0.1920 
_refine.ls_R_factor_R_free                       0.2080 
_refine.ls_R_factor_R_free_error                 ? 
_refine.ls_R_factor_R_free_error_details         ? 
_refine.ls_R_factor_R_work                       0.1910 
_refine.ls_R_Fsqd_factor_obs                     ? 
_refine.ls_R_I_factor_obs                        ? 
_refine.ls_redundancy_reflns_all                 ? 
_refine.ls_redundancy_reflns_obs                 ? 
_refine.ls_restrained_S_all                      ? 
_refine.ls_restrained_S_obs                      ? 
_refine.ls_shift_over_esd_max                    ? 
_refine.ls_shift_over_esd_mean                   ? 
_refine.ls_structure_factor_coef                 ? 
_refine.ls_weighting_details                     ? 
_refine.ls_weighting_scheme                      ? 
_refine.ls_wR_factor_all                         ? 
_refine.ls_wR_factor_obs                         ? 
_refine.ls_wR_factor_R_free                      ? 
_refine.ls_wR_factor_R_work                      ? 
_refine.occupancy_max                            ? 
_refine.occupancy_min                            ? 
_refine.solvent_model_details                    MASK 
_refine.solvent_model_param_bsol                 ? 
_refine.solvent_model_param_ksol                 ? 
_refine.pdbx_R_complete                          ? 
_refine.ls_R_factor_gt                           ? 
_refine.ls_goodness_of_fit_gt                    ? 
_refine.ls_goodness_of_fit_ref                   ? 
_refine.ls_shift_over_su_max                     ? 
_refine.ls_shift_over_su_max_lt                  ? 
_refine.ls_shift_over_su_mean                    ? 
_refine.ls_shift_over_su_mean_lt                 ? 
_refine.pdbx_ls_sigma_I                          ? 
_refine.pdbx_ls_sigma_F                          0.000 
_refine.pdbx_ls_sigma_Fsqd                       ? 
_refine.pdbx_data_cutoff_high_absF               ? 
_refine.pdbx_data_cutoff_high_rms_absF           ? 
_refine.pdbx_data_cutoff_low_absF                ? 
_refine.pdbx_isotropic_thermal_model             ? 
_refine.pdbx_ls_cross_valid_method               THROUGHOUT 
_refine.pdbx_method_to_determine_struct          'MOLECULAR REPLACEMENT' 
_refine.pdbx_starting_model                      4NYX 
_refine.pdbx_stereochemistry_target_values       'MAXIMUM LIKELIHOOD' 
_refine.pdbx_R_Free_selection_details            RANDOM 
_refine.pdbx_stereochem_target_val_spec_case     ? 
_refine.pdbx_overall_ESU_R                       0.0920 
_refine.pdbx_overall_ESU_R_Free                  0.0870 
_refine.pdbx_solvent_vdw_probe_radii             1.2000 
_refine.pdbx_solvent_ion_probe_radii             0.8000 
_refine.pdbx_solvent_shrinkage_radii             0.8000 
_refine.pdbx_real_space_R                        ? 
_refine.pdbx_density_correlation                 ? 
_refine.pdbx_pd_number_of_powder_patterns        ? 
_refine.pdbx_pd_number_of_points                 ? 
_refine.pdbx_pd_meas_number_of_points            ? 
_refine.pdbx_pd_proc_ls_prof_R_factor            ? 
_refine.pdbx_pd_proc_ls_prof_wR_factor           ? 
_refine.pdbx_pd_Marquardt_correlation_coeff      ? 
_refine.pdbx_pd_Fsqrd_R_factor                   ? 
_refine.pdbx_pd_ls_matrix_band_width             ? 
_refine.pdbx_overall_phase_error                 ? 
_refine.pdbx_overall_SU_R_free_Cruickshank_DPI   ? 
_refine.pdbx_overall_SU_R_free_Blow_DPI          ? 
_refine.pdbx_overall_SU_R_Blow_DPI               ? 
_refine.pdbx_TLS_residual_ADP_flag               ? 
_refine.pdbx_diffrn_id                           1 
_refine.overall_SU_B                             1.4300 
_refine.overall_SU_ML                            0.0510 
_refine.overall_SU_R_Cruickshank_DPI             ? 
_refine.overall_SU_R_free                        ? 
_refine.overall_FOM_free_R_set                   ? 
_refine.overall_FOM_work_R_set                   ? 
_refine.pdbx_average_fsc_overall                 ? 
_refine.pdbx_average_fsc_work                    ? 
_refine.pdbx_average_fsc_free                    ? 
# 
_refine_hist.pdbx_refine_id                   'X-RAY DIFFRACTION' 
_refine_hist.cycle_id                         final 
_refine_hist.details                          ? 
_refine_hist.d_res_high                       1.6200 
_refine_hist.d_res_low                        40.4300 
_refine_hist.number_atoms_solvent             122 
_refine_hist.number_atoms_total               1124 
_refine_hist.number_reflns_all                ? 
_refine_hist.number_reflns_obs                ? 
_refine_hist.number_reflns_R_free             ? 
_refine_hist.number_reflns_R_work             ? 
_refine_hist.R_factor_all                     ? 
_refine_hist.R_factor_obs                     ? 
_refine_hist.R_factor_R_free                  ? 
_refine_hist.R_factor_R_work                  ? 
_refine_hist.pdbx_number_residues_total       117 
_refine_hist.pdbx_B_iso_mean_ligand           16.64 
_refine_hist.pdbx_B_iso_mean_solvent          24.51 
_refine_hist.pdbx_number_atoms_protein        973 
_refine_hist.pdbx_number_atoms_nucleic_acid   0 
_refine_hist.pdbx_number_atoms_ligand         29 
_refine_hist.pdbx_number_atoms_lipid          ? 
_refine_hist.pdbx_number_atoms_carb           ? 
_refine_hist.pdbx_pseudo_atom_details         ? 
# 
loop_
_refine_ls_restr.pdbx_refine_id 
_refine_ls_restr.criterion 
_refine_ls_restr.dev_ideal 
_refine_ls_restr.dev_ideal_target 
_refine_ls_restr.number 
_refine_ls_restr.rejects 
_refine_ls_restr.type 
_refine_ls_restr.weight 
_refine_ls_restr.pdbx_restraint_function 
'X-RAY DIFFRACTION' ? 0.008  0.020  1038 ? r_bond_refined_d             ? ? 
'X-RAY DIFFRACTION' ? 0.004  0.020  976  ? r_bond_other_d               ? ? 
'X-RAY DIFFRACTION' ? 1.330  2.003  1408 ? r_angle_refined_deg          ? ? 
'X-RAY DIFFRACTION' ? 0.957  3.006  2257 ? r_angle_other_deg            ? ? 
'X-RAY DIFFRACTION' ? 5.156  5.000  118  ? r_dihedral_angle_1_deg       ? ? 
'X-RAY DIFFRACTION' ? 38.929 24.490 49   ? r_dihedral_angle_2_deg       ? ? 
'X-RAY DIFFRACTION' ? 13.128 15.000 181  ? r_dihedral_angle_3_deg       ? ? 
'X-RAY DIFFRACTION' ? 14.264 15.000 6    ? r_dihedral_angle_4_deg       ? ? 
'X-RAY DIFFRACTION' ? 0.070  0.200  145  ? r_chiral_restr               ? ? 
'X-RAY DIFFRACTION' ? 0.006  0.021  1141 ? r_gen_planes_refined         ? ? 
'X-RAY DIFFRACTION' ? 0.001  0.020  231  ? r_gen_planes_other           ? ? 
'X-RAY DIFFRACTION' ? ?      ?      ?    ? r_nbd_refined                ? ? 
'X-RAY DIFFRACTION' ? ?      ?      ?    ? r_nbd_other                  ? ? 
'X-RAY DIFFRACTION' ? ?      ?      ?    ? r_nbtor_refined              ? ? 
'X-RAY DIFFRACTION' ? ?      ?      ?    ? r_nbtor_other                ? ? 
'X-RAY DIFFRACTION' ? ?      ?      ?    ? r_xyhbond_nbd_refined        ? ? 
'X-RAY DIFFRACTION' ? ?      ?      ?    ? r_xyhbond_nbd_other          ? ? 
'X-RAY DIFFRACTION' ? ?      ?      ?    ? r_metal_ion_refined          ? ? 
'X-RAY DIFFRACTION' ? ?      ?      ?    ? r_metal_ion_other            ? ? 
'X-RAY DIFFRACTION' ? ?      ?      ?    ? r_symmetry_vdw_refined       ? ? 
'X-RAY DIFFRACTION' ? ?      ?      ?    ? r_symmetry_vdw_other         ? ? 
'X-RAY DIFFRACTION' ? ?      ?      ?    ? r_symmetry_hbond_refined     ? ? 
'X-RAY DIFFRACTION' ? ?      ?      ?    ? r_symmetry_hbond_other       ? ? 
'X-RAY DIFFRACTION' ? ?      ?      ?    ? r_symmetry_metal_ion_refined ? ? 
'X-RAY DIFFRACTION' ? ?      ?      ?    ? r_symmetry_metal_ion_other   ? ? 
'X-RAY DIFFRACTION' ? ?      ?      ?    ? r_rigid_bond_restr           ? ? 
'X-RAY DIFFRACTION' ? ?      ?      ?    ? r_sphericity_free            ? ? 
'X-RAY DIFFRACTION' ? ?      ?      ?    ? r_sphericity_bonded          ? ? 
# 
_refine_ls_shell.pdbx_refine_id                   'X-RAY DIFFRACTION' 
_refine_ls_shell.d_res_high                       1.6200 
_refine_ls_shell.d_res_low                        1.6600 
_refine_ls_shell.number_reflns_all                1328 
_refine_ls_shell.number_reflns_obs                ? 
_refine_ls_shell.number_reflns_R_free             57 
_refine_ls_shell.number_reflns_R_work             1271 
_refine_ls_shell.percent_reflns_obs               100.0000 
_refine_ls_shell.percent_reflns_R_free            ? 
_refine_ls_shell.R_factor_all                     ? 
_refine_ls_shell.R_factor_obs                     ? 
_refine_ls_shell.R_factor_R_free                  0.1950 
_refine_ls_shell.R_factor_R_free_error            0.0000 
_refine_ls_shell.R_factor_R_work                  0.2130 
_refine_ls_shell.redundancy_reflns_all            ? 
_refine_ls_shell.redundancy_reflns_obs            ? 
_refine_ls_shell.wR_factor_all                    ? 
_refine_ls_shell.wR_factor_obs                    ? 
_refine_ls_shell.wR_factor_R_free                 ? 
_refine_ls_shell.wR_factor_R_work                 ? 
_refine_ls_shell.pdbx_R_complete                  ? 
_refine_ls_shell.pdbx_total_number_of_bins_used   20 
_refine_ls_shell.pdbx_phase_error                 ? 
_refine_ls_shell.pdbx_fsc_work                    ? 
_refine_ls_shell.pdbx_fsc_free                    ? 
# 
_struct.entry_id                     5XXH 
_struct.title                        'Crystal Structure Analysis of the CBP' 
_struct.pdbx_model_details           ? 
_struct.pdbx_formula_weight          ? 
_struct.pdbx_formula_weight_method   ? 
_struct.pdbx_model_type_details      ? 
_struct.pdbx_CASP_flag               N 
# 
_struct_keywords.entry_id        5XXH 
_struct_keywords.text            'CBP, Bromodomain, TRANSFERASE' 
_struct_keywords.pdbx_keywords   TRANSFERASE 
# 
loop_
_struct_asym.id 
_struct_asym.pdbx_blank_PDB_chainid_flag 
_struct_asym.pdbx_modified 
_struct_asym.entity_id 
_struct_asym.details 
A N N 1 ? 
B N N 2 ? 
C N N 3 ? 
D N N 4 ? 
E N N 5 ? 
# 
loop_
_struct_conf.conf_type_id 
_struct_conf.id 
_struct_conf.pdbx_PDB_helix_id 
_struct_conf.beg_label_comp_id 
_struct_conf.beg_label_asym_id 
_struct_conf.beg_label_seq_id 
_struct_conf.pdbx_beg_PDB_ins_code 
_struct_conf.end_label_comp_id 
_struct_conf.end_label_asym_id 
_struct_conf.end_label_seq_id 
_struct_conf.pdbx_end_PDB_ins_code 
_struct_conf.beg_auth_comp_id 
_struct_conf.beg_auth_asym_id 
_struct_conf.beg_auth_seq_id 
_struct_conf.end_auth_comp_id 
_struct_conf.end_auth_asym_id 
_struct_conf.end_auth_seq_id 
_struct_conf.pdbx_PDB_helix_class 
_struct_conf.details 
_struct_conf.pdbx_PDB_helix_length 
HELX_P HELX_P1 AA1 LYS A 22  ? ARG A 39  ? LYS A 1086 ARG A 1103 1 ? 18 
HELX_P HELX_P2 AA2 SER A 44  ? ARG A 48  ? SER A 1108 ARG A 1112 5 ? 5  
HELX_P HELX_P3 AA3 ASP A 52  ? GLY A 57  ? ASP A 1116 GLY A 1121 1 ? 6  
HELX_P HELX_P4 AA4 ASP A 60  ? VAL A 65  ? ASP A 1124 VAL A 1129 1 ? 6  
HELX_P HELX_P5 AA5 ASP A 70  ? THR A 80  ? ASP A 1134 THR A 1144 1 ? 11 
HELX_P HELX_P6 AA6 GLU A 85  ? ASN A 104 ? GLU A 1149 ASN A 1168 1 ? 20 
HELX_P HELX_P7 AA7 SER A 108 ? GLY A 133 ? SER A 1172 GLY A 1197 1 ? 26 
# 
_struct_conf_type.id          HELX_P 
_struct_conf_type.criteria    ? 
_struct_conf_type.reference   ? 
# 
loop_
_struct_conn.id 
_struct_conn.conn_type_id 
_struct_conn.pdbx_leaving_atom_flag 
_struct_conn.pdbx_PDB_id 
_struct_conn.ptnr1_label_asym_id 
_struct_conn.ptnr1_label_comp_id 
_struct_conn.ptnr1_label_seq_id 
_struct_conn.ptnr1_label_atom_id 
_struct_conn.pdbx_ptnr1_label_alt_id 
_struct_conn.pdbx_ptnr1_PDB_ins_code 
_struct_conn.pdbx_ptnr1_standard_comp_id 
_struct_conn.ptnr1_symmetry 
_struct_conn.ptnr2_label_asym_id 
_struct_conn.ptnr2_label_comp_id 
_struct_conn.ptnr2_label_seq_id 
_struct_conn.ptnr2_label_atom_id 
_struct_conn.pdbx_ptnr2_label_alt_id 
_struct_conn.pdbx_ptnr2_PDB_ins_code 
_struct_conn.ptnr1_auth_asym_id 
_struct_conn.ptnr1_auth_comp_id 
_struct_conn.ptnr1_auth_seq_id 
_struct_conn.ptnr2_auth_asym_id 
_struct_conn.ptnr2_auth_comp_id 
_struct_conn.ptnr2_auth_seq_id 
_struct_conn.ptnr2_symmetry 
_struct_conn.pdbx_ptnr3_label_atom_id 
_struct_conn.pdbx_ptnr3_label_seq_id 
_struct_conn.pdbx_ptnr3_label_comp_id 
_struct_conn.pdbx_ptnr3_label_asym_id 
_struct_conn.pdbx_ptnr3_label_alt_id 
_struct_conn.pdbx_ptnr3_PDB_ins_code 
_struct_conn.details 
_struct_conn.pdbx_dist_value 
_struct_conn.pdbx_value_order 
_struct_conn.pdbx_role 
metalc1 metalc ? ? D MG . MG ? ? ? 1_555 E HOH . O ? ? A MG 1203 A HOH 1302 1_555 ? ? ? ? ? ? ? 2.054 ? ? 
metalc2 metalc ? ? D MG . MG ? ? ? 1_555 E HOH . O ? ? A MG 1203 A HOH 1346 1_555 ? ? ? ? ? ? ? 2.060 ? ? 
metalc3 metalc ? ? D MG . MG ? ? ? 1_555 E HOH . O ? ? A MG 1203 A HOH 1364 5_555 ? ? ? ? ? ? ? 2.099 ? ? 
metalc4 metalc ? ? D MG . MG ? ? ? 1_555 E HOH . O ? ? A MG 1203 A HOH 1380 1_555 ? ? ? ? ? ? ? 2.049 ? ? 
metalc5 metalc ? ? D MG . MG ? ? ? 1_555 E HOH . O ? ? A MG 1203 A HOH 1402 1_555 ? ? ? ? ? ? ? 2.179 ? ? 
metalc6 metalc ? ? D MG . MG ? ? ? 1_555 E HOH . O ? ? A MG 1203 A HOH 1421 5_555 ? ? ? ? ? ? ? 2.044 ? ? 
# 
_struct_conn_type.id          metalc 
_struct_conn_type.criteria    ? 
_struct_conn_type.reference   ? 
# 
_struct_mon_prot_cis.pdbx_id                1 
_struct_mon_prot_cis.label_comp_id          ASP 
_struct_mon_prot_cis.label_seq_id           41 
_struct_mon_prot_cis.label_asym_id          A 
_struct_mon_prot_cis.label_alt_id           . 
_struct_mon_prot_cis.pdbx_PDB_ins_code      ? 
_struct_mon_prot_cis.auth_comp_id           ASP 
_struct_mon_prot_cis.auth_seq_id            1105 
_struct_mon_prot_cis.auth_asym_id           A 
_struct_mon_prot_cis.pdbx_label_comp_id_2   PRO 
_struct_mon_prot_cis.pdbx_label_seq_id_2    42 
_struct_mon_prot_cis.pdbx_label_asym_id_2   A 
_struct_mon_prot_cis.pdbx_PDB_ins_code_2    ? 
_struct_mon_prot_cis.pdbx_auth_comp_id_2    PRO 
_struct_mon_prot_cis.pdbx_auth_seq_id_2     1106 
_struct_mon_prot_cis.pdbx_auth_asym_id_2    A 
_struct_mon_prot_cis.pdbx_PDB_model_num     1 
_struct_mon_prot_cis.pdbx_omega_angle       16.12 
# 
_atom_sites.entry_id                    5XXH 
_atom_sites.Cartn_transf_matrix[1][1]   ? 
_atom_sites.Cartn_transf_matrix[1][2]   ? 
_atom_sites.Cartn_transf_matrix[1][3]   ? 
_atom_sites.Cartn_transf_matrix[2][1]   ? 
_atom_sites.Cartn_transf_matrix[2][2]   ? 
_atom_sites.Cartn_transf_matrix[2][3]   ? 
_atom_sites.Cartn_transf_matrix[3][1]   ? 
_atom_sites.Cartn_transf_matrix[3][2]   ? 
_atom_sites.Cartn_transf_matrix[3][3]   ? 
_atom_sites.Cartn_transf_vector[1]      ? 
_atom_sites.Cartn_transf_vector[2]      ? 
_atom_sites.Cartn_transf_vector[3]      ? 
_atom_sites.fract_transf_matrix[1][1]   0.01002859 
_atom_sites.fract_transf_matrix[1][2]   0.01359742 
_atom_sites.fract_transf_matrix[1][3]   0.01983253 
_atom_sites.fract_transf_matrix[2][1]   0.00973241 
_atom_sites.fract_transf_matrix[2][2]   0.02381188 
_atom_sites.fract_transf_matrix[2][3]   -0.00413347 
_atom_sites.fract_transf_matrix[3][1]   -0.00741185 
_atom_sites.fract_transf_matrix[3][2]   0.00328858 
_atom_sites.fract_transf_matrix[3][3]   0.00149321 
_atom_sites.fract_transf_vector[1]      0.064938 
_atom_sites.fract_transf_vector[2]      -0.285086 
_atom_sites.fract_transf_vector[3]      0.084976 
_atom_sites.solution_primary            ? 
_atom_sites.solution_secondary          ? 
_atom_sites.solution_hydrogens          ? 
_atom_sites.special_details             ? 
# 
loop_
_atom_type.symbol 
C  
MG 
N  
O  
S  
# 
loop_
_atom_site.group_PDB 
_atom_site.id 
_atom_site.type_symbol 
_atom_site.label_atom_id 
_atom_site.label_alt_id 
_atom_site.label_comp_id 
_atom_site.label_asym_id 
_atom_site.label_entity_id 
_atom_site.label_seq_id 
_atom_site.pdbx_PDB_ins_code 
_atom_site.Cartn_x 
_atom_site.Cartn_y 
_atom_site.Cartn_z 
_atom_site.occupancy 
_atom_site.B_iso_or_equiv 
_atom_site.pdbx_formal_charge 
_atom_site.auth_seq_id 
_atom_site.auth_comp_id 
_atom_site.auth_asym_id 
_atom_site.auth_atom_id 
_atom_site.pdbx_PDB_model_num 
ATOM   1    N  N   . ARG A 1 17  ? -25.089 -6.018  1.113   1.00 39.31 ? 1081 ARG A N   1 
ATOM   2    C  CA  . ARG A 1 17  ? -23.635 -6.102  1.478   1.00 39.53 ? 1081 ARG A CA  1 
ATOM   3    C  C   . ARG A 1 17  ? -22.779 -6.655  0.333   1.00 36.26 ? 1081 ARG A C   1 
ATOM   4    O  O   . ARG A 1 17  ? -21.643 -6.222  0.153   1.00 37.82 ? 1081 ARG A O   1 
ATOM   5    C  CB  . ARG A 1 17  ? -23.454 -6.932  2.755   1.00 41.14 ? 1081 ARG A CB  1 
ATOM   6    C  CG  . ARG A 1 17  ? -22.019 -7.158  3.233   1.00 42.09 ? 1081 ARG A CG  1 
ATOM   7    C  CD  . ARG A 1 17  ? -21.486 -8.556  2.918   1.00 43.64 ? 1081 ARG A CD  1 
ATOM   8    N  NE  . ARG A 1 17  ? -20.748 -8.641  1.652   1.00 45.27 ? 1081 ARG A NE  1 
ATOM   9    C  CZ  . ARG A 1 17  ? -20.316 -9.774  1.090   1.00 46.53 ? 1081 ARG A CZ  1 
ATOM   10   N  NH1 . ARG A 1 17  ? -20.536 -10.960 1.663   1.00 46.90 ? 1081 ARG A NH1 1 
ATOM   11   N  NH2 . ARG A 1 17  ? -19.650 -9.726  -0.064  1.00 46.35 ? 1081 ARG A NH2 1 
ATOM   12   N  N   . LYS A 1 18  ? -23.313 -7.623  -0.411  1.00 32.67 ? 1082 LYS A N   1 
ATOM   13   C  CA  . LYS A 1 18  ? -22.667 -8.103  -1.632  1.00 28.72 ? 1082 LYS A CA  1 
ATOM   14   C  C   . LYS A 1 18  ? -22.764 -7.048  -2.732  1.00 25.61 ? 1082 LYS A C   1 
ATOM   15   O  O   . LYS A 1 18  ? -23.787 -6.379  -2.872  1.00 22.03 ? 1082 LYS A O   1 
ATOM   16   C  CB  . LYS A 1 18  ? -23.295 -9.417  -2.109  1.00 29.56 ? 1082 LYS A CB  1 
ATOM   17   C  CG  . LYS A 1 18  ? -23.034 -10.590 -1.176  1.00 31.57 ? 1082 LYS A CG  1 
ATOM   18   C  CD  . LYS A 1 18  ? -23.650 -11.887 -1.682  1.00 33.28 ? 1082 LYS A CD  1 
ATOM   19   C  CE  . LYS A 1 18  ? -22.834 -12.503 -2.805  1.00 34.77 ? 1082 LYS A CE  1 
ATOM   20   N  NZ  . LYS A 1 18  ? -23.164 -13.941 -3.013  1.00 35.88 ? 1082 LYS A NZ  1 
ATOM   21   N  N   . LYS A 1 19  ? -21.683 -6.899  -3.491  1.00 23.76 ? 1083 LYS A N   1 
ATOM   22   C  CA  . LYS A 1 19  ? -21.654 -6.026  -4.668  1.00 21.95 ? 1083 LYS A CA  1 
ATOM   23   C  C   . LYS A 1 19  ? -20.508 -6.466  -5.576  1.00 21.86 ? 1083 LYS A C   1 
ATOM   24   O  O   . LYS A 1 19  ? -19.395 -6.725  -5.093  1.00 21.99 ? 1083 LYS A O   1 
ATOM   25   C  CB  . LYS A 1 19  ? -21.490 -4.548  -4.274  1.00 21.86 ? 1083 LYS A CB  1 
ATOM   26   C  CG  . LYS A 1 19  ? -21.708 -3.569  -5.423  1.00 21.61 ? 1083 LYS A CG  1 
ATOM   27   C  CD  . LYS A 1 19  ? -21.763 -2.122  -4.960  1.00 21.95 ? 1083 LYS A CD  1 
ATOM   28   C  CE  . LYS A 1 19  ? -21.787 -1.169  -6.146  1.00 22.60 ? 1083 LYS A CE  1 
ATOM   29   N  NZ  . LYS A 1 19  ? -22.096 0.229   -5.737  1.00 23.39 ? 1083 LYS A NZ  1 
ATOM   30   N  N   . ILE A 1 20  ? -20.794 -6.571  -6.875  1.00 20.56 ? 1084 ILE A N   1 
ATOM   31   C  CA  . ILE A 1 20  ? -19.807 -6.920  -7.907  1.00 20.92 ? 1084 ILE A CA  1 
ATOM   32   C  C   . ILE A 1 20  ? -19.342 -5.634  -8.597  1.00 19.93 ? 1084 ILE A C   1 
ATOM   33   O  O   . ILE A 1 20  ? -20.143 -4.728  -8.848  1.00 18.03 ? 1084 ILE A O   1 
ATOM   34   C  CB  . ILE A 1 20  ? -20.400 -7.873  -8.982  1.00 22.23 ? 1084 ILE A CB  1 
ATOM   35   C  CG1 . ILE A 1 20  ? -20.905 -9.183  -8.363  1.00 23.75 ? 1084 ILE A CG1 1 
ATOM   36   C  CG2 . ILE A 1 20  ? -19.361 -8.218  -10.045 1.00 22.42 ? 1084 ILE A CG2 1 
ATOM   37   C  CD1 . ILE A 1 20  ? -21.966 -9.873  -9.197  1.00 24.19 ? 1084 ILE A CD1 1 
ATOM   38   N  N   . PHE A 1 21  ? -18.045 -5.566  -8.904  1.00 19.82 ? 1085 PHE A N   1 
ATOM   39   C  CA  . PHE A 1 21  ? -17.451 -4.449  -9.650  1.00 20.23 ? 1085 PHE A CA  1 
ATOM   40   C  C   . PHE A 1 21  ? -16.742 -4.933  -10.907 1.00 20.83 ? 1085 PHE A C   1 
ATOM   41   O  O   . PHE A 1 21  ? -16.135 -6.005  -10.910 1.00 22.11 ? 1085 PHE A O   1 
ATOM   42   C  CB  . PHE A 1 21  ? -16.436 -3.712  -8.780  1.00 20.48 ? 1085 PHE A CB  1 
ATOM   43   C  CG  . PHE A 1 21  ? -17.030 -3.092  -7.548  1.00 20.09 ? 1085 PHE A CG  1 
ATOM   44   C  CD1 . PHE A 1 21  ? -17.176 -3.832  -6.382  1.00 20.32 ? 1085 PHE A CD1 1 
ATOM   45   C  CD2 . PHE A 1 21  ? -17.469 -1.775  -7.565  1.00 20.61 ? 1085 PHE A CD2 1 
ATOM   46   C  CE1 . PHE A 1 21  ? -17.733 -3.265  -5.245  1.00 20.50 ? 1085 PHE A CE1 1 
ATOM   47   C  CE2 . PHE A 1 21  ? -18.029 -1.202  -6.430  1.00 20.57 ? 1085 PHE A CE2 1 
ATOM   48   C  CZ  . PHE A 1 21  ? -18.150 -1.946  -5.271  1.00 19.86 ? 1085 PHE A CZ  1 
ATOM   49   N  N   . LYS A 1 22  ? -16.817 -4.128  -11.964 1.00 22.70 ? 1086 LYS A N   1 
ATOM   50   C  CA  . LYS A 1 22  ? -16.032 -4.344  -13.180 1.00 24.18 ? 1086 LYS A CA  1 
ATOM   51   C  C   . LYS A 1 22  ? -14.597 -3.938  -12.857 1.00 24.36 ? 1086 LYS A C   1 
ATOM   52   O  O   . LYS A 1 22  ? -14.393 -2.831  -12.357 1.00 24.03 ? 1086 LYS A O   1 
ATOM   53   C  CB  . LYS A 1 22  ? -16.576 -3.483  -14.321 1.00 25.52 ? 1086 LYS A CB  1 
ATOM   54   C  CG  . LYS A 1 22  ? -15.784 -3.556  -15.619 1.00 27.20 ? 1086 LYS A CG  1 
ATOM   55   C  CD  . LYS A 1 22  ? -16.535 -2.941  -16.795 1.00 27.78 ? 1086 LYS A CD  1 
ATOM   56   C  CE  . LYS A 1 22  ? -16.861 -1.471  -16.571 1.00 28.79 ? 1086 LYS A CE  1 
ATOM   57   N  NZ  . LYS A 1 22  ? -17.478 -0.859  -17.772 1.00 29.21 ? 1086 LYS A NZ  1 
ATOM   58   N  N   . PRO A 1 23  ? -13.607 -4.825  -13.114 1.00 24.69 ? 1087 PRO A N   1 
ATOM   59   C  CA  . PRO A 1 23  ? -12.220 -4.479  -12.780 1.00 24.45 ? 1087 PRO A CA  1 
ATOM   60   C  C   . PRO A 1 23  ? -11.734 -3.134  -13.342 1.00 24.22 ? 1087 PRO A C   1 
ATOM   61   O  O   . PRO A 1 23  ? -11.018 -2.413  -12.643 1.00 22.52 ? 1087 PRO A O   1 
ATOM   62   C  CB  . PRO A 1 23  ? -11.417 -5.639  -13.374 1.00 25.16 ? 1087 PRO A CB  1 
ATOM   63   C  CG  . PRO A 1 23  ? -12.353 -6.794  -13.326 1.00 25.61 ? 1087 PRO A CG  1 
ATOM   64   C  CD  . PRO A 1 23  ? -13.707 -6.216  -13.607 1.00 25.06 ? 1087 PRO A CD  1 
ATOM   65   N  N   . GLU A 1 24  ? -12.125 -2.806  -14.572 1.00 25.55 ? 1088 GLU A N   1 
ATOM   66   C  CA  . GLU A 1 24  ? -11.757 -1.526  -15.196 1.00 27.24 ? 1088 GLU A CA  1 
ATOM   67   C  C   . GLU A 1 24  ? -12.351 -0.318  -14.465 1.00 26.68 ? 1088 GLU A C   1 
ATOM   68   O  O   . GLU A 1 24  ? -11.706 0.726   -14.360 1.00 25.59 ? 1088 GLU A O   1 
ATOM   69   C  CB  . GLU A 1 24  ? -12.152 -1.511  -16.685 1.00 29.36 ? 1088 GLU A CB  1 
ATOM   70   C  CG  . GLU A 1 24  ? -11.932 -0.192  -17.434 1.00 31.57 ? 1088 GLU A CG  1 
ATOM   71   C  CD  . GLU A 1 24  ? -10.508 0.337   -17.363 1.00 33.40 ? 1088 GLU A CD  1 
ATOM   72   O  OE1 . GLU A 1 24  ? -9.562  -0.464  -17.201 1.00 35.70 ? 1088 GLU A OE1 1 
ATOM   73   O  OE2 . GLU A 1 24  ? -10.335 1.568   -17.483 1.00 35.00 ? 1088 GLU A OE2 1 
ATOM   74   N  N   . GLU A 1 25  ? -13.575 -0.451  -13.965 1.00 26.15 ? 1089 GLU A N   1 
ATOM   75   C  CA  . GLU A 1 25  ? -14.189 0.624   -13.174 1.00 26.39 ? 1089 GLU A CA  1 
ATOM   76   C  C   . GLU A 1 25  ? -13.478 0.814   -11.826 1.00 24.69 ? 1089 GLU A C   1 
ATOM   77   O  O   . GLU A 1 25  ? -13.286 1.953   -11.374 1.00 23.35 ? 1089 GLU A O   1 
ATOM   78   C  CB  . GLU A 1 25  ? -15.685 0.360   -12.977 1.00 29.17 ? 1089 GLU A CB  1 
ATOM   79   C  CG  . GLU A 1 25  ? -16.498 1.611   -12.680 1.00 31.48 ? 1089 GLU A CG  1 
ATOM   80   C  CD  . GLU A 1 25  ? -17.980 1.426   -12.960 1.00 34.27 ? 1089 GLU A CD  1 
ATOM   81   O  OE1 . GLU A 1 25  ? -18.790 1.624   -12.028 1.00 37.62 ? 1089 GLU A OE1 1 
ATOM   82   O  OE2 . GLU A 1 25  ? -18.335 1.074   -14.108 1.00 36.68 ? 1089 GLU A OE2 1 
ATOM   83   N  N   . LEU A 1 26  ? -13.070 -0.292  -11.200 1.00 23.48 ? 1090 LEU A N   1 
ATOM   84   C  CA  . LEU A 1 26  ? -12.244 -0.229  -9.985  1.00 22.81 ? 1090 LEU A CA  1 
ATOM   85   C  C   . LEU A 1 26  ? -10.904 0.423   -10.239 1.00 21.91 ? 1090 LEU A C   1 
ATOM   86   O  O   . LEU A 1 26  ? -10.412 1.185   -9.403  1.00 22.08 ? 1090 LEU A O   1 
ATOM   87   C  CB  . LEU A 1 26  ? -11.985 -1.612  -9.380  1.00 23.39 ? 1090 LEU A CB  1 
ATOM   88   C  CG  . LEU A 1 26  ? -13.011 -2.159  -8.401  1.00 23.46 ? 1090 LEU A CG  1 
ATOM   89   C  CD1 . LEU A 1 26  ? -12.537 -3.517  -7.919  1.00 23.18 ? 1090 LEU A CD1 1 
ATOM   90   C  CD2 . LEU A 1 26  ? -13.236 -1.207  -7.230  1.00 23.79 ? 1090 LEU A CD2 1 
ATOM   91   N  N   . ARG A 1 27  ? -10.302 0.101   -11.379 1.00 21.57 ? 1091 ARG A N   1 
ATOM   92   C  CA  . ARG A 1 27  ? -9.003  0.653   -11.721 1.00 21.09 ? 1091 ARG A CA  1 
ATOM   93   C  C   . ARG A 1 27  ? -9.113  2.177   -11.817 1.00 20.26 ? 1091 ARG A C   1 
ATOM   94   O  O   . ARG A 1 27  ? -8.345  2.900   -11.183 1.00 19.02 ? 1091 ARG A O   1 
ATOM   95   C  CB  . ARG A 1 27  ? -8.481  0.044   -13.028 1.00 22.35 ? 1091 ARG A CB  1 
ATOM   96   C  CG  . ARG A 1 27  ? -7.063  0.451   -13.390 1.00 24.09 ? 1091 ARG A CG  1 
ATOM   97   C  CD  . ARG A 1 27  ? -6.621  -0.185  -14.700 1.00 25.07 ? 1091 ARG A CD  1 
ATOM   98   N  NE  . ARG A 1 27  ? -5.407  0.447   -15.208 1.00 27.39 ? 1091 ARG A NE  1 
ATOM   99   N  N   . GLN A 1 28  ? -10.101 2.658   -12.567 1.00 19.54 ? 1092 GLN A N   1 
ATOM   100  C  CA  . GLN A 1 28  ? -10.292 4.105   -12.728 1.00 18.88 ? 1092 GLN A CA  1 
ATOM   101  C  C   . GLN A 1 28  ? -10.593 4.809   -11.396 1.00 18.37 ? 1092 GLN A C   1 
ATOM   102  O  O   . GLN A 1 28  ? -10.104 5.916   -11.153 1.00 18.33 ? 1092 GLN A O   1 
ATOM   103  C  CB  . GLN A 1 28  ? -11.400 4.407   -13.752 1.00 20.43 ? 1092 GLN A CB  1 
ATOM   104  C  CG  . GLN A 1 28  ? -11.103 3.951   -15.174 1.00 21.28 ? 1092 GLN A CG  1 
ATOM   105  C  CD  . GLN A 1 28  ? -9.925  4.661   -15.820 1.00 22.96 ? 1092 GLN A CD  1 
ATOM   106  N  N   . ALA A 1 29  ? -11.376 4.169   -10.530 1.00 16.84 ? 1093 ALA A N   1 
ATOM   107  C  CA  . ALA A 1 29  ? -11.734 4.752   -9.236  1.00 16.47 ? 1093 ALA A CA  1 
ATOM   108  C  C   . ALA A 1 29  ? -10.559 4.759   -8.261  1.00 16.09 ? 1093 ALA A C   1 
ATOM   109  O  O   . ALA A 1 29  ? -10.350 5.746   -7.551  1.00 17.04 ? 1093 ALA A O   1 
ATOM   110  C  CB  . ALA A 1 29  ? -12.907 4.005   -8.617  1.00 16.83 ? 1093 ALA A CB  1 
ATOM   111  N  N   . LEU A 1 30  ? -9.817  3.654   -8.219  1.00 15.26 ? 1094 LEU A N   1 
ATOM   112  C  CA  . LEU A 1 30  ? -8.779  3.469   -7.196  1.00 15.24 ? 1094 LEU A CA  1 
ATOM   113  C  C   . LEU A 1 30  ? -7.406  4.005   -7.592  1.00 15.87 ? 1094 LEU A C   1 
ATOM   114  O  O   . LEU A 1 30  ? -6.642  4.395   -6.700  1.00 14.98 ? 1094 LEU A O   1 
ATOM   115  C  CB  . LEU A 1 30  ? -8.668  1.997   -6.804  1.00 15.45 ? 1094 LEU A CB  1 
ATOM   116  C  CG  . LEU A 1 30  ? -9.940  1.398   -6.208  1.00 15.42 ? 1094 LEU A CG  1 
ATOM   117  C  CD1 . LEU A 1 30  ? -9.762  -0.105  -6.069  1.00 15.75 ? 1094 LEU A CD1 1 
ATOM   118  C  CD2 . LEU A 1 30  ? -10.331 2.021   -4.879  1.00 15.39 ? 1094 LEU A CD2 1 
ATOM   119  N  N   . MET A 1 31  ? -7.091  4.031   -8.888  1.00 16.14 ? 1095 MET A N   1 
ATOM   120  C  CA  . MET A 1 31  ? -5.738  4.438   -9.330  1.00 17.85 ? 1095 MET A CA  1 
ATOM   121  C  C   . MET A 1 31  ? -5.330  5.833   -8.854  1.00 16.96 ? 1095 MET A C   1 
ATOM   122  O  O   . MET A 1 31  ? -4.176  6.009   -8.465  1.00 16.11 ? 1095 MET A O   1 
ATOM   123  C  CB  . MET A 1 31  ? -5.537  4.315   -10.850 1.00 20.22 ? 1095 MET A CB  1 
ATOM   124  C  CG  . MET A 1 31  ? -4.071  4.440   -11.291 1.00 22.32 ? 1095 MET A CG  1 
ATOM   125  S  SD  . MET A 1 31  ? -2.963  3.205   -10.561 1.00 26.74 ? 1095 MET A SD  1 
ATOM   126  C  CE  . MET A 1 31  ? -3.331  1.783   -11.584 1.00 26.66 ? 1095 MET A CE  1 
ATOM   127  N  N   . PRO A 1 32  ? -6.252  6.817   -8.852  1.00 16.11 ? 1096 PRO A N   1 
ATOM   128  C  CA  . PRO A 1 32  ? -5.836  8.124   -8.300  1.00 15.39 ? 1096 PRO A CA  1 
ATOM   129  C  C   . PRO A 1 32  ? -5.378  8.080   -6.841  1.00 14.56 ? 1096 PRO A C   1 
ATOM   130  O  O   . PRO A 1 32  ? -4.535  8.891   -6.445  1.00 14.50 ? 1096 PRO A O   1 
ATOM   131  C  CB  . PRO A 1 32  ? -7.097  8.993   -8.434  1.00 15.91 ? 1096 PRO A CB  1 
ATOM   132  C  CG  . PRO A 1 32  ? -7.841  8.371   -9.554  1.00 16.20 ? 1096 PRO A CG  1 
ATOM   133  C  CD  . PRO A 1 32  ? -7.598  6.894   -9.455  1.00 16.22 ? 1096 PRO A CD  1 
ATOM   134  N  N   . THR A 1 33  ? -5.931  7.159   -6.042  1.00 13.24 ? 1097 THR A N   1 
ATOM   135  C  CA  . THR A 1 33  ? -5.534  7.026   -4.635  1.00 12.79 ? 1097 THR A CA  1 
ATOM   136  C  C   . THR A 1 33  ? -4.123  6.453   -4.530  1.00 13.08 ? 1097 THR A C   1 
ATOM   137  O  O   . THR A 1 33  ? -3.368  6.797   -3.602  1.00 13.28 ? 1097 THR A O   1 
ATOM   138  C  CB  . THR A 1 33  ? -6.524  6.192   -3.783  1.00 12.76 ? 1097 THR A CB  1 
ATOM   139  O  OG1 . THR A 1 33  ? -6.472  4.791   -4.141  1.00 11.94 ? 1097 THR A OG1 1 
ATOM   140  C  CG2 . THR A 1 33  ? -7.959  6.725   -3.918  1.00 12.74 ? 1097 THR A CG2 1 
ATOM   141  N  N   . LEU A 1 34  ? -3.771  5.588   -5.480  1.00 13.09 ? 1098 LEU A N   1 
ATOM   142  C  CA  . LEU A 1 34  ? -2.439  5.000   -5.550  1.00 13.78 ? 1098 LEU A CA  1 
ATOM   143  C  C   . LEU A 1 34  ? -1.430  6.028   -6.035  1.00 13.96 ? 1098 LEU A C   1 
ATOM   144  O  O   . LEU A 1 34  ? -0.345  6.173   -5.441  1.00 14.46 ? 1098 LEU A O   1 
ATOM   145  C  CB  . LEU A 1 34  ? -2.439  3.770   -6.469  1.00 14.37 ? 1098 LEU A CB  1 
ATOM   146  C  CG  . LEU A 1 34  ? -1.145  2.939   -6.481  1.00 15.67 ? 1098 LEU A CG  1 
ATOM   147  C  CD1 . LEU A 1 34  ? -0.803  2.449   -5.086  1.00 15.75 ? 1098 LEU A CD1 1 
ATOM   148  C  CD2 . LEU A 1 34  ? -1.269  1.776   -7.452  1.00 16.29 ? 1098 LEU A CD2 1 
ATOM   149  N  N   . GLU A 1 35  ? -1.805  6.758   -7.081  1.00 13.84 ? 1099 GLU A N   1 
ATOM   150  C  CA  . GLU A 1 35  ? -0.968  7.839   -7.600  1.00 14.13 ? 1099 GLU A CA  1 
ATOM   151  C  C   . GLU A 1 35  ? -0.680  8.889   -6.518  1.00 13.73 ? 1099 GLU A C   1 
ATOM   152  O  O   . GLU A 1 35  ? 0.435   9.409   -6.454  1.00 13.17 ? 1099 GLU A O   1 
ATOM   153  C  CB  . GLU A 1 35  ? -1.604  8.492   -8.835  1.00 14.69 ? 1099 GLU A CB  1 
ATOM   154  C  CG  . GLU A 1 35  ? -0.630  9.325   -9.650  1.00 15.96 ? 1099 GLU A CG  1 
ATOM   155  N  N   . ALA A 1 36  ? -1.665  9.167   -5.657  1.00 13.34 ? 1100 ALA A N   1 
ATOM   156  C  CA  . ALA A 1 36  ? -1.486  10.095  -4.532  1.00 13.26 ? 1100 ALA A CA  1 
ATOM   157  C  C   . ALA A 1 36  ? -0.346  9.667   -3.611  1.00 13.20 ? 1100 ALA A C   1 
ATOM   158  O  O   . ALA A 1 36  ? 0.398   10.512  -3.128  1.00 13.84 ? 1100 ALA A O   1 
ATOM   159  C  CB  . ALA A 1 36  ? -2.775  10.236  -3.741  1.00 13.51 ? 1100 ALA A CB  1 
ATOM   160  N  N   . LEU A 1 37  ? -0.211  8.363   -3.372  1.00 12.47 ? 1101 LEU A N   1 
ATOM   161  C  CA  . LEU A 1 37  ? 0.865   7.847   -2.536  1.00 12.63 ? 1101 LEU A CA  1 
ATOM   162  C  C   . LEU A 1 37  ? 2.214   7.992   -3.222  1.00 12.41 ? 1101 LEU A C   1 
ATOM   163  O  O   . LEU A 1 37  ? 3.157   8.482   -2.606  1.00 12.64 ? 1101 LEU A O   1 
ATOM   164  C  CB  . LEU A 1 37  ? 0.608   6.383   -2.158  1.00 12.66 ? 1101 LEU A CB  1 
ATOM   165  C  CG  . LEU A 1 37  ? -0.659  6.142   -1.335  1.00 13.12 ? 1101 LEU A CG  1 
ATOM   166  C  CD1 . LEU A 1 37  ? -0.721  4.677   -0.954  1.00 13.48 ? 1101 LEU A CD1 1 
ATOM   167  C  CD2 . LEU A 1 37  ? -0.747  7.024   -0.099  1.00 13.29 ? 1101 LEU A CD2 1 
ATOM   168  N  N   . TYR A 1 38  ? 2.297   7.592   -4.487  1.00 12.92 ? 1102 TYR A N   1 
ATOM   169  C  CA  . TYR A 1 38  ? 3.519   7.768   -5.293  1.00 13.49 ? 1102 TYR A CA  1 
ATOM   170  C  C   . TYR A 1 38  ? 3.981   9.236   -5.341  1.00 14.04 ? 1102 TYR A C   1 
ATOM   171  O  O   . TYR A 1 38  ? 5.189   9.512   -5.347  1.00 14.22 ? 1102 TYR A O   1 
ATOM   172  C  CB  . TYR A 1 38  ? 3.312   7.278   -6.727  1.00 13.72 ? 1102 TYR A CB  1 
ATOM   173  C  CG  . TYR A 1 38  ? 3.556   5.806   -6.963  1.00 14.08 ? 1102 TYR A CG  1 
ATOM   174  C  CD1 . TYR A 1 38  ? 4.843   5.323   -7.184  1.00 14.07 ? 1102 TYR A CD1 1 
ATOM   175  C  CD2 . TYR A 1 38  ? 2.497   4.900   -7.036  1.00 14.24 ? 1102 TYR A CD2 1 
ATOM   176  C  CE1 . TYR A 1 38  ? 5.076   3.977   -7.438  1.00 14.12 ? 1102 TYR A CE1 1 
ATOM   177  C  CE2 . TYR A 1 38  ? 2.721   3.549   -7.301  1.00 14.22 ? 1102 TYR A CE2 1 
ATOM   178  C  CZ  . TYR A 1 38  ? 4.007   3.095   -7.499  1.00 14.16 ? 1102 TYR A CZ  1 
ATOM   179  O  OH  . TYR A 1 38  ? 4.241   1.770   -7.770  1.00 14.63 ? 1102 TYR A OH  1 
ATOM   180  N  N   . ARG A 1 39  ? 3.031   10.167  -5.352  1.00 14.95 ? 1103 ARG A N   1 
ATOM   181  C  CA  . ARG A 1 39  ? 3.369   11.599  -5.431  1.00 15.98 ? 1103 ARG A CA  1 
ATOM   182  C  C   . ARG A 1 39  ? 3.968   12.168  -4.139  1.00 15.30 ? 1103 ARG A C   1 
ATOM   183  O  O   . ARG A 1 39  ? 4.529   13.267  -4.167  1.00 15.11 ? 1103 ARG A O   1 
ATOM   184  C  CB  . ARG A 1 39  ? 2.151   12.416  -5.881  1.00 17.92 ? 1103 ARG A CB  1 
ATOM   185  C  CG  . ARG A 1 39  ? 1.822   12.191  -7.352  1.00 20.54 ? 1103 ARG A CG  1 
ATOM   186  C  CD  . ARG A 1 39  ? 0.402   12.604  -7.701  1.00 23.87 ? 1103 ARG A CD  1 
ATOM   187  N  NE  . ARG A 1 39  ? 0.187   14.049  -7.646  1.00 26.55 ? 1103 ARG A NE  1 
ATOM   188  C  CZ  . ARG A 1 39  ? 0.580   14.933  -8.571  1.00 28.92 ? 1103 ARG A CZ  1 
ATOM   189  N  NH1 . ARG A 1 39  ? 1.256   14.555  -9.662  1.00 30.07 ? 1103 ARG A NH1 1 
ATOM   190  N  NH2 . ARG A 1 39  ? 0.301   16.224  -8.397  1.00 30.45 ? 1103 ARG A NH2 1 
ATOM   191  N  N   . GLN A 1 40  ? 3.874   11.447  -3.020  1.00 14.29 ? 1104 GLN A N   1 
ATOM   192  C  CA  . GLN A 1 40  ? 4.497   11.889  -1.766  1.00 14.49 ? 1104 GLN A CA  1 
ATOM   193  C  C   . GLN A 1 40  ? 5.998   11.628  -1.838  1.00 14.92 ? 1104 GLN A C   1 
ATOM   194  O  O   . GLN A 1 40  ? 6.433   10.482  -1.955  1.00 14.10 ? 1104 GLN A O   1 
ATOM   195  C  CB  . GLN A 1 40  ? 3.921   11.159  -0.547  1.00 15.12 ? 1104 GLN A CB  1 
ATOM   196  C  CG  . GLN A 1 40  ? 2.409   11.172  -0.447  1.00 15.45 ? 1104 GLN A CG  1 
ATOM   197  C  CD  . GLN A 1 40  ? 1.820   12.565  -0.519  1.00 16.48 ? 1104 GLN A CD  1 
ATOM   198  O  OE1 . GLN A 1 40  ? 2.170   13.434  0.281   1.00 16.67 ? 1104 GLN A OE1 1 
ATOM   199  N  NE2 . GLN A 1 40  ? 0.906   12.783  -1.464  1.00 17.71 ? 1104 GLN A NE2 1 
ATOM   200  N  N   . ASP A 1 41  ? 6.782   12.698  -1.796  1.00 15.32 ? 1105 ASP A N   1 
ATOM   201  C  CA  . ASP A 1 41  ? 8.232   12.595  -1.935  1.00 17.01 ? 1105 ASP A CA  1 
ATOM   202  C  C   . ASP A 1 41  ? 8.796   13.499  -0.849  1.00 16.29 ? 1105 ASP A C   1 
ATOM   203  O  O   . ASP A 1 41  ? 8.509   14.696  -0.866  1.00 15.79 ? 1105 ASP A O   1 
ATOM   204  C  CB  . ASP A 1 41  ? 8.644   13.063  -3.332  1.00 18.51 ? 1105 ASP A CB  1 
ATOM   205  C  CG  . ASP A 1 41  ? 10.118  12.849  -3.621  1.00 20.47 ? 1105 ASP A CG  1 
ATOM   206  O  OD1 . ASP A 1 41  ? 10.935  12.926  -2.688  1.00 20.78 ? 1105 ASP A OD1 1 
ATOM   207  O  OD2 . ASP A 1 41  ? 10.460  12.618  -4.797  1.00 23.47 ? 1105 ASP A OD2 1 
ATOM   208  N  N   . PRO A 1 42  ? 9.593   12.976  0.091   1.00 15.59 ? 1106 PRO A N   1 
ATOM   209  C  CA  . PRO A 1 42  ? 10.272  11.669  0.030   1.00 15.37 ? 1106 PRO A CA  1 
ATOM   210  C  C   . PRO A 1 42  ? 9.498   10.460  0.549   1.00 14.60 ? 1106 PRO A C   1 
ATOM   211  O  O   . PRO A 1 42  ? 10.026  9.347   0.490   1.00 15.18 ? 1106 PRO A O   1 
ATOM   212  C  CB  . PRO A 1 42  ? 11.471  11.908  0.952   1.00 15.62 ? 1106 PRO A CB  1 
ATOM   213  C  CG  . PRO A 1 42  ? 10.901  12.776  2.018   1.00 15.78 ? 1106 PRO A CG  1 
ATOM   214  C  CD  . PRO A 1 42  ? 10.043  13.760  1.256   1.00 15.84 ? 1106 PRO A CD  1 
ATOM   215  N  N   . GLU A 1 43  ? 8.267   10.654  1.015   1.00 13.58 ? 1107 GLU A N   1 
ATOM   216  C  CA  . GLU A 1 43  ? 7.647   9.664   1.918   1.00 13.63 ? 1107 GLU A CA  1 
ATOM   217  C  C   . GLU A 1 43  ? 7.367   8.307   1.253   1.00 13.11 ? 1107 GLU A C   1 
ATOM   218  O  O   . GLU A 1 43  ? 7.389   7.274   1.928   1.00 12.60 ? 1107 GLU A O   1 
ATOM   219  C  CB  . GLU A 1 43  ? 6.386   10.224  2.586   1.00 14.14 ? 1107 GLU A CB  1 
ATOM   220  C  CG  . GLU A 1 43  ? 6.665   11.290  3.657   1.00 15.09 ? 1107 GLU A CG  1 
ATOM   221  C  CD  . GLU A 1 43  ? 6.902   12.689  3.101   1.00 15.69 ? 1107 GLU A CD  1 
ATOM   222  O  OE1 . GLU A 1 43  ? 6.884   12.888  1.863   1.00 15.17 ? 1107 GLU A OE1 1 
ATOM   223  O  OE2 . GLU A 1 43  ? 7.135   13.588  3.939   1.00 17.53 ? 1107 GLU A OE2 1 
ATOM   224  N  N   . SER A 1 44  ? 7.112   8.308   -0.053  1.00 12.74 ? 1108 SER A N   1 
ATOM   225  C  CA  . SER A 1 44  ? 6.850   7.054   -0.780  1.00 12.71 ? 1108 SER A CA  1 
ATOM   226  C  C   . SER A 1 44  ? 8.094   6.282   -1.158  1.00 12.56 ? 1108 SER A C   1 
ATOM   227  O  O   . SER A 1 44  ? 7.989   5.125   -1.549  1.00 11.55 ? 1108 SER A O   1 
ATOM   228  C  CB  . SER A 1 44  ? 6.041   7.304   -2.059  1.00 12.82 ? 1108 SER A CB  1 
ATOM   229  O  OG  . SER A 1 44  ? 6.801   7.910   -3.098  1.00 13.31 ? 1108 SER A OG  1 
ATOM   230  N  N   . LEU A 1 45  ? 9.278   6.900   -1.080  1.00 12.32 ? 1109 LEU A N   1 
ATOM   231  C  CA  . LEU A 1 45  ? 10.462  6.271   -1.667  1.00 12.46 ? 1109 LEU A CA  1 
ATOM   232  C  C   . LEU A 1 45  ? 10.796  4.887   -1.074  1.00 12.05 ? 1109 LEU A C   1 
ATOM   233  O  O   . LEU A 1 45  ? 11.114  3.979   -1.833  1.00 12.23 ? 1109 LEU A O   1 
ATOM   234  C  CB  . LEU A 1 45  ? 11.671  7.220   -1.625  1.00 13.09 ? 1109 LEU A CB  1 
ATOM   235  C  CG  . LEU A 1 45  ? 11.497  8.518   -2.417  1.00 13.96 ? 1109 LEU A CG  1 
ATOM   236  C  CD1 . LEU A 1 45  ? 12.726  9.399   -2.174  1.00 14.27 ? 1109 LEU A CD1 1 
ATOM   237  C  CD2 . LEU A 1 45  ? 11.297  8.274   -3.893  1.00 14.78 ? 1109 LEU A CD2 1 
ATOM   238  N  N   . PRO A 1 46  ? 10.661  4.705   0.260   1.00 11.49 ? 1110 PRO A N   1 
ATOM   239  C  CA  . PRO A 1 46  ? 10.876  3.354   0.804   1.00 11.18 ? 1110 PRO A CA  1 
ATOM   240  C  C   . PRO A 1 46  ? 9.874   2.281   0.358   1.00 11.16 ? 1110 PRO A C   1 
ATOM   241  O  O   . PRO A 1 46  ? 10.154  1.097   0.550   1.00 11.11 ? 1110 PRO A O   1 
ATOM   242  C  CB  . PRO A 1 46  ? 10.765  3.556   2.305   1.00 11.33 ? 1110 PRO A CB  1 
ATOM   243  C  CG  . PRO A 1 46  ? 11.106  4.999   2.522   1.00 11.50 ? 1110 PRO A CG  1 
ATOM   244  C  CD  . PRO A 1 46  ? 10.511  5.695   1.343   1.00 11.32 ? 1110 PRO A CD  1 
ATOM   245  N  N   . PHE A 1 47  ? 8.751   2.696   -0.228  1.00 10.95 ? 1111 PHE A N   1 
ATOM   246  C  CA  . PHE A 1 47  ? 7.630   1.800   -0.538  1.00 11.37 ? 1111 PHE A CA  1 
ATOM   247  C  C   . PHE A 1 47  ? 7.427   1.504   -2.021  1.00 12.57 ? 1111 PHE A C   1 
ATOM   248  O  O   . PHE A 1 47  ? 6.484   0.784   -2.377  1.00 12.19 ? 1111 PHE A O   1 
ATOM   249  C  CB  . PHE A 1 47  ? 6.356   2.423   0.036   1.00 11.29 ? 1111 PHE A CB  1 
ATOM   250  C  CG  . PHE A 1 47  ? 6.444   2.683   1.507   1.00 11.04 ? 1111 PHE A CG  1 
ATOM   251  C  CD1 . PHE A 1 47  ? 6.106   1.698   2.408   1.00 10.97 ? 1111 PHE A CD1 1 
ATOM   252  C  CD2 . PHE A 1 47  ? 6.909   3.896   1.995   1.00 11.17 ? 1111 PHE A CD2 1 
ATOM   253  C  CE1 . PHE A 1 47  ? 6.187   1.913   3.769   1.00 11.06 ? 1111 PHE A CE1 1 
ATOM   254  C  CE2 . PHE A 1 47  ? 7.008   4.117   3.356   1.00 11.26 ? 1111 PHE A CE2 1 
ATOM   255  C  CZ  . PHE A 1 47  ? 6.653   3.127   4.248   1.00 11.21 ? 1111 PHE A CZ  1 
ATOM   256  N  N   . ARG A 1 48  ? 8.277   2.044   -2.893  1.00 13.09 ? 1112 ARG A N   1 
ATOM   257  C  CA  . ARG A 1 48  ? 8.082   1.905   -4.329  1.00 14.48 ? 1112 ARG A CA  1 
ATOM   258  C  C   . ARG A 1 48  ? 8.474   0.539   -4.889  1.00 15.34 ? 1112 ARG A C   1 
ATOM   259  O  O   . ARG A 1 48  ? 7.991   0.167   -5.952  1.00 16.68 ? 1112 ARG A O   1 
ATOM   260  C  CB  . ARG A 1 48  ? 8.791   3.027   -5.085  1.00 15.20 ? 1112 ARG A CB  1 
ATOM   261  C  CG  . ARG A 1 48  ? 8.109   4.367   -4.903  1.00 15.61 ? 1112 ARG A CG  1 
ATOM   262  C  CD  . ARG A 1 48  ? 8.854   5.471   -5.620  1.00 16.92 ? 1112 ARG A CD  1 
ATOM   263  N  NE  . ARG A 1 48  ? 8.180   6.757   -5.473  1.00 17.09 ? 1112 ARG A NE  1 
ATOM   264  C  CZ  . ARG A 1 48  ? 8.533   7.879   -6.104  1.00 18.25 ? 1112 ARG A CZ  1 
ATOM   265  N  NH1 . ARG A 1 48  ? 9.565   7.889   -6.949  1.00 19.34 ? 1112 ARG A NH1 1 
ATOM   266  N  NH2 . ARG A 1 48  ? 7.845   8.998   -5.903  1.00 18.52 ? 1112 ARG A NH2 1 
ATOM   267  N  N   . GLN A 1 49  ? 9.345   -0.197  -4.197  1.00 15.66 ? 1113 GLN A N   1 
ATOM   268  C  CA  . GLN A 1 49  ? 9.769   -1.517  -4.643  1.00 16.28 ? 1113 GLN A CA  1 
ATOM   269  C  C   . GLN A 1 49  ? 9.705   -2.495  -3.483  1.00 14.79 ? 1113 GLN A C   1 
ATOM   270  O  O   . GLN A 1 49  ? 9.759   -2.085  -2.328  1.00 14.12 ? 1113 GLN A O   1 
ATOM   271  C  CB  . GLN A 1 49  ? 11.189  -1.450  -5.204  1.00 18.27 ? 1113 GLN A CB  1 
ATOM   272  C  CG  . GLN A 1 49  ? 11.316  -0.632  -6.487  1.00 20.96 ? 1113 GLN A CG  1 
ATOM   273  C  CD  . GLN A 1 49  ? 10.613  -1.256  -7.691  1.00 23.31 ? 1113 GLN A CD  1 
ATOM   274  O  OE1 . GLN A 1 49  ? 10.116  -0.544  -8.561  1.00 27.80 ? 1113 GLN A OE1 1 
ATOM   275  N  NE2 . GLN A 1 49  ? 10.575  -2.584  -7.748  1.00 25.90 ? 1113 GLN A NE2 1 
ATOM   276  N  N   . PRO A 1 50  ? 9.596   -3.800  -3.772  1.00 13.93 ? 1114 PRO A N   1 
ATOM   277  C  CA  . PRO A 1 50  ? 9.610   -4.729  -2.651  1.00 13.88 ? 1114 PRO A CA  1 
ATOM   278  C  C   . PRO A 1 50  ? 10.884  -4.615  -1.819  1.00 13.47 ? 1114 PRO A C   1 
ATOM   279  O  O   . PRO A 1 50  ? 11.974  -4.462  -2.384  1.00 13.74 ? 1114 PRO A O   1 
ATOM   280  C  CB  . PRO A 1 50  ? 9.557   -6.104  -3.327  1.00 13.77 ? 1114 PRO A CB  1 
ATOM   281  C  CG  . PRO A 1 50  ? 8.970   -5.854  -4.661  1.00 14.05 ? 1114 PRO A CG  1 
ATOM   282  C  CD  . PRO A 1 50  ? 9.438   -4.492  -5.063  1.00 13.94 ? 1114 PRO A CD  1 
ATOM   283  N  N   . VAL A 1 51  ? 10.735  -4.693  -0.501  1.00 13.12 ? 1115 VAL A N   1 
ATOM   284  C  CA  . VAL A 1 51  ? 11.869  -4.783  0.412   1.00 13.41 ? 1115 VAL A CA  1 
ATOM   285  C  C   . VAL A 1 51  ? 12.727  -5.975  -0.011  1.00 14.16 ? 1115 VAL A C   1 
ATOM   286  O  O   . VAL A 1 51  ? 12.203  -7.078  -0.153  1.00 13.47 ? 1115 VAL A O   1 
ATOM   287  C  CB  . VAL A 1 51  ? 11.412  -4.966  1.875   1.00 13.67 ? 1115 VAL A CB  1 
ATOM   288  C  CG1 . VAL A 1 51  ? 12.602  -5.228  2.799   1.00 13.60 ? 1115 VAL A CG1 1 
ATOM   289  C  CG2 . VAL A 1 51  ? 10.597  -3.753  2.338   1.00 13.83 ? 1115 VAL A CG2 1 
ATOM   290  N  N   . ASP A 1 52  ? 14.025  -5.741  -0.230  1.00 14.56 ? 1116 ASP A N   1 
ATOM   291  C  CA  . ASP A 1 52  ? 14.992  -6.799  -0.550  1.00 15.80 ? 1116 ASP A CA  1 
ATOM   292  C  C   . ASP A 1 52  ? 15.904  -6.939  0.664   1.00 15.66 ? 1116 ASP A C   1 
ATOM   293  O  O   . ASP A 1 52  ? 16.840  -6.155  0.817   1.00 14.69 ? 1116 ASP A O   1 
ATOM   294  C  CB  . ASP A 1 52  ? 15.782  -6.414  -1.799  1.00 17.81 ? 1116 ASP A CB  1 
ATOM   295  C  CG  . ASP A 1 52  ? 16.852  -7.445  -2.185  1.00 19.25 ? 1116 ASP A CG  1 
ATOM   296  O  OD1 . ASP A 1 52  ? 17.264  -8.294  -1.359  1.00 20.38 ? 1116 ASP A OD1 1 
ATOM   297  O  OD2 . ASP A 1 52  ? 17.308  -7.371  -3.337  1.00 23.48 ? 1116 ASP A OD2 1 
ATOM   298  N  N   . PRO A 1 53  ? 15.626  -7.918  1.544   1.00 15.15 ? 1117 PRO A N   1 
ATOM   299  C  CA  . PRO A 1 53  ? 16.372  -7.954  2.805   1.00 15.98 ? 1117 PRO A CA  1 
ATOM   300  C  C   . PRO A 1 53  ? 17.884  -8.133  2.667   1.00 17.60 ? 1117 PRO A C   1 
ATOM   301  O  O   . PRO A 1 53  ? 18.636  -7.555  3.457   1.00 18.54 ? 1117 PRO A O   1 
ATOM   302  C  CB  . PRO A 1 53  ? 15.747  -9.134  3.551   1.00 16.07 ? 1117 PRO A CB  1 
ATOM   303  C  CG  . PRO A 1 53  ? 14.361  -9.211  3.006   1.00 15.60 ? 1117 PRO A CG  1 
ATOM   304  C  CD  . PRO A 1 53  ? 14.531  -8.914  1.553   1.00 15.32 ? 1117 PRO A CD  1 
ATOM   305  N  N   . GLN A 1 54  ? 18.312  -8.917  1.685   1.00 18.53 ? 1118 GLN A N   1 
ATOM   306  C  CA  . GLN A 1 54  ? 19.748  -9.134  1.465   1.00 20.28 ? 1118 GLN A CA  1 
ATOM   307  C  C   . GLN A 1 54  ? 20.420  -7.831  1.026   1.00 20.95 ? 1118 GLN A C   1 
ATOM   308  O  O   . GLN A 1 54  ? 21.429  -7.417  1.613   1.00 21.35 ? 1118 GLN A O   1 
ATOM   309  C  CB  . GLN A 1 54  ? 19.978  -10.246 0.436   1.00 21.05 ? 1118 GLN A CB  1 
ATOM   310  C  CG  . GLN A 1 54  ? 21.440  -10.657 0.288   1.00 21.85 ? 1118 GLN A CG  1 
ATOM   311  N  N   . LEU A 1 55  ? 19.849  -7.176  0.019   1.00 21.14 ? 1119 LEU A N   1 
ATOM   312  C  CA  . LEU A 1 55  ? 20.392  -5.911  -0.492  1.00 22.66 ? 1119 LEU A CA  1 
ATOM   313  C  C   . LEU A 1 55  ? 20.408  -4.799  0.565   1.00 22.00 ? 1119 LEU A C   1 
ATOM   314  O  O   . LEU A 1 55  ? 21.367  -4.016  0.635   1.00 22.13 ? 1119 LEU A O   1 
ATOM   315  C  CB  . LEU A 1 55  ? 19.615  -5.455  -1.731  1.00 24.55 ? 1119 LEU A CB  1 
ATOM   316  C  CG  . LEU A 1 55  ? 20.104  -4.257  -2.564  1.00 26.79 ? 1119 LEU A CG  1 
ATOM   317  C  CD1 . LEU A 1 55  ? 19.554  -2.924  -2.072  1.00 28.37 ? 1119 LEU A CD1 1 
ATOM   318  C  CD2 . LEU A 1 55  ? 21.624  -4.207  -2.684  1.00 27.22 ? 1119 LEU A CD2 1 
ATOM   319  N  N   . LEU A 1 56  ? 19.358  -4.738  1.382   1.00 21.03 ? 1120 LEU A N   1 
ATOM   320  C  CA  . LEU A 1 56  ? 19.229  -3.719  2.429   1.00 20.89 ? 1120 LEU A CA  1 
ATOM   321  C  C   . LEU A 1 56  ? 19.931  -4.064  3.749   1.00 21.41 ? 1120 LEU A C   1 
ATOM   322  O  O   . LEU A 1 56  ? 20.000  -3.221  4.651   1.00 21.90 ? 1120 LEU A O   1 
ATOM   323  C  CB  . LEU A 1 56  ? 17.746  -3.407  2.671   1.00 20.32 ? 1120 LEU A CB  1 
ATOM   324  C  CG  . LEU A 1 56  ? 16.990  -2.845  1.461   1.00 20.07 ? 1120 LEU A CG  1 
ATOM   325  C  CD1 . LEU A 1 56  ? 15.507  -2.746  1.785   1.00 19.59 ? 1120 LEU A CD1 1 
ATOM   326  C  CD2 . LEU A 1 56  ? 17.525  -1.489  1.015   1.00 20.47 ? 1120 LEU A CD2 1 
ATOM   327  N  N   . GLY A 1 57  ? 20.451  -5.285  3.867   1.00 21.45 ? 1121 GLY A N   1 
ATOM   328  C  CA  . GLY A 1 57  ? 21.161  -5.717  5.067   1.00 21.79 ? 1121 GLY A CA  1 
ATOM   329  C  C   . GLY A 1 57  ? 20.264  -5.826  6.283   1.00 21.82 ? 1121 GLY A C   1 
ATOM   330  O  O   . GLY A 1 57  ? 20.658  -5.450  7.394   1.00 22.42 ? 1121 GLY A O   1 
ATOM   331  N  N   . ILE A 1 58  ? 19.053  -6.343  6.069   1.00 20.94 ? 1122 ILE A N   1 
ATOM   332  C  CA  . ILE A 1 58  ? 18.078  -6.550  7.144   1.00 19.69 ? 1122 ILE A CA  1 
ATOM   333  C  C   . ILE A 1 58  ? 17.605  -8.009  7.077   1.00 20.10 ? 1122 ILE A C   1 
ATOM   334  O  O   . ILE A 1 58  ? 16.438  -8.279  6.791   1.00 18.18 ? 1122 ILE A O   1 
ATOM   335  C  CB  . ILE A 1 58  ? 16.914  -5.514  7.100   1.00 19.47 ? 1122 ILE A CB  1 
ATOM   336  C  CG1 . ILE A 1 58  ? 16.320  -5.353  5.696   1.00 18.84 ? 1122 ILE A CG1 1 
ATOM   337  C  CG2 . ILE A 1 58  ? 17.412  -4.158  7.588   1.00 19.54 ? 1122 ILE A CG2 1 
ATOM   338  C  CD1 . ILE A 1 58  ? 15.070  -4.484  5.634   1.00 18.50 ? 1122 ILE A CD1 1 
ATOM   339  N  N   . PRO A 1 59  ? 18.520  -8.963  7.360   1.00 20.20 ? 1123 PRO A N   1 
ATOM   340  C  CA  . PRO A 1 59  ? 18.220  -10.385 7.148   1.00 20.10 ? 1123 PRO A CA  1 
ATOM   341  C  C   . PRO A 1 59  ? 17.063  -10.986 7.956   1.00 19.58 ? 1123 PRO A C   1 
ATOM   342  O  O   . PRO A 1 59  ? 16.558  -12.026 7.556   1.00 19.19 ? 1123 PRO A O   1 
ATOM   343  C  CB  . PRO A 1 59  ? 19.548  -11.086 7.498   1.00 20.83 ? 1123 PRO A CB  1 
ATOM   344  C  CG  . PRO A 1 59  ? 20.254  -10.138 8.389   1.00 21.08 ? 1123 PRO A CG  1 
ATOM   345  C  CD  . PRO A 1 59  ? 19.898  -8.783  7.864   1.00 21.14 ? 1123 PRO A CD  1 
ATOM   346  N  N   . ASP A 1 60  ? 16.640  -10.341 9.047   1.00 18.34 ? 1124 ASP A N   1 
ATOM   347  C  CA  . ASP A 1 60  ? 15.462  -10.768 9.815   1.00 18.26 ? 1124 ASP A CA  1 
ATOM   348  C  C   . ASP A 1 60  ? 14.108  -10.305 9.239   1.00 15.60 ? 1124 ASP A C   1 
ATOM   349  O  O   . ASP A 1 60  ? 13.074  -10.648 9.797   1.00 15.26 ? 1124 ASP A O   1 
ATOM   350  C  CB  . ASP A 1 60  ? 15.574  -10.338 11.287  1.00 19.65 ? 1124 ASP A CB  1 
ATOM   351  C  CG  . ASP A 1 60  ? 15.490  -8.821  11.492  1.00 21.16 ? 1124 ASP A CG  1 
ATOM   352  O  OD1 . ASP A 1 60  ? 15.735  -8.051  10.539  1.00 22.25 ? 1124 ASP A OD1 1 
ATOM   353  O  OD2 . ASP A 1 60  ? 15.201  -8.404  12.635  1.00 24.47 ? 1124 ASP A OD2 1 
ATOM   354  N  N   . TYR A 1 61  ? 14.115  -9.543  8.146   1.00 14.40 ? 1125 TYR A N   1 
ATOM   355  C  CA  . TYR A 1 61  ? 12.877  -8.903  7.650   1.00 12.77 ? 1125 TYR A CA  1 
ATOM   356  C  C   . TYR A 1 61  ? 11.752  -9.906  7.393   1.00 12.45 ? 1125 TYR A C   1 
ATOM   357  O  O   . TYR A 1 61  ? 10.658  -9.736  7.902   1.00 11.84 ? 1125 TYR A O   1 
ATOM   358  C  CB  . TYR A 1 61  ? 13.131  -8.079  6.393   1.00 12.35 ? 1125 TYR A CB  1 
ATOM   359  C  CG  . TYR A 1 61  ? 11.908  -7.306  5.954   1.00 11.76 ? 1125 TYR A CG  1 
ATOM   360  C  CD1 . TYR A 1 61  ? 11.541  -6.132  6.599   1.00 11.45 ? 1125 TYR A CD1 1 
ATOM   361  C  CD2 . TYR A 1 61  ? 11.105  -7.766  4.915   1.00 11.40 ? 1125 TYR A CD2 1 
ATOM   362  C  CE1 . TYR A 1 61  ? 10.408  -5.435  6.219   1.00 11.44 ? 1125 TYR A CE1 1 
ATOM   363  C  CE2 . TYR A 1 61  ? 9.974   -7.075  4.526   1.00 11.44 ? 1125 TYR A CE2 1 
ATOM   364  C  CZ  . TYR A 1 61  ? 9.632   -5.911  5.172   1.00 11.17 ? 1125 TYR A CZ  1 
ATOM   365  O  OH  . TYR A 1 61  ? 8.492   -5.249  4.783   1.00 11.14 ? 1125 TYR A OH  1 
ATOM   366  N  N   . PHE A 1 62  ? 12.038  -10.955 6.623   1.00 12.75 ? 1126 PHE A N   1 
ATOM   367  C  CA  . PHE A 1 62  ? 11.029  -11.976 6.335   1.00 12.69 ? 1126 PHE A CA  1 
ATOM   368  C  C   . PHE A 1 62  ? 10.631  -12.856 7.532   1.00 13.44 ? 1126 PHE A C   1 
ATOM   369  O  O   . PHE A 1 62  ? 9.602   -13.523 7.460   1.00 13.39 ? 1126 PHE A O   1 
ATOM   370  C  CB  . PHE A 1 62  ? 11.440  -12.898 5.170   1.00 12.72 ? 1126 PHE A CB  1 
ATOM   371  C  CG  . PHE A 1 62  ? 11.547  -12.231 3.818   1.00 12.18 ? 1126 PHE A CG  1 
ATOM   372  C  CD1 . PHE A 1 62  ? 10.698  -11.200 3.415   1.00 12.17 ? 1126 PHE A CD1 1 
ATOM   373  C  CD2 . PHE A 1 62  ? 12.484  -12.695 2.897   1.00 11.92 ? 1126 PHE A CD2 1 
ATOM   374  C  CE1 . PHE A 1 62  ? 10.803  -10.649 2.150   1.00 11.98 ? 1126 PHE A CE1 1 
ATOM   375  C  CE2 . PHE A 1 62  ? 12.588  -12.143 1.634   1.00 11.79 ? 1126 PHE A CE2 1 
ATOM   376  C  CZ  . PHE A 1 62  ? 11.749  -11.108 1.263   1.00 11.87 ? 1126 PHE A CZ  1 
ATOM   377  N  N   A ASP A 1 63  ? 11.409  -12.857 8.608   0.50 13.66 ? 1127 ASP A N   1 
ATOM   378  N  N   B ASP A 1 63  ? 11.433  -12.887 8.609   0.50 13.94 ? 1127 ASP A N   1 
ATOM   379  C  CA  A ASP A 1 63  ? 10.995  -13.527 9.834   0.50 14.27 ? 1127 ASP A CA  1 
ATOM   380  C  CA  B ASP A 1 63  ? 10.990  -13.523 9.867   0.50 14.63 ? 1127 ASP A CA  1 
ATOM   381  C  C   A ASP A 1 63  ? 9.910   -12.722 10.562  0.50 13.93 ? 1127 ASP A C   1 
ATOM   382  C  C   B ASP A 1 63  ? 9.832   -12.706 10.435  0.50 14.12 ? 1127 ASP A C   1 
ATOM   383  O  O   A ASP A 1 63  ? 8.980   -13.288 11.146  0.50 14.04 ? 1127 ASP A O   1 
ATOM   384  O  O   B ASP A 1 63  ? 8.768   -13.237 10.757  0.50 14.28 ? 1127 ASP A O   1 
ATOM   385  C  CB  A ASP A 1 63  ? 12.209  -13.744 10.731  0.50 15.19 ? 1127 ASP A CB  1 
ATOM   386  C  CB  B ASP A 1 63  ? 12.083  -13.589 10.958  0.50 15.90 ? 1127 ASP A CB  1 
ATOM   387  C  CG  A ASP A 1 63  ? 12.061  -14.944 11.616  0.50 16.17 ? 1127 ASP A CG  1 
ATOM   388  C  CG  B ASP A 1 63  ? 13.431  -14.099 10.465  0.50 16.92 ? 1127 ASP A CG  1 
ATOM   389  O  OD1 A ASP A 1 63  ? 10.912  -15.287 11.946  0.50 17.28 ? 1127 ASP A OD1 1 
ATOM   390  O  OD1 B ASP A 1 63  ? 13.518  -14.792 9.439   0.50 18.67 ? 1127 ASP A OD1 1 
ATOM   391  O  OD2 A ASP A 1 63  ? 13.095  -15.551 11.964  0.50 17.66 ? 1127 ASP A OD2 1 
ATOM   392  O  OD2 B ASP A 1 63  ? 14.435  -13.810 11.153  0.50 18.79 ? 1127 ASP A OD2 1 
ATOM   393  N  N   . ILE A 1 64  ? 10.050  -11.397 10.536  1.00 13.32 ? 1128 ILE A N   1 
ATOM   394  C  CA  . ILE A 1 64  ? 9.082   -10.490 11.144  1.00 13.31 ? 1128 ILE A CA  1 
ATOM   395  C  C   . ILE A 1 64  ? 7.860   -10.252 10.258  1.00 12.42 ? 1128 ILE A C   1 
ATOM   396  O  O   . ILE A 1 64  ? 6.735   -10.226 10.770  1.00 12.94 ? 1128 ILE A O   1 
ATOM   397  C  CB  . ILE A 1 64  ? 9.761   -9.147  11.481  1.00 13.70 ? 1128 ILE A CB  1 
ATOM   398  C  CG1 . ILE A 1 64  ? 10.933  -9.384  12.440  1.00 14.61 ? 1128 ILE A CG1 1 
ATOM   399  C  CG2 . ILE A 1 64  ? 8.771   -8.151  12.082  1.00 13.94 ? 1128 ILE A CG2 1 
ATOM   400  N  N   . VAL A 1 65  ? 8.094   -10.058 8.956   1.00 11.89 ? 1129 VAL A N   1 
ATOM   401  C  CA  . VAL A 1 65  ? 7.051   -9.673  7.990   1.00 11.58 ? 1129 VAL A CA  1 
ATOM   402  C  C   . VAL A 1 65  ? 6.700   -10.898 7.142   1.00 11.59 ? 1129 VAL A C   1 
ATOM   403  O  O   . VAL A 1 65  ? 7.436   -11.258 6.209   1.00 10.96 ? 1129 VAL A O   1 
ATOM   404  C  CB  . VAL A 1 65  ? 7.504   -8.496  7.098   1.00 11.61 ? 1129 VAL A CB  1 
ATOM   405  C  CG1 . VAL A 1 65  ? 6.455   -8.171  6.029   1.00 11.39 ? 1129 VAL A CG1 1 
ATOM   406  C  CG2 . VAL A 1 65  ? 7.777   -7.269  7.972   1.00 11.80 ? 1129 VAL A CG2 1 
ATOM   407  N  N   . LYS A 1 66  ? 5.573   -11.513 7.483   1.00 11.64 ? 1130 LYS A N   1 
ATOM   408  C  CA  . LYS A 1 66  ? 5.123   -12.760 6.835   1.00 11.99 ? 1130 LYS A CA  1 
ATOM   409  C  C   . LYS A 1 66  ? 4.531   -12.558 5.447   1.00 11.92 ? 1130 LYS A C   1 
ATOM   410  O  O   . LYS A 1 66  ? 4.575   -13.466 4.614   1.00 11.09 ? 1130 LYS A O   1 
ATOM   411  C  CB  . LYS A 1 66  ? 4.139   -13.491 7.752   1.00 13.19 ? 1130 LYS A CB  1 
ATOM   412  C  CG  . LYS A 1 66  ? 4.830   -14.094 8.961   1.00 13.92 ? 1130 LYS A CG  1 
ATOM   413  C  CD  . LYS A 1 66  ? 3.841   -14.746 9.905   1.00 15.26 ? 1130 LYS A CD  1 
ATOM   414  C  CE  . LYS A 1 66  ? 4.534   -15.372 11.104  1.00 15.42 ? 1130 LYS A CE  1 
ATOM   415  N  NZ  . LYS A 1 66  ? 5.365   -16.569 10.783  1.00 15.63 ? 1130 LYS A NZ  1 
ATOM   416  N  N   . ASN A 1 67  ? 3.950   -11.381 5.197   1.00 11.42 ? 1131 ASN A N   1 
ATOM   417  C  CA  . ASN A 1 67  ? 3.304   -11.101 3.922   1.00 11.74 ? 1131 ASN A CA  1 
ATOM   418  C  C   . ASN A 1 67  ? 3.677   -9.708  3.436   1.00 11.19 ? 1131 ASN A C   1 
ATOM   419  O  O   . ASN A 1 67  ? 2.918   -8.756  3.623   1.00 10.85 ? 1131 ASN A O   1 
ATOM   420  C  CB  . ASN A 1 67  ? 1.792   -11.259 4.059   1.00 12.78 ? 1131 ASN A CB  1 
ATOM   421  C  CG  . ASN A 1 67  ? 1.391   -12.700 4.326   1.00 13.54 ? 1131 ASN A CG  1 
ATOM   422  O  OD1 . ASN A 1 67  ? 1.431   -13.545 3.423   1.00 15.18 ? 1131 ASN A OD1 1 
ATOM   423  N  ND2 . ASN A 1 67  ? 1.034   -12.992 5.560   1.00 13.88 ? 1131 ASN A ND2 1 
ATOM   424  N  N   . PRO A 1 68  ? 4.865   -9.586  2.823   1.00 11.00 ? 1132 PRO A N   1 
ATOM   425  C  CA  . PRO A 1 68  ? 5.331   -8.299  2.296   1.00 10.85 ? 1132 PRO A CA  1 
ATOM   426  C  C   . PRO A 1 68  ? 4.392   -7.702  1.270   1.00 10.97 ? 1132 PRO A C   1 
ATOM   427  O  O   . PRO A 1 68  ? 3.670   -8.431  0.548   1.00 11.54 ? 1132 PRO A O   1 
ATOM   428  C  CB  . PRO A 1 68  ? 6.670   -8.649  1.637   1.00 10.95 ? 1132 PRO A CB  1 
ATOM   429  C  CG  . PRO A 1 68  ? 7.142   -9.844  2.387   1.00 10.91 ? 1132 PRO A CG  1 
ATOM   430  C  CD  . PRO A 1 68  ? 5.901   -10.627 2.676   1.00 11.02 ? 1132 PRO A CD  1 
ATOM   431  N  N   . MET A 1 69  ? 4.383   -6.372  1.208   1.00 10.39 ? 1133 MET A N   1 
ATOM   432  C  CA  . MET A 1 69  ? 3.617   -5.653  0.214   1.00 10.54 ? 1133 MET A CA  1 
ATOM   433  C  C   . MET A 1 69  ? 4.281   -4.299  -0.032  1.00 10.67 ? 1133 MET A C   1 
ATOM   434  O  O   . MET A 1 69  ? 4.918   -3.757  0.855   1.00 10.40 ? 1133 MET A O   1 
ATOM   435  C  CB  . MET A 1 69  ? 2.169   -5.473  0.689   1.00 10.81 ? 1133 MET A CB  1 
ATOM   436  C  CG  . MET A 1 69  ? 1.221   -4.900  -0.339  1.00 11.06 ? 1133 MET A CG  1 
ATOM   437  S  SD  . MET A 1 69  ? 1.171   -5.735  -1.928  1.00 11.66 ? 1133 MET A SD  1 
ATOM   438  C  CE  . MET A 1 69  ? 0.679   -7.398  -1.458  1.00 11.89 ? 1133 MET A CE  1 
ATOM   439  N  N   . ASP A 1 70  ? 4.137   -3.791  -1.247  1.00 10.78 ? 1134 ASP A N   1 
ATOM   440  C  CA  . ASP A 1 70  ? 4.712   -2.512  -1.637  1.00 11.61 ? 1134 ASP A CA  1 
ATOM   441  C  C   . ASP A 1 70  ? 3.898   -1.925  -2.783  1.00 11.70 ? 1134 ASP A C   1 
ATOM   442  O  O   . ASP A 1 70  ? 3.040   -2.592  -3.367  1.00 11.70 ? 1134 ASP A O   1 
ATOM   443  C  CB  . ASP A 1 70  ? 6.159   -2.704  -2.081  1.00 12.11 ? 1134 ASP A CB  1 
ATOM   444  C  CG  . ASP A 1 70  ? 6.250   -3.366  -3.425  1.00 12.86 ? 1134 ASP A CG  1 
ATOM   445  O  OD1 . ASP A 1 70  ? 5.943   -4.576  -3.508  1.00 13.71 ? 1134 ASP A OD1 1 
ATOM   446  O  OD2 . ASP A 1 70  ? 6.589   -2.675  -4.398  1.00 14.39 ? 1134 ASP A OD2 1 
ATOM   447  N  N   . LEU A 1 71  ? 4.203   -0.678  -3.135  1.00 11.40 ? 1135 LEU A N   1 
ATOM   448  C  CA  . LEU A 1 71  ? 3.438   0.028   -4.159  1.00 11.56 ? 1135 LEU A CA  1 
ATOM   449  C  C   . LEU A 1 71  ? 3.506   -0.616  -5.538  1.00 11.85 ? 1135 LEU A C   1 
ATOM   450  O  O   . LEU A 1 71  ? 2.504   -0.642  -6.240  1.00 12.19 ? 1135 LEU A O   1 
ATOM   451  C  CB  . LEU A 1 71  ? 3.884   1.498   -4.259  1.00 11.45 ? 1135 LEU A CB  1 
ATOM   452  C  CG  . LEU A 1 71  ? 3.630   2.391   -3.037  1.00 11.49 ? 1135 LEU A CG  1 
ATOM   453  C  CD1 . LEU A 1 71  ? 4.368   3.729   -3.164  1.00 11.42 ? 1135 LEU A CD1 1 
ATOM   454  C  CD2 . LEU A 1 71  ? 2.136   2.627   -2.857  1.00 11.64 ? 1135 LEU A CD2 1 
ATOM   455  N  N   . SER A 1 72  ? 4.673   -1.118  -5.935  1.00 12.37 ? 1136 SER A N   1 
ATOM   456  C  CA  . SER A 1 72  ? 4.815   -1.743  -7.264  1.00 13.16 ? 1136 SER A CA  1 
ATOM   457  C  C   . SER A 1 72  ? 3.931   -2.977  -7.409  1.00 13.20 ? 1136 SER A C   1 
ATOM   458  O  O   . SER A 1 72  ? 3.359   -3.209  -8.467  1.00 13.38 ? 1136 SER A O   1 
ATOM   459  C  CB  . SER A 1 72  ? 6.278   -2.098  -7.584  1.00 14.07 ? 1136 SER A CB  1 
ATOM   460  O  OG  . SER A 1 72  ? 6.758   -3.207  -6.847  1.00 14.99 ? 1136 SER A OG  1 
ATOM   461  N  N   . THR A 1 73  ? 3.814   -3.744  -6.335  1.00 13.02 ? 1137 THR A N   1 
ATOM   462  C  CA  . THR A 1 73  ? 2.964   -4.937  -6.338  1.00 13.24 ? 1137 THR A CA  1 
ATOM   463  C  C   . THR A 1 73  ? 1.485   -4.531  -6.427  1.00 13.49 ? 1137 THR A C   1 
ATOM   464  O  O   . THR A 1 73  ? 0.706   -5.126  -7.182  1.00 14.26 ? 1137 THR A O   1 
ATOM   465  C  CB  . THR A 1 73  ? 3.228   -5.796  -5.086  1.00 13.33 ? 1137 THR A CB  1 
ATOM   466  O  OG1 . THR A 1 73  ? 4.597   -6.231  -5.094  1.00 14.08 ? 1137 THR A OG1 1 
ATOM   467  C  CG2 . THR A 1 73  ? 2.326   -7.024  -5.043  1.00 13.63 ? 1137 THR A CG2 1 
ATOM   468  N  N   . ILE A 1 74  ? 1.103   -3.514  -5.664  1.00 13.14 ? 1138 ILE A N   1 
ATOM   469  C  CA  . ILE A 1 74  ? -0.274  -3.023  -5.680  1.00 13.26 ? 1138 ILE A CA  1 
ATOM   470  C  C   . ILE A 1 74  ? -0.618  -2.473  -7.071  1.00 14.33 ? 1138 ILE A C   1 
ATOM   471  O  O   . ILE A 1 74  ? -1.700  -2.725  -7.589  1.00 14.46 ? 1138 ILE A O   1 
ATOM   472  C  CB  . ILE A 1 74  ? -0.495  -1.947  -4.583  1.00 12.70 ? 1138 ILE A CB  1 
ATOM   473  C  CG1 . ILE A 1 74  ? -0.326  -2.570  -3.195  1.00 12.43 ? 1138 ILE A CG1 1 
ATOM   474  C  CG2 . ILE A 1 74  ? -1.881  -1.315  -4.701  1.00 12.74 ? 1138 ILE A CG2 1 
ATOM   475  C  CD1 . ILE A 1 74  ? -0.081  -1.595  -2.067  1.00 12.40 ? 1138 ILE A CD1 1 
ATOM   476  N  N   . LYS A 1 75  ? 0.310   -1.729  -7.664  1.00 15.88 ? 1139 LYS A N   1 
ATOM   477  C  CA  . LYS A 1 75  ? 0.099   -1.141  -8.988  1.00 17.51 ? 1139 LYS A CA  1 
ATOM   478  C  C   . LYS A 1 75  ? -0.105  -2.225  -10.052 1.00 18.17 ? 1139 LYS A C   1 
ATOM   479  O  O   . LYS A 1 75  ? -1.031  -2.138  -10.857 1.00 17.73 ? 1139 LYS A O   1 
ATOM   480  C  CB  . LYS A 1 75  ? 1.262   -0.224  -9.366  1.00 19.48 ? 1139 LYS A CB  1 
ATOM   481  C  CG  . LYS A 1 75  ? 1.036   0.547   -10.658 1.00 22.06 ? 1139 LYS A CG  1 
ATOM   482  C  CD  . LYS A 1 75  ? 2.102   1.608   -10.868 1.00 24.10 ? 1139 LYS A CD  1 
ATOM   483  C  CE  . LYS A 1 75  ? 2.038   2.213   -12.267 1.00 26.07 ? 1139 LYS A CE  1 
ATOM   484  N  NZ  . LYS A 1 75  ? 2.927   1.499   -13.226 1.00 27.58 ? 1139 LYS A NZ  1 
ATOM   485  N  N   . ARG A 1 76  ? 0.742   -3.251  -10.027 1.00 18.35 ? 1140 ARG A N   1 
ATOM   486  C  CA  . ARG A 1 76  ? 0.609   -4.376  -10.961 1.00 19.25 ? 1140 ARG A CA  1 
ATOM   487  C  C   . ARG A 1 76  ? -0.735  -5.075  -10.788 1.00 19.34 ? 1140 ARG A C   1 
ATOM   488  O  O   . ARG A 1 76  ? -1.422  -5.361  -11.781 1.00 19.29 ? 1140 ARG A O   1 
ATOM   489  C  CB  . ARG A 1 76  ? 1.739   -5.377  -10.769 1.00 20.50 ? 1140 ARG A CB  1 
ATOM   490  C  CG  . ARG A 1 76  ? 1.717   -6.555  -11.746 1.00 22.36 ? 1140 ARG A CG  1 
ATOM   491  C  CD  . ARG A 1 76  ? 2.695   -7.642  -11.334 1.00 24.15 ? 1140 ARG A CD  1 
ATOM   492  N  NE  . ARG A 1 76  ? 3.942   -7.077  -10.811 1.00 28.35 ? 1140 ARG A NE  1 
ATOM   493  C  CZ  . ARG A 1 76  ? 4.410   -7.194  -9.565  1.00 28.07 ? 1140 ARG A CZ  1 
ATOM   494  N  NH1 . ARG A 1 76  ? 3.784   -7.904  -8.624  1.00 30.44 ? 1140 ARG A NH1 1 
ATOM   495  N  NH2 . ARG A 1 76  ? 5.556   -6.606  -9.261  1.00 30.84 ? 1140 ARG A NH2 1 
ATOM   496  N  N   . LYS A 1 77  ? -1.110  -5.336  -9.536  1.00 18.56 ? 1141 LYS A N   1 
ATOM   497  C  CA  . LYS A 1 77  ? -2.376  -6.008  -9.238  1.00 19.08 ? 1141 LYS A CA  1 
ATOM   498  C  C   . LYS A 1 77  ? -3.573  -5.184  -9.725  1.00 20.38 ? 1141 LYS A C   1 
ATOM   499  O  O   . LYS A 1 77  ? -4.523  -5.738  -10.274 1.00 21.09 ? 1141 LYS A O   1 
ATOM   500  C  CB  . LYS A 1 77  ? -2.492  -6.344  -7.743  1.00 18.59 ? 1141 LYS A CB  1 
ATOM   501  C  CG  . LYS A 1 77  ? -1.578  -7.486  -7.313  1.00 18.45 ? 1141 LYS A CG  1 
ATOM   502  C  CD  . LYS A 1 77  ? -1.640  -7.794  -5.829  1.00 18.74 ? 1141 LYS A CD  1 
ATOM   503  C  CE  . LYS A 1 77  ? -2.957  -8.432  -5.432  1.00 18.70 ? 1141 LYS A CE  1 
ATOM   504  N  NZ  . LYS A 1 77  ? -2.919  -8.913  -4.027  1.00 18.79 ? 1141 LYS A NZ  1 
ATOM   505  N  N   . LEU A 1 78  ? -3.504  -3.863  -9.552  1.00 20.39 ? 1142 LEU A N   1 
ATOM   506  C  CA  . LEU A 1 78  ? -4.570  -2.964  -10.008 1.00 22.13 ? 1142 LEU A CA  1 
ATOM   507  C  C   . LEU A 1 78  ? -4.671  -2.963  -11.541 1.00 24.07 ? 1142 LEU A C   1 
ATOM   508  O  O   . LEU A 1 78  ? -5.772  -3.034  -12.103 1.00 23.58 ? 1142 LEU A O   1 
ATOM   509  C  CB  . LEU A 1 78  ? -4.334  -1.522  -9.506  1.00 22.81 ? 1142 LEU A CB  1 
ATOM   510  C  CG  . LEU A 1 78  ? -5.431  -0.804  -8.709  1.00 24.23 ? 1142 LEU A CG  1 
ATOM   511  C  CD1 . LEU A 1 78  ? -5.154  0.699   -8.696  1.00 24.19 ? 1142 LEU A CD1 1 
ATOM   512  C  CD2 . LEU A 1 78  ? -6.843  -1.085  -9.184  1.00 23.91 ? 1142 LEU A CD2 1 
ATOM   513  N  N   . ASP A 1 79  ? -3.516  -2.895  -12.200 1.00 25.27 ? 1143 ASP A N   1 
ATOM   514  C  CA  . ASP A 1 79  ? -3.441  -2.899  -13.670 1.00 27.81 ? 1143 ASP A CA  1 
ATOM   515  C  C   . ASP A 1 79  ? -3.901  -4.207  -14.313 1.00 28.84 ? 1143 ASP A C   1 
ATOM   516  O  O   . ASP A 1 79  ? -4.482  -4.184  -15.396 1.00 31.14 ? 1143 ASP A O   1 
ATOM   517  C  CB  . ASP A 1 79  ? -2.015  -2.587  -14.148 1.00 29.06 ? 1143 ASP A CB  1 
ATOM   518  C  CG  . ASP A 1 79  ? -1.614  -1.144  -13.907 1.00 29.73 ? 1143 ASP A CG  1 
ATOM   519  O  OD1 . ASP A 1 79  ? -2.488  -0.293  -13.652 1.00 32.01 ? 1143 ASP A OD1 1 
ATOM   520  O  OD2 . ASP A 1 79  ? -0.409  -0.853  -13.984 1.00 32.32 ? 1143 ASP A OD2 1 
ATOM   521  N  N   . THR A 1 80  ? -3.650  -5.332  -13.648 1.00 29.66 ? 1144 THR A N   1 
ATOM   522  C  CA  . THR A 1 80  ? -3.974  -6.660  -14.191 1.00 30.02 ? 1144 THR A CA  1 
ATOM   523  C  C   . THR A 1 80  ? -5.302  -7.250  -13.668 1.00 31.00 ? 1144 THR A C   1 
ATOM   524  O  O   . THR A 1 80  ? -5.533  -8.458  -13.782 1.00 32.38 ? 1144 THR A O   1 
ATOM   525  C  CB  . THR A 1 80  ? -2.808  -7.641  -13.931 1.00 29.19 ? 1144 THR A CB  1 
ATOM   526  O  OG1 . THR A 1 80  ? -2.538  -7.727  -12.527 1.00 27.28 ? 1144 THR A OG1 1 
ATOM   527  C  CG2 . THR A 1 80  ? -1.552  -7.181  -14.661 1.00 29.04 ? 1144 THR A CG2 1 
ATOM   528  N  N   . GLY A 1 81  ? -6.172  -6.403  -13.106 1.00 31.43 ? 1145 GLY A N   1 
ATOM   529  C  CA  . GLY A 1 81  ? -7.512  -6.818  -12.680 1.00 30.46 ? 1145 GLY A CA  1 
ATOM   530  C  C   . GLY A 1 81  ? -7.583  -7.843  -11.562 1.00 29.94 ? 1145 GLY A C   1 
ATOM   531  O  O   . GLY A 1 81  ? -8.565  -8.583  -11.467 1.00 30.44 ? 1145 GLY A O   1 
ATOM   532  N  N   . GLN A 1 82  ? -6.560  -7.894  -10.711 1.00 27.58 ? 1146 GLN A N   1 
ATOM   533  C  CA  . GLN A 1 82  ? -6.525  -8.840  -9.587  1.00 27.50 ? 1146 GLN A CA  1 
ATOM   534  C  C   . GLN A 1 82  ? -7.335  -8.389  -8.373  1.00 26.81 ? 1146 GLN A C   1 
ATOM   535  O  O   . GLN A 1 82  ? -7.518  -9.164  -7.426  1.00 27.44 ? 1146 GLN A O   1 
ATOM   536  C  CB  . GLN A 1 82  ? -5.084  -9.129  -9.173  1.00 27.76 ? 1146 GLN A CB  1 
ATOM   537  C  CG  . GLN A 1 82  ? -4.267  -9.769  -10.279 1.00 29.17 ? 1146 GLN A CG  1 
ATOM   538  C  CD  . GLN A 1 82  ? -2.876  -10.158 -9.825  1.00 29.13 ? 1146 GLN A CD  1 
ATOM   539  O  OE1 . GLN A 1 82  ? -2.708  -10.790 -8.784  1.00 30.33 ? 1146 GLN A OE1 1 
ATOM   540  N  NE2 . GLN A 1 82  ? -1.869  -9.784  -10.607 1.00 30.93 ? 1146 GLN A NE2 1 
ATOM   541  N  N   . TYR A 1 83  ? -7.784  -7.134  -8.373  1.00 26.01 ? 1147 TYR A N   1 
ATOM   542  C  CA  . TYR A 1 83  ? -8.727  -6.665  -7.370  1.00 24.86 ? 1147 TYR A CA  1 
ATOM   543  C  C   . TYR A 1 83  ? -10.131 -6.704  -7.963  1.00 25.95 ? 1147 TYR A C   1 
ATOM   544  O  O   . TYR A 1 83  ? -10.438 -5.966  -8.902  1.00 28.06 ? 1147 TYR A O   1 
ATOM   545  C  CB  . TYR A 1 83  ? -8.378  -5.251  -6.919  1.00 23.02 ? 1147 TYR A CB  1 
ATOM   546  C  CG  . TYR A 1 83  ? -7.004  -5.132  -6.285  1.00 21.10 ? 1147 TYR A CG  1 
ATOM   547  C  CD1 . TYR A 1 83  ? -6.659  -5.895  -5.168  1.00 19.91 ? 1147 TYR A CD1 1 
ATOM   548  C  CD2 . TYR A 1 83  ? -6.057  -4.241  -6.792  1.00 19.97 ? 1147 TYR A CD2 1 
ATOM   549  C  CE1 . TYR A 1 83  ? -5.400  -5.781  -4.582  1.00 19.06 ? 1147 TYR A CE1 1 
ATOM   550  C  CE2 . TYR A 1 83  ? -4.799  -4.118  -6.212  1.00 19.34 ? 1147 TYR A CE2 1 
ATOM   551  C  CZ  . TYR A 1 83  ? -4.477  -4.885  -5.110  1.00 18.20 ? 1147 TYR A CZ  1 
ATOM   552  O  OH  . TYR A 1 83  ? -3.231  -4.754  -4.544  1.00 16.87 ? 1147 TYR A OH  1 
ATOM   553  N  N   . GLN A 1 84  ? -10.960 -7.588  -7.421  1.00 27.03 ? 1148 GLN A N   1 
ATOM   554  C  CA  . GLN A 1 84  ? -12.361 -7.716  -7.829  1.00 27.45 ? 1148 GLN A CA  1 
ATOM   555  C  C   . GLN A 1 84  ? -13.289 -6.815  -7.027  1.00 26.04 ? 1148 GLN A C   1 
ATOM   556  O  O   . GLN A 1 84  ? -14.369 -6.480  -7.495  1.00 24.39 ? 1148 GLN A O   1 
ATOM   557  C  CB  . GLN A 1 84  ? -12.821 -9.169  -7.690  1.00 29.46 ? 1148 GLN A CB  1 
ATOM   558  C  CG  . GLN A 1 84  ? -11.959 -10.173 -8.446  1.00 31.19 ? 1148 GLN A CG  1 
ATOM   559  C  CD  . GLN A 1 84  ? -11.877 -9.877  -9.933  1.00 33.34 ? 1148 GLN A CD  1 
ATOM   560  O  OE1 . GLN A 1 84  ? -12.898 -9.650  -10.590 1.00 35.14 ? 1148 GLN A OE1 1 
ATOM   561  N  NE2 . GLN A 1 84  ? -10.662 -9.871  -10.472 1.00 34.37 ? 1148 GLN A NE2 1 
ATOM   562  N  N   . GLU A 1 85  ? -12.884 -6.440  -5.816  1.00 23.74 ? 1149 GLU A N   1 
ATOM   563  C  CA  . GLU A 1 85  ? -13.670 -5.534  -4.989  1.00 23.38 ? 1149 GLU A CA  1 
ATOM   564  C  C   . GLU A 1 85  ? -12.719 -4.574  -4.267  1.00 20.76 ? 1149 GLU A C   1 
ATOM   565  O  O   . GLU A 1 85  ? -11.540 -4.911  -4.063  1.00 19.29 ? 1149 GLU A O   1 
ATOM   566  C  CB  . GLU A 1 85  ? -14.594 -6.324  -4.041  1.00 25.94 ? 1149 GLU A CB  1 
ATOM   567  C  CG  . GLU A 1 85  ? -13.902 -7.201  -3.010  1.00 27.78 ? 1149 GLU A CG  1 
ATOM   568  C  CD  . GLU A 1 85  ? -13.825 -6.599  -1.613  1.00 29.87 ? 1149 GLU A CD  1 
ATOM   569  O  OE1 . GLU A 1 85  ? -13.251 -7.272  -0.728  1.00 31.53 ? 1149 GLU A OE1 1 
ATOM   570  O  OE2 . GLU A 1 85  ? -14.329 -5.471  -1.393  1.00 31.55 ? 1149 GLU A OE2 1 
ATOM   571  N  N   . PRO A 1 86  ? -13.205 -3.369  -3.920  1.00 19.16 ? 1150 PRO A N   1 
ATOM   572  C  CA  . PRO A 1 86  ? -12.295 -2.323  -3.435  1.00 18.66 ? 1150 PRO A CA  1 
ATOM   573  C  C   . PRO A 1 86  ? -11.580 -2.642  -2.132  1.00 18.50 ? 1150 PRO A C   1 
ATOM   574  O  O   . PRO A 1 86  ? -10.434 -2.241  -1.966  1.00 17.41 ? 1150 PRO A O   1 
ATOM   575  C  CB  . PRO A 1 86  ? -13.189 -1.089  -3.271  1.00 18.82 ? 1150 PRO A CB  1 
ATOM   576  C  CG  . PRO A 1 86  ? -14.591 -1.540  -3.447  1.00 19.21 ? 1150 PRO A CG  1 
ATOM   577  C  CD  . PRO A 1 86  ? -14.593 -2.888  -4.075  1.00 18.94 ? 1150 PRO A CD  1 
ATOM   578  N  N   . TRP A 1 87  ? -12.224 -3.366  -1.217  1.00 18.55 ? 1151 TRP A N   1 
ATOM   579  C  CA  . TRP A 1 87  ? -11.553 -3.701  0.039   1.00 18.93 ? 1151 TRP A CA  1 
ATOM   580  C  C   . TRP A 1 87  ? -10.323 -4.577  -0.153  1.00 17.59 ? 1151 TRP A C   1 
ATOM   581  O  O   . TRP A 1 87  ? -9.466  -4.575  0.718   1.00 16.98 ? 1151 TRP A O   1 
ATOM   582  C  CB  . TRP A 1 87  ? -12.497 -4.345  1.070   1.00 21.07 ? 1151 TRP A CB  1 
ATOM   583  C  CG  . TRP A 1 87  ? -13.304 -3.354  1.841   1.00 24.23 ? 1151 TRP A CG  1 
ATOM   584  C  CD1 . TRP A 1 87  ? -14.625 -3.054  1.663   1.00 26.06 ? 1151 TRP A CD1 1 
ATOM   585  C  CD2 . TRP A 1 87  ? -12.842 -2.518  2.914   1.00 27.05 ? 1151 TRP A CD2 1 
ATOM   586  N  NE1 . TRP A 1 87  ? -15.015 -2.091  2.565   1.00 28.11 ? 1151 TRP A NE1 1 
ATOM   587  C  CE2 . TRP A 1 87  ? -13.944 -1.745  3.345   1.00 28.00 ? 1151 TRP A CE2 1 
ATOM   588  C  CE3 . TRP A 1 87  ? -11.608 -2.356  3.558   1.00 27.81 ? 1151 TRP A CE3 1 
ATOM   589  C  CZ2 . TRP A 1 87  ? -13.848 -0.814  4.394   1.00 30.30 ? 1151 TRP A CZ2 1 
ATOM   590  C  CZ3 . TRP A 1 87  ? -11.509 -1.427  4.599   1.00 29.39 ? 1151 TRP A CZ3 1 
ATOM   591  C  CH2 . TRP A 1 87  ? -12.626 -0.671  5.007   1.00 29.10 ? 1151 TRP A CH2 1 
ATOM   592  N  N   . GLN A 1 88  ? -10.231 -5.332  -1.250  1.00 16.92 ? 1152 GLN A N   1 
ATOM   593  C  CA  . GLN A 1 88  ? -9.015  -6.123  -1.532  1.00 17.09 ? 1152 GLN A CA  1 
ATOM   594  C  C   . GLN A 1 88  ? -7.808  -5.208  -1.773  1.00 15.49 ? 1152 GLN A C   1 
ATOM   595  O  O   . GLN A 1 88  ? -6.701  -5.496  -1.307  1.00 14.78 ? 1152 GLN A O   1 
ATOM   596  C  CB  . GLN A 1 88  ? -9.215  -7.051  -2.733  1.00 19.66 ? 1152 GLN A CB  1 
ATOM   597  C  CG  . GLN A 1 88  ? -10.224 -8.165  -2.492  1.00 22.16 ? 1152 GLN A CG  1 
ATOM   598  C  CD  . GLN A 1 88  ? -10.578 -8.938  -3.754  1.00 24.25 ? 1152 GLN A CD  1 
ATOM   599  O  OE1 . GLN A 1 88  ? -10.493 -8.420  -4.872  1.00 27.26 ? 1152 GLN A OE1 1 
ATOM   600  N  NE2 . GLN A 1 88  ? -10.983 -10.190 -3.578  1.00 27.31 ? 1152 GLN A NE2 1 
ATOM   601  N  N   . TYR A 1 89  ? -8.043  -4.127  -2.503  1.00 13.70 ? 1153 TYR A N   1 
ATOM   602  C  CA  . TYR A 1 89  ? -7.029  -3.088  -2.743  1.00 12.99 ? 1153 TYR A CA  1 
ATOM   603  C  C   . TYR A 1 89  ? -6.661  -2.375  -1.442  1.00 12.45 ? 1153 TYR A C   1 
ATOM   604  O  O   . TYR A 1 89  ? -5.471  -2.260  -1.093  1.00 12.16 ? 1153 TYR A O   1 
ATOM   605  C  CB  . TYR A 1 89  ? -7.524  -2.100  -3.809  1.00 12.65 ? 1153 TYR A CB  1 
ATOM   606  C  CG  . TYR A 1 89  ? -6.749  -0.801  -3.859  1.00 12.63 ? 1153 TYR A CG  1 
ATOM   607  C  CD1 . TYR A 1 89  ? -5.559  -0.701  -4.572  1.00 12.80 ? 1153 TYR A CD1 1 
ATOM   608  C  CD2 . TYR A 1 89  ? -7.233  0.334   -3.227  1.00 12.96 ? 1153 TYR A CD2 1 
ATOM   609  C  CE1 . TYR A 1 89  ? -4.849  0.497   -4.622  1.00 12.77 ? 1153 TYR A CE1 1 
ATOM   610  C  CE2 . TYR A 1 89  ? -6.528  1.531   -3.265  1.00 12.80 ? 1153 TYR A CE2 1 
ATOM   611  C  CZ  . TYR A 1 89  ? -5.341  1.606   -3.969  1.00 12.85 ? 1153 TYR A CZ  1 
ATOM   612  O  OH  . TYR A 1 89  ? -4.646  2.797   -4.024  1.00 12.85 ? 1153 TYR A OH  1 
ATOM   613  N  N   . VAL A 1 90  ? -7.680  -1.941  -0.704  1.00 11.98 ? 1154 VAL A N   1 
ATOM   614  C  CA  . VAL A 1 90  ? -7.454  -1.276  0.573   1.00 11.77 ? 1154 VAL A CA  1 
ATOM   615  C  C   . VAL A 1 90  ? -6.659  -2.208  1.505   1.00 11.83 ? 1154 VAL A C   1 
ATOM   616  O  O   . VAL A 1 90  ? -5.705  -1.789  2.153   1.00 11.37 ? 1154 VAL A O   1 
ATOM   617  C  CB  . VAL A 1 90  ? -8.766  -0.807  1.237   1.00 12.20 ? 1154 VAL A CB  1 
ATOM   618  C  CG1 . VAL A 1 90  ? -8.500  -0.167  2.596   1.00 12.63 ? 1154 VAL A CG1 1 
ATOM   619  C  CG2 . VAL A 1 90  ? -9.511  0.165   0.321   1.00 12.73 ? 1154 VAL A CG2 1 
ATOM   620  N  N   . ASP A 1 91  ? -7.020  -3.486  1.529   1.00 12.31 ? 1155 ASP A N   1 
ATOM   621  C  CA  . ASP A 1 91  ? -6.308  -4.436  2.380   1.00 13.00 ? 1155 ASP A CA  1 
ATOM   622  C  C   . ASP A 1 91  ? -4.799  -4.482  2.072   1.00 11.76 ? 1155 ASP A C   1 
ATOM   623  O  O   . ASP A 1 91  ? -3.985  -4.554  3.008   1.00 11.79 ? 1155 ASP A O   1 
ATOM   624  C  CB  . ASP A 1 91  ? -6.913  -5.843  2.260   1.00 14.07 ? 1155 ASP A CB  1 
ATOM   625  C  CG  . ASP A 1 91  ? -8.181  -6.025  3.082   1.00 15.64 ? 1155 ASP A CG  1 
ATOM   626  O  OD1 . ASP A 1 91  ? -8.509  -5.203  3.962   1.00 18.14 ? 1155 ASP A OD1 1 
ATOM   627  O  OD2 . ASP A 1 91  ? -8.867  -7.040  2.838   1.00 18.50 ? 1155 ASP A OD2 1 
ATOM   628  N  N   . ASP A 1 92  ? -4.436  -4.439  0.788   1.00 11.22 ? 1156 ASP A N   1 
ATOM   629  C  CA  . ASP A 1 92  ? -3.018  -4.487  0.398   1.00 11.15 ? 1156 ASP A CA  1 
ATOM   630  C  C   . ASP A 1 92  ? -2.295  -3.209  0.802   1.00 10.74 ? 1156 ASP A C   1 
ATOM   631  O  O   . ASP A 1 92  ? -1.155  -3.265  1.276   1.00 10.46 ? 1156 ASP A O   1 
ATOM   632  C  CB  . ASP A 1 92  ? -2.832  -4.739  -1.101  1.00 12.08 ? 1156 ASP A CB  1 
ATOM   633  C  CG  . ASP A 1 92  ? -2.844  -6.222  -1.471  1.00 13.08 ? 1156 ASP A CG  1 
ATOM   634  O  OD1 . ASP A 1 92  ? -2.813  -7.084  -0.575  1.00 15.28 ? 1156 ASP A OD1 1 
ATOM   635  O  OD2 . ASP A 1 92  ? -2.854  -6.500  -2.677  1.00 14.26 ? 1156 ASP A OD2 1 
ATOM   636  N  N   . VAL A 1 93  ? -2.945  -2.063  0.634   1.00 10.24 ? 1157 VAL A N   1 
ATOM   637  C  CA  . VAL A 1 93  ? -2.311  -0.800  1.038   1.00 10.21 ? 1157 VAL A CA  1 
ATOM   638  C  C   . VAL A 1 93  ? -2.079  -0.818  2.549   1.00 10.54 ? 1157 VAL A C   1 
ATOM   639  O  O   . VAL A 1 93  ? -0.987  -0.479  3.050   1.00 10.21 ? 1157 VAL A O   1 
ATOM   640  C  CB  . VAL A 1 93  ? -3.158  0.429   0.619   1.00 10.06 ? 1157 VAL A CB  1 
ATOM   641  C  CG1 . VAL A 1 93  ? -2.552  1.709   1.171   1.00 9.91  ? 1157 VAL A CG1 1 
ATOM   642  C  CG2 . VAL A 1 93  ? -3.291  0.518   -0.893  1.00 9.86  ? 1157 VAL A CG2 1 
ATOM   643  N  N   . TRP A 1 94  ? -3.105  -1.224  3.291   1.00 10.73 ? 1158 TRP A N   1 
ATOM   644  C  CA  . TRP A 1 94  ? -2.989  -1.300  4.742   1.00 11.51 ? 1158 TRP A CA  1 
ATOM   645  C  C   . TRP A 1 94  ? -1.951  -2.328  5.198   1.00 10.86 ? 1158 TRP A C   1 
ATOM   646  O  O   . TRP A 1 94  ? -1.251  -2.101  6.181   1.00 10.91 ? 1158 TRP A O   1 
ATOM   647  C  CB  . TRP A 1 94  ? -4.350  -1.565  5.390   1.00 12.61 ? 1158 TRP A CB  1 
ATOM   648  C  CG  . TRP A 1 94  ? -5.289  -0.374  5.347   1.00 14.38 ? 1158 TRP A CG  1 
ATOM   649  C  CD1 . TRP A 1 94  ? -5.026  0.891   4.884   1.00 15.76 ? 1158 TRP A CD1 1 
ATOM   650  C  CD2 . TRP A 1 94  ? -6.629  -0.336  5.854   1.00 16.52 ? 1158 TRP A CD2 1 
ATOM   651  N  NE1 . TRP A 1 94  ? -6.132  1.695   5.052   1.00 16.30 ? 1158 TRP A NE1 1 
ATOM   652  C  CE2 . TRP A 1 94  ? -7.123  0.972   5.651   1.00 16.88 ? 1158 TRP A CE2 1 
ATOM   653  C  CE3 . TRP A 1 94  ? -7.456  -1.280  6.470   1.00 18.11 ? 1158 TRP A CE3 1 
ATOM   654  C  CZ2 . TRP A 1 94  ? -8.415  1.351   6.028   1.00 18.40 ? 1158 TRP A CZ2 1 
ATOM   655  C  CZ3 . TRP A 1 94  ? -8.738  -0.898  6.852   1.00 19.24 ? 1158 TRP A CZ3 1 
ATOM   656  C  CH2 . TRP A 1 94  ? -9.206  0.402   6.622   1.00 19.44 ? 1158 TRP A CH2 1 
ATOM   657  N  N   . LEU A 1 95  ? -1.866  -3.445  4.483   1.00 10.32 ? 1159 LEU A N   1 
ATOM   658  C  CA  . LEU A 1 95  ? -0.834  -4.455  4.747   1.00 10.01 ? 1159 LEU A CA  1 
ATOM   659  C  C   . LEU A 1 95  ? 0.565   -3.852  4.623   1.00 9.61  ? 1159 LEU A C   1 
ATOM   660  O  O   . LEU A 1 95  ? 1.413   -4.064  5.498   1.00 9.53  ? 1159 LEU A O   1 
ATOM   661  C  CB  . LEU A 1 95  ? -1.004  -5.655  3.812   1.00 10.08 ? 1159 LEU A CB  1 
ATOM   662  C  CG  . LEU A 1 95  ? 0.062   -6.766  3.866   1.00 10.18 ? 1159 LEU A CG  1 
ATOM   663  C  CD1 . LEU A 1 95  ? 0.161   -7.422  5.236   1.00 10.61 ? 1159 LEU A CD1 1 
ATOM   664  C  CD2 . LEU A 1 95  ? -0.247  -7.789  2.786   1.00 10.41 ? 1159 LEU A CD2 1 
ATOM   665  N  N   . MET A 1 96  ? 0.779   -3.088  3.558   1.00 9.54  ? 1160 MET A N   1 
ATOM   666  C  CA  . MET A 1 96  ? 2.051   -2.399  3.348   1.00 9.69  ? 1160 MET A CA  1 
ATOM   667  C  C   . MET A 1 96  ? 2.382   -1.518  4.553   1.00 9.68  ? 1160 MET A C   1 
ATOM   668  O  O   . MET A 1 96  ? 3.508   -1.531  5.051   1.00 9.55  ? 1160 MET A O   1 
ATOM   669  C  CB  . MET A 1 96  ? 1.984   -1.567  2.067   1.00 10.22 ? 1160 MET A CB  1 
ATOM   670  C  CG  . MET A 1 96  ? 3.219   -0.733  1.776   1.00 10.41 ? 1160 MET A CG  1 
ATOM   671  S  SD  . MET A 1 96  ? 3.052   0.195   0.240   1.00 11.15 ? 1160 MET A SD  1 
ATOM   672  C  CE  . MET A 1 96  ? 2.040   1.563   0.796   1.00 12.05 ? 1160 MET A CE  1 
ATOM   673  N  N   . PHE A 1 97  ? 1.406   -0.735  5.008   1.00 9.37  ? 1161 PHE A N   1 
ATOM   674  C  CA  . PHE A 1 97  ? 1.631   0.166   6.140   1.00 9.73  ? 1161 PHE A CA  1 
ATOM   675  C  C   . PHE A 1 97  ? 1.874   -0.609  7.419   1.00 9.71  ? 1161 PHE A C   1 
ATOM   676  O  O   . PHE A 1 97  ? 2.812   -0.333  8.178   1.00 9.66  ? 1161 PHE A O   1 
ATOM   677  C  CB  . PHE A 1 97  ? 0.452   1.129   6.389   1.00 9.93  ? 1161 PHE A CB  1 
ATOM   678  C  CG  . PHE A 1 97  ? 0.132   2.074   5.255   1.00 10.64 ? 1161 PHE A CG  1 
ATOM   679  C  CD1 . PHE A 1 97  ? 1.110   2.572   4.390   1.00 10.77 ? 1161 PHE A CD1 1 
ATOM   680  C  CD2 . PHE A 1 97  ? -1.182  2.518   5.088   1.00 11.19 ? 1161 PHE A CD2 1 
ATOM   681  C  CE1 . PHE A 1 97  ? 0.777   3.462   3.371   1.00 10.91 ? 1161 PHE A CE1 1 
ATOM   682  C  CE2 . PHE A 1 97  ? -1.513  3.414   4.076   1.00 11.28 ? 1161 PHE A CE2 1 
ATOM   683  C  CZ  . PHE A 1 97  ? -0.535  3.879   3.216   1.00 10.91 ? 1161 PHE A CZ  1 
ATOM   684  N  N   . ASN A 1 98  ? 1.029   -1.600  7.659   1.00 9.74  ? 1162 ASN A N   1 
ATOM   685  C  CA  . ASN A 1 98  ? 1.148   -2.402  8.864   1.00 10.21 ? 1162 ASN A CA  1 
ATOM   686  C  C   . ASN A 1 98  ? 2.512   -3.089  8.972   1.00 9.98  ? 1162 ASN A C   1 
ATOM   687  O  O   . ASN A 1 98  ? 3.109   -3.123  10.044  1.00 10.31 ? 1162 ASN A O   1 
ATOM   688  C  CB  . ASN A 1 98  ? 0.008   -3.413  8.938   1.00 10.75 ? 1162 ASN A CB  1 
ATOM   689  C  CG  . ASN A 1 98  ? -1.308  -2.771  9.305   1.00 11.35 ? 1162 ASN A CG  1 
ATOM   690  O  OD1 . ASN A 1 98  ? -1.342  -1.678  9.884   1.00 12.43 ? 1162 ASN A OD1 1 
ATOM   691  N  ND2 . ASN A 1 98  ? -2.403  -3.451  8.997   1.00 12.16 ? 1162 ASN A ND2 1 
ATOM   692  N  N   . ASN A 1 99  ? 3.010   -3.600  7.853   1.00 9.99  ? 1163 ASN A N   1 
ATOM   693  C  CA  . ASN A 1 99  ? 4.335   -4.210  7.813   1.00 9.81  ? 1163 ASN A CA  1 
ATOM   694  C  C   . ASN A 1 99  ? 5.428   -3.230  8.199   1.00 10.02 ? 1163 ASN A C   1 
ATOM   695  O  O   . ASN A 1 99  ? 6.334   -3.580  8.953   1.00 10.03 ? 1163 ASN A O   1 
ATOM   696  C  CB  . ASN A 1 99  ? 4.651   -4.756  6.431   1.00 9.68  ? 1163 ASN A CB  1 
ATOM   697  C  CG  . ASN A 1 99  ? 3.815   -5.967  6.071   1.00 9.88  ? 1163 ASN A CG  1 
ATOM   698  O  OD1 . ASN A 1 99  ? 3.219   -6.612  6.930   1.00 10.34 ? 1163 ASN A OD1 1 
ATOM   699  N  ND2 . ASN A 1 99  ? 3.781   -6.279  4.797   1.00 10.05 ? 1163 ASN A ND2 1 
ATOM   700  N  N   . ALA A 1 100 ? 5.341   -2.006  7.689   1.00 9.96  ? 1164 ALA A N   1 
ATOM   701  C  CA  . ALA A 1 100 ? 6.385   -1.004  7.980   1.00 10.43 ? 1164 ALA A CA  1 
ATOM   702  C  C   . ALA A 1 100 ? 6.318   -0.543  9.435   1.00 10.63 ? 1164 ALA A C   1 
ATOM   703  O  O   . ALA A 1 100 ? 7.356   -0.381  10.094  1.00 10.77 ? 1164 ALA A O   1 
ATOM   704  C  CB  . ALA A 1 100 ? 6.294   0.171   7.025   1.00 10.22 ? 1164 ALA A CB  1 
ATOM   705  N  N   . TRP A 1 101 ? 5.103   -0.366  9.955   1.00 10.68 ? 1165 TRP A N   1 
ATOM   706  C  CA  . TRP A 1 101 ? 4.936   -0.067  11.386  1.00 11.05 ? 1165 TRP A CA  1 
ATOM   707  C  C   . TRP A 1 101 ? 5.408   -1.205  12.302  1.00 11.77 ? 1165 TRP A C   1 
ATOM   708  O  O   . TRP A 1 101 ? 5.895   -0.948  13.402  1.00 12.97 ? 1165 TRP A O   1 
ATOM   709  C  CB  . TRP A 1 101 ? 3.491   0.297   11.735  1.00 11.30 ? 1165 TRP A CB  1 
ATOM   710  C  CG  . TRP A 1 101 ? 3.028   1.635   11.260  1.00 11.40 ? 1165 TRP A CG  1 
ATOM   711  C  CD1 . TRP A 1 101 ? 3.717   2.822   11.279  1.00 11.56 ? 1165 TRP A CD1 1 
ATOM   712  C  CD2 . TRP A 1 101 ? 1.730   1.936   10.760  1.00 11.63 ? 1165 TRP A CD2 1 
ATOM   713  N  NE1 . TRP A 1 101 ? 2.936   3.834   10.777  1.00 11.86 ? 1165 TRP A NE1 1 
ATOM   714  C  CE2 . TRP A 1 101 ? 1.704   3.320   10.458  1.00 12.00 ? 1165 TRP A CE2 1 
ATOM   715  C  CE3 . TRP A 1 101 ? 0.583   1.166   10.522  1.00 11.86 ? 1165 TRP A CE3 1 
ATOM   716  C  CZ2 . TRP A 1 101 ? 0.567   3.950   9.956   1.00 12.29 ? 1165 TRP A CZ2 1 
ATOM   717  C  CZ3 . TRP A 1 101 ? -0.538  1.785   10.005  1.00 11.84 ? 1165 TRP A CZ3 1 
ATOM   718  C  CH2 . TRP A 1 101 ? -0.543  3.170   9.725   1.00 12.30 ? 1165 TRP A CH2 1 
ATOM   719  N  N   . LEU A 1 102 ? 5.265   -2.451  11.853  1.00 11.61 ? 1166 LEU A N   1 
ATOM   720  C  CA  . LEU A 1 102 ? 5.700   -3.612  12.622  1.00 11.99 ? 1166 LEU A CA  1 
ATOM   721  C  C   . LEU A 1 102 ? 7.223   -3.746  12.637  1.00 12.32 ? 1166 LEU A C   1 
ATOM   722  O  O   . LEU A 1 102 ? 7.841   -3.913  13.700  1.00 13.32 ? 1166 LEU A O   1 
ATOM   723  C  CB  . LEU A 1 102 ? 5.063   -4.889  12.047  1.00 12.11 ? 1166 LEU A CB  1 
ATOM   724  C  CG  . LEU A 1 102 ? 5.477   -6.232  12.660  1.00 12.27 ? 1166 LEU A CG  1 
ATOM   725  C  CD1 . LEU A 1 102 ? 5.065   -6.339  14.118  1.00 12.69 ? 1166 LEU A CD1 1 
ATOM   726  C  CD2 . LEU A 1 102 ? 4.912   -7.375  11.837  1.00 12.23 ? 1166 LEU A CD2 1 
ATOM   727  N  N   . TYR A 1 103 ? 7.837   -3.661  11.466  1.00 12.26 ? 1167 TYR A N   1 
ATOM   728  C  CA  . TYR A 1 103 ? 9.256   -3.959  11.337  1.00 12.65 ? 1167 TYR A CA  1 
ATOM   729  C  C   . TYR A 1 103 ? 10.150  -2.833  11.875  1.00 12.71 ? 1167 TYR A C   1 
ATOM   730  O  O   . TYR A 1 103 ? 11.199  -3.093  12.502  1.00 12.95 ? 1167 TYR A O   1 
ATOM   731  C  CB  . TYR A 1 103 ? 9.645   -4.266  9.885   1.00 12.63 ? 1167 TYR A CB  1 
ATOM   732  C  CG  . TYR A 1 103 ? 11.107  -4.607  9.822   1.00 13.04 ? 1167 TYR A CG  1 
ATOM   733  C  CD1 . TYR A 1 103 ? 11.560  -5.840  10.268  1.00 13.45 ? 1167 TYR A CD1 1 
ATOM   734  C  CD2 . TYR A 1 103 ? 12.046  -3.663  9.421   1.00 13.45 ? 1167 TYR A CD2 1 
ATOM   735  C  CE1 . TYR A 1 103 ? 12.912  -6.145  10.274  1.00 14.01 ? 1167 TYR A CE1 1 
ATOM   736  C  CE2 . TYR A 1 103 ? 13.396  -3.959  9.422   1.00 13.96 ? 1167 TYR A CE2 1 
ATOM   737  C  CZ  . TYR A 1 103 ? 13.817  -5.200  9.844   1.00 14.73 ? 1167 TYR A CZ  1 
ATOM   738  O  OH  . TYR A 1 103 ? 15.164  -5.488  9.863   1.00 16.58 ? 1167 TYR A OH  1 
ATOM   739  N  N   . ASN A 1 104 ? 9.755   -1.592  11.605  1.00 12.30 ? 1168 ASN A N   1 
ATOM   740  C  CA  . ASN A 1 104 ? 10.609  -0.445  11.893  1.00 12.39 ? 1168 ASN A CA  1 
ATOM   741  C  C   . ASN A 1 104 ? 10.320  0.178   13.255  1.00 13.10 ? 1168 ASN A C   1 
ATOM   742  O  O   . ASN A 1 104 ? 9.187   0.136   13.743  1.00 13.62 ? 1168 ASN A O   1 
ATOM   743  C  CB  . ASN A 1 104 ? 10.454  0.583   10.776  1.00 12.11 ? 1168 ASN A CB  1 
ATOM   744  C  CG  . ASN A 1 104 ? 10.864  0.017   9.430   1.00 11.86 ? 1168 ASN A CG  1 
ATOM   745  O  OD1 . ASN A 1 104 ? 12.047  -0.167  9.179   1.00 11.89 ? 1168 ASN A OD1 1 
ATOM   746  N  ND2 . ASN A 1 104 ? 9.892   -0.326  8.582   1.00 11.47 ? 1168 ASN A ND2 1 
ATOM   747  N  N   . ARG A 1 105 ? 11.351  0.748   13.882  1.00 13.83 ? 1169 ARG A N   1 
ATOM   748  C  CA  . ARG A 1 105 ? 11.158  1.420   15.174  1.00 15.13 ? 1169 ARG A CA  1 
ATOM   749  C  C   . ARG A 1 105 ? 10.396  2.742   15.009  1.00 14.09 ? 1169 ARG A C   1 
ATOM   750  O  O   . ARG A 1 105 ? 10.450  3.383   13.961  1.00 12.97 ? 1169 ARG A O   1 
ATOM   751  C  CB  . ARG A 1 105 ? 12.505  1.670   15.867  1.00 17.28 ? 1169 ARG A CB  1 
ATOM   752  C  CG  . ARG A 1 105 ? 13.150  0.405   16.430  1.00 20.94 ? 1169 ARG A CG  1 
ATOM   753  C  CD  . ARG A 1 105 ? 14.314  0.715   17.367  1.00 23.80 ? 1169 ARG A CD  1 
ATOM   754  N  NE  . ARG A 1 105 ? 14.399  -0.253  18.469  1.00 28.03 ? 1169 ARG A NE  1 
ATOM   755  C  CZ  . ARG A 1 105 ? 14.082  -0.035  19.749  1.00 30.03 ? 1169 ARG A CZ  1 
ATOM   756  N  NH1 . ARG A 1 105 ? 13.650  1.151   20.188  1.00 32.41 ? 1169 ARG A NH1 1 
ATOM   757  N  NH2 . ARG A 1 105 ? 14.219  -1.028  20.621  1.00 32.39 ? 1169 ARG A NH2 1 
ATOM   758  N  N   . LYS A 1 106 ? 9.701   3.153   16.064  1.00 14.35 ? 1170 LYS A N   1 
ATOM   759  C  CA  . LYS A 1 106 ? 8.898   4.371   16.044  1.00 14.84 ? 1170 LYS A CA  1 
ATOM   760  C  C   . LYS A 1 106 ? 9.749   5.608   15.713  1.00 14.03 ? 1170 LYS A C   1 
ATOM   761  O  O   . LYS A 1 106 ? 9.261   6.546   15.098  1.00 13.81 ? 1170 LYS A O   1 
ATOM   762  C  CB  . LYS A 1 106 ? 8.189   4.577   17.392  1.00 16.20 ? 1170 LYS A CB  1 
ATOM   763  C  CG  . LYS A 1 106 ? 7.097   3.575   17.705  1.00 17.94 ? 1170 LYS A CG  1 
ATOM   764  C  CD  . LYS A 1 106 ? 6.380   3.895   19.015  1.00 18.86 ? 1170 LYS A CD  1 
ATOM   765  C  CE  . LYS A 1 106 ? 5.633   2.687   19.561  1.00 20.95 ? 1170 LYS A CE  1 
ATOM   766  N  N   . THR A 1 107 ? 11.014  5.591   16.126  1.00 13.46 ? 1171 THR A N   1 
ATOM   767  C  CA  . THR A 1 107 ? 11.935  6.701   15.843  1.00 13.66 ? 1171 THR A CA  1 
ATOM   768  C  C   . THR A 1 107 ? 12.484  6.737   14.416  1.00 12.94 ? 1171 THR A C   1 
ATOM   769  O  O   . THR A 1 107 ? 13.139  7.717   14.022  1.00 13.69 ? 1171 THR A O   1 
ATOM   770  C  CB  . THR A 1 107 ? 13.131  6.643   16.799  1.00 14.26 ? 1171 THR A CB  1 
ATOM   771  O  OG1 . THR A 1 107 ? 13.723  5.337   16.729  1.00 15.24 ? 1171 THR A OG1 1 
ATOM   772  C  CG2 . THR A 1 107 ? 12.680  6.940   18.206  1.00 14.92 ? 1171 THR A CG2 1 
ATOM   773  N  N   . SER A 1 108 ? 12.222  5.690   13.630  1.00 12.05 ? 1172 SER A N   1 
ATOM   774  C  CA  . SER A 1 108 ? 12.850  5.538   12.324  1.00 11.60 ? 1172 SER A CA  1 
ATOM   775  C  C   . SER A 1 108 ? 12.198  6.366   11.205  1.00 11.31 ? 1172 SER A C   1 
ATOM   776  O  O   . SER A 1 108 ? 11.011  6.694   11.249  1.00 10.92 ? 1172 SER A O   1 
ATOM   777  C  CB  . SER A 1 108 ? 12.902  4.059   11.942  1.00 12.22 ? 1172 SER A CB  1 
ATOM   778  O  OG  . SER A 1 108 ? 11.635  3.602   11.507  1.00 12.49 ? 1172 SER A OG  1 
ATOM   779  N  N   . ARG A 1 109 ? 13.010  6.691   10.199  1.00 10.87 ? 1173 ARG A N   1 
ATOM   780  C  CA  . ARG A 1 109 ? 12.553  7.383   8.996   1.00 10.60 ? 1173 ARG A CA  1 
ATOM   781  C  C   . ARG A 1 109 ? 11.399  6.626   8.317   1.00 10.55 ? 1173 ARG A C   1 
ATOM   782  O  O   . ARG A 1 109 ? 10.367  7.213   7.995   1.00 10.30 ? 1173 ARG A O   1 
ATOM   783  C  CB  . ARG A 1 109 ? 13.729  7.544   8.038   1.00 10.74 ? 1173 ARG A CB  1 
ATOM   784  C  CG  . ARG A 1 109 ? 13.446  8.206   6.712   1.00 10.88 ? 1173 ARG A CG  1 
ATOM   785  C  CD  . ARG A 1 109 ? 14.753  8.393   5.968   1.00 10.72 ? 1173 ARG A CD  1 
ATOM   786  N  NE  . ARG A 1 109 ? 14.640  9.115   4.698   1.00 10.92 ? 1173 ARG A NE  1 
ATOM   787  C  CZ  . ARG A 1 109 ? 14.393  8.566   3.498   1.00 11.24 ? 1173 ARG A CZ  1 
ATOM   788  N  NH1 . ARG A 1 109 ? 14.184  7.255   3.347   1.00 11.24 ? 1173 ARG A NH1 1 
ATOM   789  N  NH2 . ARG A 1 109 ? 14.348  9.350   2.434   1.00 11.42 ? 1173 ARG A NH2 1 
ATOM   790  N  N   . VAL A 1 110 ? 11.558  5.320   8.131   1.00 10.65 ? 1174 VAL A N   1 
ATOM   791  C  CA  . VAL A 1 110 ? 10.522  4.557   7.413   1.00 10.65 ? 1174 VAL A CA  1 
ATOM   792  C  C   . VAL A 1 110 ? 9.188   4.533   8.163   1.00 11.15 ? 1174 VAL A C   1 
ATOM   793  O  O   . VAL A 1 110 ? 8.119   4.662   7.543   1.00 11.21 ? 1174 VAL A O   1 
ATOM   794  C  CB  . VAL A 1 110 ? 10.983  3.129   7.078   1.00 10.67 ? 1174 VAL A CB  1 
ATOM   795  C  CG1 . VAL A 1 110 ? 9.828   2.323   6.474   1.00 10.75 ? 1174 VAL A CG1 1 
ATOM   796  C  CG2 . VAL A 1 110 ? 12.148  3.177   6.104   1.00 10.86 ? 1174 VAL A CG2 1 
ATOM   797  N  N   . TYR A 1 111 ? 9.240   4.369   9.483   1.00 11.34 ? 1175 TYR A N   1 
ATOM   798  C  CA  . TYR A 1 111 ? 8.040   4.389   10.313  1.00 11.66 ? 1175 TYR A CA  1 
ATOM   799  C  C   . TYR A 1 111 ? 7.334   5.737   10.177  1.00 12.00 ? 1175 TYR A C   1 
ATOM   800  O  O   . TYR A 1 111 ? 6.122   5.798   9.982   1.00 11.68 ? 1175 TYR A O   1 
ATOM   801  C  CB  . TYR A 1 111 ? 8.403   4.115   11.774  1.00 11.84 ? 1175 TYR A CB  1 
ATOM   802  C  CG  . TYR A 1 111 ? 7.239   3.900   12.711  1.00 11.82 ? 1175 TYR A CG  1 
ATOM   803  C  CD1 . TYR A 1 111 ? 6.445   4.966   13.145  1.00 12.20 ? 1175 TYR A CD1 1 
ATOM   804  C  CD2 . TYR A 1 111 ? 6.942   2.628   13.204  1.00 11.92 ? 1175 TYR A CD2 1 
ATOM   805  C  CE1 . TYR A 1 111 ? 5.393   4.771   14.030  1.00 12.73 ? 1175 TYR A CE1 1 
ATOM   806  C  CE2 . TYR A 1 111 ? 5.896   2.429   14.087  1.00 12.32 ? 1175 TYR A CE2 1 
ATOM   807  C  CZ  . TYR A 1 111 ? 5.122   3.499   14.496  1.00 12.75 ? 1175 TYR A CZ  1 
ATOM   808  O  OH  . TYR A 1 111 ? 4.077   3.293   15.372  1.00 14.96 ? 1175 TYR A OH  1 
ATOM   809  N  N   . LYS A 1 112 ? 8.101   6.814   10.294  1.00 12.25 ? 1176 LYS A N   1 
ATOM   810  C  CA  . LYS A 1 112 ? 7.533   8.157   10.199  1.00 13.04 ? 1176 LYS A CA  1 
ATOM   811  C  C   . LYS A 1 112 ? 6.956   8.469   8.810   1.00 12.35 ? 1176 LYS A C   1 
ATOM   812  O  O   . LYS A 1 112 ? 5.865   9.051   8.695   1.00 12.56 ? 1176 LYS A O   1 
ATOM   813  C  CB  . LYS A 1 112 ? 8.566   9.179   10.675  1.00 14.00 ? 1176 LYS A CB  1 
ATOM   814  C  CG  . LYS A 1 112 ? 8.792   9.048   12.178  1.00 15.67 ? 1176 LYS A CG  1 
ATOM   815  C  CD  . LYS A 1 112 ? 9.877   9.971   12.697  1.00 17.12 ? 1176 LYS A CD  1 
ATOM   816  C  CE  . LYS A 1 112 ? 10.092  9.813   14.196  1.00 18.27 ? 1176 LYS A CE  1 
ATOM   817  N  NZ  . LYS A 1 112 ? 8.909   10.198  15.011  1.00 19.14 ? 1176 LYS A NZ  1 
ATOM   818  N  N   . PHE A 1 113 ? 7.640   8.021   7.762   1.00 11.73 ? 1177 PHE A N   1 
ATOM   819  C  CA  . PHE A 1 113 ? 7.113   8.095   6.392   1.00 11.00 ? 1177 PHE A CA  1 
ATOM   820  C  C   . PHE A 1 113 ? 5.812   7.298   6.245   1.00 10.99 ? 1177 PHE A C   1 
ATOM   821  O  O   . PHE A 1 113 ? 4.852   7.768   5.634   1.00 10.90 ? 1177 PHE A O   1 
ATOM   822  C  CB  . PHE A 1 113 ? 8.148   7.587   5.386   1.00 10.72 ? 1177 PHE A CB  1 
ATOM   823  C  CG  . PHE A 1 113 ? 9.256   8.571   5.071   1.00 10.62 ? 1177 PHE A CG  1 
ATOM   824  C  CD1 . PHE A 1 113 ? 9.477   9.713   5.846   1.00 10.68 ? 1177 PHE A CD1 1 
ATOM   825  C  CD2 . PHE A 1 113 ? 10.107  8.320   4.006   1.00 10.78 ? 1177 PHE A CD2 1 
ATOM   826  C  CE1 . PHE A 1 113 ? 10.503  10.587  5.516   1.00 10.47 ? 1177 PHE A CE1 1 
ATOM   827  C  CE2 . PHE A 1 113 ? 11.126  9.189   3.673   1.00 10.59 ? 1177 PHE A CE2 1 
ATOM   828  C  CZ  . PHE A 1 113 ? 11.328  10.321  4.446   1.00 10.56 ? 1177 PHE A CZ  1 
ATOM   829  N  N   . CYS A 1 114 ? 5.785   6.106   6.832   1.00 10.74 ? 1178 CYS A N   1 
ATOM   830  C  CA  . CYS A 1 114 ? 4.596   5.266   6.781   1.00 10.92 ? 1178 CYS A CA  1 
ATOM   831  C  C   . CYS A 1 114 ? 3.389   5.994   7.378   1.00 11.22 ? 1178 CYS A C   1 
ATOM   832  O  O   . CYS A 1 114 ? 2.317   6.039   6.769   1.00 11.21 ? 1178 CYS A O   1 
ATOM   833  C  CB  . CYS A 1 114 ? 4.849   3.984   7.546   1.00 10.88 ? 1178 CYS A CB  1 
ATOM   834  S  SG  . CYS A 1 114 ? 3.465   2.847   7.397   1.00 11.41 ? 1178 CYS A SG  1 
ATOM   835  N  N   . SER A 1 115 ? 3.581   6.571   8.560   1.00 11.49 ? 1179 SER A N   1 
ATOM   836  C  CA  . SER A 1 115 ? 2.505   7.306   9.230   1.00 12.32 ? 1179 SER A CA  1 
ATOM   837  C  C   . SER A 1 115 ? 1.986   8.439   8.356   1.00 12.95 ? 1179 SER A C   1 
ATOM   838  O  O   . SER A 1 115 ? 0.767   8.652   8.267   1.00 13.05 ? 1179 SER A O   1 
ATOM   839  C  CB  . SER A 1 115 ? 2.976   7.840   10.579  1.00 12.34 ? 1179 SER A CB  1 
ATOM   840  O  OG  . SER A 1 115 ? 3.236   6.783   11.472  1.00 12.19 ? 1179 SER A OG  1 
ATOM   841  N  N   . LYS A 1 116 ? 2.879   9.136   7.662   1.00 13.53 ? 1180 LYS A N   1 
ATOM   842  C  CA  . LYS A 1 116 ? 2.449   10.208  6.759   1.00 15.07 ? 1180 LYS A CA  1 
ATOM   843  C  C   . LYS A 1 116 ? 1.672   9.700   5.544   1.00 14.15 ? 1180 LYS A C   1 
ATOM   844  O  O   . LYS A 1 116 ? 0.620   10.252  5.183   1.00 14.08 ? 1180 LYS A O   1 
ATOM   845  C  CB  . LYS A 1 116 ? 3.645   11.046  6.304   1.00 16.75 ? 1180 LYS A CB  1 
ATOM   846  C  CG  . LYS A 1 116 ? 3.281   12.220  5.410   1.00 19.25 ? 1180 LYS A CG  1 
ATOM   847  C  CD  . LYS A 1 116 ? 2.218   13.102  6.055   1.00 21.00 ? 1180 LYS A CD  1 
ATOM   848  C  CE  . LYS A 1 116 ? 1.836   14.261  5.165   1.00 22.07 ? 1180 LYS A CE  1 
ATOM   849  N  NZ  . LYS A 1 116 ? 3.006   15.122  4.890   1.00 22.43 ? 1180 LYS A NZ  1 
ATOM   850  N  N   . LEU A 1 117 ? 2.186   8.650   4.909   1.00 13.32 ? 1181 LEU A N   1 
ATOM   851  C  CA  . LEU A 1 117 ? 1.478   7.993   3.815   1.00 13.00 ? 1181 LEU A CA  1 
ATOM   852  C  C   . LEU A 1 117 ? 0.104   7.484   4.215   1.00 12.49 ? 1181 LEU A C   1 
ATOM   853  O  O   . LEU A 1 117 ? -0.832  7.551   3.419   1.00 12.19 ? 1181 LEU A O   1 
ATOM   854  C  CB  . LEU A 1 117 ? 2.274   6.812   3.268   1.00 13.36 ? 1181 LEU A CB  1 
ATOM   855  C  CG  . LEU A 1 117 ? 3.549   7.077   2.486   1.00 13.93 ? 1181 LEU A CG  1 
ATOM   856  C  CD1 . LEU A 1 117 ? 3.998   5.756   1.875   1.00 14.09 ? 1181 LEU A CD1 1 
ATOM   857  C  CD2 . LEU A 1 117 ? 3.367   8.128   1.413   1.00 14.36 ? 1181 LEU A CD2 1 
ATOM   858  N  N   . ALA A 1 118 ? -0.011  6.955   5.427   1.00 12.31 ? 1182 ALA A N   1 
ATOM   859  C  CA  . ALA A 1 118 ? -1.301  6.453   5.917   1.00 12.17 ? 1182 ALA A CA  1 
ATOM   860  C  C   . ALA A 1 118 ? -2.316  7.589   6.034   1.00 12.57 ? 1182 ALA A C   1 
ATOM   861  O  O   . ALA A 1 118 ? -3.493  7.414   5.701   1.00 12.42 ? 1182 ALA A O   1 
ATOM   862  C  CB  . ALA A 1 118 ? -1.128  5.736   7.241   1.00 12.08 ? 1182 ALA A CB  1 
ATOM   863  N  N   . GLU A 1 119 ? -1.862  8.753   6.497   1.00 13.24 ? 1183 GLU A N   1 
ATOM   864  C  CA  . GLU A 1 119 ? -2.749  9.927   6.579   1.00 14.29 ? 1183 GLU A CA  1 
ATOM   865  C  C   . GLU A 1 119 ? -3.237  10.370  5.191   1.00 13.01 ? 1183 GLU A C   1 
ATOM   866  O  O   . GLU A 1 119 ? -4.425  10.682  4.998   1.00 12.32 ? 1183 GLU A O   1 
ATOM   867  C  CB  . GLU A 1 119 ? -2.037  11.080  7.290   1.00 16.57 ? 1183 GLU A CB  1 
ATOM   868  C  CG  . GLU A 1 119 ? -1.801  10.835  8.771   1.00 19.62 ? 1183 GLU A CG  1 
ATOM   869  C  CD  . GLU A 1 119 ? -0.815  11.812  9.407   1.00 23.97 ? 1183 GLU A CD  1 
ATOM   870  O  OE1 . GLU A 1 119 ? -0.032  12.478  8.689   1.00 28.53 ? 1183 GLU A OE1 1 
ATOM   871  O  OE2 . GLU A 1 119 ? -0.819  11.913  10.652  1.00 29.67 ? 1183 GLU A OE2 1 
ATOM   872  N  N   . VAL A 1 120 ? -2.323  10.407  4.231   1.00 12.16 ? 1184 VAL A N   1 
ATOM   873  C  CA  . VAL A 1 120 ? -2.669  10.733  2.845   1.00 12.03 ? 1184 VAL A CA  1 
ATOM   874  C  C   . VAL A 1 120 ? -3.684  9.733   2.300   1.00 11.98 ? 1184 VAL A C   1 
ATOM   875  O  O   . VAL A 1 120 ? -4.679  10.118  1.697   1.00 11.61 ? 1184 VAL A O   1 
ATOM   876  C  CB  . VAL A 1 120 ? -1.425  10.749  1.932   1.00 12.38 ? 1184 VAL A CB  1 
ATOM   877  C  CG1 . VAL A 1 120 ? -1.789  10.859  0.456   1.00 12.90 ? 1184 VAL A CG1 1 
ATOM   878  C  CG2 . VAL A 1 120 ? -0.487  11.889  2.328   1.00 12.57 ? 1184 VAL A CG2 1 
ATOM   879  N  N   . PHE A 1 121 ? -3.413  8.450   2.509   1.00 11.87 ? 1185 PHE A N   1 
ATOM   880  C  CA  . PHE A 1 121 ? -4.292  7.421   1.989   1.00 11.65 ? 1185 PHE A CA  1 
ATOM   881  C  C   . PHE A 1 121 ? -5.699  7.513   2.575   1.00 12.03 ? 1185 PHE A C   1 
ATOM   882  O  O   . PHE A 1 121 ? -6.668  7.380   1.836   1.00 12.25 ? 1185 PHE A O   1 
ATOM   883  C  CB  . PHE A 1 121 ? -3.733  6.017   2.247   1.00 11.57 ? 1185 PHE A CB  1 
ATOM   884  C  CG  . PHE A 1 121 ? -4.512  4.943   1.574   1.00 11.37 ? 1185 PHE A CG  1 
ATOM   885  C  CD1 . PHE A 1 121 ? -4.571  4.873   0.182   1.00 11.33 ? 1185 PHE A CD1 1 
ATOM   886  C  CD2 . PHE A 1 121 ? -5.184  3.986   2.324   1.00 11.18 ? 1185 PHE A CD2 1 
ATOM   887  C  CE1 . PHE A 1 121 ? -5.294  3.881   -0.446  1.00 11.65 ? 1185 PHE A CE1 1 
ATOM   888  C  CE2 . PHE A 1 121 ? -5.906  2.983   1.692   1.00 11.25 ? 1185 PHE A CE2 1 
ATOM   889  C  CZ  . PHE A 1 121 ? -5.965  2.941   0.312   1.00 11.46 ? 1185 PHE A CZ  1 
ATOM   890  N  N   . GLU A 1 122 ? -5.796  7.728   3.883   1.00 12.87 ? 1186 GLU A N   1 
ATOM   891  C  CA  . GLU A 1 122 ? -7.105  7.820   4.543   1.00 14.43 ? 1186 GLU A CA  1 
ATOM   892  C  C   . GLU A 1 122 ? -7.954  8.928   3.924   1.00 14.39 ? 1186 GLU A C   1 
ATOM   893  O  O   . GLU A 1 122 ? -9.131  8.741   3.633   1.00 13.75 ? 1186 GLU A O   1 
ATOM   894  C  CB  . GLU A 1 122 ? -6.940  8.066   6.043   1.00 16.09 ? 1186 GLU A CB  1 
ATOM   895  C  CG  . GLU A 1 122 ? -8.228  7.977   6.842   1.00 18.32 ? 1186 GLU A CG  1 
ATOM   896  C  CD  . GLU A 1 122 ? -7.998  8.216   8.315   1.00 20.80 ? 1186 GLU A CD  1 
ATOM   897  O  OE1 . GLU A 1 122 ? -7.518  7.296   9.017   1.00 23.62 ? 1186 GLU A OE1 1 
ATOM   898  O  OE2 . GLU A 1 122 ? -8.288  9.334   8.769   1.00 23.61 ? 1186 GLU A OE2 1 
ATOM   899  N  N   . GLN A 1 123 ? -7.334  10.082  3.710   1.00 14.72 ? 1187 GLN A N   1 
ATOM   900  C  CA  . GLN A 1 123 ? -8.026  11.228  3.115   1.00 15.56 ? 1187 GLN A CA  1 
ATOM   901  C  C   . GLN A 1 123 ? -8.437  10.939  1.668   1.00 14.74 ? 1187 GLN A C   1 
ATOM   902  O  O   . GLN A 1 123 ? -9.516  11.336  1.240   1.00 14.58 ? 1187 GLN A O   1 
ATOM   903  C  CB  . GLN A 1 123 ? -7.130  12.477  3.183   1.00 17.77 ? 1187 GLN A CB  1 
ATOM   904  C  CG  . GLN A 1 123 ? -6.778  12.928  4.599   1.00 20.06 ? 1187 GLN A CG  1 
ATOM   905  C  CD  . GLN A 1 123 ? -5.503  13.758  4.697   1.00 22.00 ? 1187 GLN A CD  1 
ATOM   906  O  OE1 . GLN A 1 123 ? -4.839  14.028  3.691   1.00 26.01 ? 1187 GLN A OE1 1 
ATOM   907  N  NE2 . GLN A 1 123 ? -5.152  14.169  5.922   1.00 23.61 ? 1187 GLN A NE2 1 
ATOM   908  N  N   . GLU A 1 124 ? -7.578  10.237  0.921   1.00 13.62 ? 1188 GLU A N   1 
ATOM   909  C  CA  . GLU A 1 124 ? -7.863  9.868   -0.476  1.00 13.86 ? 1188 GLU A CA  1 
ATOM   910  C  C   . GLU A 1 124 ? -8.932  8.797   -0.620  1.00 13.55 ? 1188 GLU A C   1 
ATOM   911  O  O   . GLU A 1 124 ? -9.792  8.879   -1.497  1.00 13.01 ? 1188 GLU A O   1 
ATOM   912  C  CB  . GLU A 1 124 ? -6.593  9.361   -1.168  1.00 14.52 ? 1188 GLU A CB  1 
ATOM   913  C  CG  . GLU A 1 124 ? -5.652  10.472  -1.592  1.00 15.52 ? 1188 GLU A CG  1 
ATOM   914  C  CD  . GLU A 1 124 ? -6.045  11.122  -2.912  1.00 16.54 ? 1188 GLU A CD  1 
ATOM   915  O  OE1 . GLU A 1 124 ? -6.612  10.451  -3.817  1.00 17.24 ? 1188 GLU A OE1 1 
ATOM   916  O  OE2 . GLU A 1 124 ? -5.709  12.310  -3.056  1.00 18.65 ? 1188 GLU A OE2 1 
ATOM   917  N  N   . ILE A 1 125 ? -8.837  7.759   0.203   1.00 12.68 ? 1189 ILE A N   1 
ATOM   918  C  CA  . ILE A 1 125 ? -9.660  6.568   -0.009  1.00 12.76 ? 1189 ILE A CA  1 
ATOM   919  C  C   . ILE A 1 125 ? -11.093 6.732   0.497   1.00 13.29 ? 1189 ILE A C   1 
ATOM   920  O  O   . ILE A 1 125 ? -12.015 6.181   -0.091  1.00 13.26 ? 1189 ILE A O   1 
ATOM   921  C  CB  . ILE A 1 125 ? -8.986  5.312   0.587   1.00 12.81 ? 1189 ILE A CB  1 
ATOM   922  C  CG1 . ILE A 1 125 ? -9.552  4.027   -0.037  1.00 12.94 ? 1189 ILE A CG1 1 
ATOM   923  C  CG2 . ILE A 1 125 ? -9.111  5.259   2.101   1.00 12.52 ? 1189 ILE A CG2 1 
ATOM   924  C  CD1 . ILE A 1 125 ? -9.409  3.912   -1.539  1.00 13.18 ? 1189 ILE A CD1 1 
ATOM   925  N  N   . ASP A 1 126 ? -11.293 7.511   1.561   1.00 14.03 ? 1190 ASP A N   1 
ATOM   926  C  CA  . ASP A 1 126 ? -12.631 7.623   2.155   1.00 14.89 ? 1190 ASP A CA  1 
ATOM   927  C  C   . ASP A 1 126 ? -13.709 8.100   1.172   1.00 15.10 ? 1190 ASP A C   1 
ATOM   928  O  O   . ASP A 1 126 ? -14.750 7.453   1.065   1.00 15.13 ? 1190 ASP A O   1 
ATOM   929  C  CB  . ASP A 1 126 ? -12.623 8.470   3.433   1.00 15.39 ? 1190 ASP A CB  1 
ATOM   930  C  CG  . ASP A 1 126 ? -12.043 7.734   4.625   1.00 16.02 ? 1190 ASP A CG  1 
ATOM   931  O  OD1 . ASP A 1 126 ? -11.752 6.521   4.521   1.00 16.91 ? 1190 ASP A OD1 1 
ATOM   932  O  OD2 . ASP A 1 126 ? -11.882 8.372   5.680   1.00 16.52 ? 1190 ASP A OD2 1 
ATOM   933  N  N   . PRO A 1 127 ? -13.463 9.194   0.426   1.00 15.02 ? 1191 PRO A N   1 
ATOM   934  C  CA  . PRO A 1 127 ? -14.490 9.630   -0.544  1.00 15.22 ? 1191 PRO A CA  1 
ATOM   935  C  C   . PRO A 1 127 ? -14.710 8.620   -1.670  1.00 15.51 ? 1191 PRO A C   1 
ATOM   936  O  O   . PRO A 1 127 ? -15.822 8.498   -2.183  1.00 16.01 ? 1191 PRO A O   1 
ATOM   937  C  CB  . PRO A 1 127 ? -13.925 10.940  -1.111  1.00 15.55 ? 1191 PRO A CB  1 
ATOM   938  C  CG  . PRO A 1 127 ? -12.916 11.393  -0.116  1.00 15.58 ? 1191 PRO A CG  1 
ATOM   939  C  CD  . PRO A 1 127 ? -12.372 10.175  0.551   1.00 15.13 ? 1191 PRO A CD  1 
ATOM   940  N  N   . VAL A 1 128 ? -13.653 7.903   -2.039  1.00 15.23 ? 1192 VAL A N   1 
ATOM   941  C  CA  . VAL A 1 128 ? -13.746 6.893   -3.085  1.00 15.66 ? 1192 VAL A CA  1 
ATOM   942  C  C   . VAL A 1 128 ? -14.601 5.719   -2.625  1.00 16.48 ? 1192 VAL A C   1 
ATOM   943  O  O   . VAL A 1 128 ? -15.440 5.250   -3.377  1.00 17.20 ? 1192 VAL A O   1 
ATOM   944  C  CB  . VAL A 1 128 ? -12.352 6.416   -3.547  1.00 15.78 ? 1192 VAL A CB  1 
ATOM   945  C  CG1 . VAL A 1 128 ? -12.464 5.250   -4.524  1.00 16.19 ? 1192 VAL A CG1 1 
ATOM   946  C  CG2 . VAL A 1 128 ? -11.613 7.581   -4.199  1.00 15.79 ? 1192 VAL A CG2 1 
ATOM   947  N  N   . MET A 1 129 ? -14.393 5.263   -1.393  1.00 17.91 ? 1193 MET A N   1 
ATOM   948  C  CA  . MET A 1 129 ? -15.158 4.126   -0.864  1.00 19.61 ? 1193 MET A CA  1 
ATOM   949  C  C   . MET A 1 129 ? -16.628 4.487   -0.706  1.00 21.87 ? 1193 MET A C   1 
ATOM   950  O  O   . MET A 1 129 ? -17.495 3.635   -0.923  1.00 22.48 ? 1193 MET A O   1 
ATOM   951  C  CB  . MET A 1 129 ? -14.577 3.637   0.463   1.00 20.67 ? 1193 MET A CB  1 
ATOM   952  C  CG  . MET A 1 129 ? -13.178 3.050   0.336   1.00 21.76 ? 1193 MET A CG  1 
ATOM   953  S  SD  . MET A 1 129 ? -13.062 1.607   -0.734  1.00 23.40 ? 1193 MET A SD  1 
ATOM   954  C  CE  . MET A 1 129 ? -13.714 0.349   0.368   1.00 23.51 ? 1193 MET A CE  1 
ATOM   955  N  N   . GLN A 1 130 ? -16.899 5.743   -0.348  1.00 23.97 ? 1194 GLN A N   1 
ATOM   956  C  CA  . GLN A 1 130 ? -18.273 6.258   -0.306  1.00 25.28 ? 1194 GLN A CA  1 
ATOM   957  C  C   . GLN A 1 130 ? -18.940 6.229   -1.673  1.00 25.64 ? 1194 GLN A C   1 
ATOM   958  O  O   . GLN A 1 130 ? -20.097 5.810   -1.793  1.00 26.45 ? 1194 GLN A O   1 
ATOM   959  C  CB  . GLN A 1 130 ? -18.302 7.673   0.271   1.00 27.98 ? 1194 GLN A CB  1 
ATOM   960  C  CG  . GLN A 1 130 ? -18.365 7.685   1.787   1.00 31.00 ? 1194 GLN A CG  1 
ATOM   961  C  CD  . GLN A 1 130 ? -19.771 7.456   2.312   1.00 33.46 ? 1194 GLN A CD  1 
ATOM   962  O  OE1 . GLN A 1 130 ? -20.182 6.317   2.555   1.00 37.21 ? 1194 GLN A OE1 1 
ATOM   963  N  NE2 . GLN A 1 130 ? -20.520 8.539   2.485   1.00 35.59 ? 1194 GLN A NE2 1 
ATOM   964  N  N   . SER A 1 131 ? -18.205 6.656   -2.696  1.00 24.90 ? 1195 SER A N   1 
ATOM   965  C  CA  . SER A 1 131 ? -18.713 6.696   -4.067  1.00 25.95 ? 1195 SER A CA  1 
ATOM   966  C  C   . SER A 1 131 ? -18.948 5.298   -4.655  1.00 26.16 ? 1195 SER A C   1 
ATOM   967  O  O   . SER A 1 131 ? -19.922 5.085   -5.382  1.00 26.92 ? 1195 SER A O   1 
ATOM   968  C  CB  . SER A 1 131 ? -17.769 7.495   -4.964  1.00 27.29 ? 1195 SER A CB  1 
ATOM   969  O  OG  . SER A 1 131 ? -17.780 8.864   -4.598  1.00 29.42 ? 1195 SER A OG  1 
ATOM   970  N  N   . LEU A 1 132 ? -18.067 4.353   -4.336  1.00 25.26 ? 1196 LEU A N   1 
ATOM   971  C  CA  . LEU A 1 132 ? -18.188 2.979   -4.843  1.00 25.36 ? 1196 LEU A CA  1 
ATOM   972  C  C   . LEU A 1 132 ? -19.286 2.182   -4.137  1.00 27.14 ? 1196 LEU A C   1 
ATOM   973  O  O   . LEU A 1 132 ? -19.852 1.265   -4.736  1.00 28.09 ? 1196 LEU A O   1 
ATOM   974  C  CB  . LEU A 1 132 ? -16.859 2.227   -4.717  1.00 24.01 ? 1196 LEU A CB  1 
ATOM   975  C  CG  . LEU A 1 132 ? -15.725 2.691   -5.630  1.00 24.29 ? 1196 LEU A CG  1 
ATOM   976  C  CD1 . LEU A 1 132 ? -14.414 2.038   -5.210  1.00 23.74 ? 1196 LEU A CD1 1 
ATOM   977  C  CD2 . LEU A 1 132 ? -16.029 2.397   -7.097  1.00 24.02 ? 1196 LEU A CD2 1 
ATOM   978  N  N   . GLY A 1 133 ? -19.565 2.507   -2.875  1.00 29.11 ? 1197 GLY A N   1 
ATOM   979  C  CA  . GLY A 1 133 ? -20.594 1.809   -2.095  1.00 31.01 ? 1197 GLY A CA  1 
ATOM   980  C  C   . GLY A 1 133 ? -20.125 0.462   -1.574  1.00 32.88 ? 1197 GLY A C   1 
ATOM   981  O  O   . GLY A 1 133 ? -19.321 -0.226  -2.211  1.00 34.81 ? 1197 GLY A O   1 
HETATM 982  O  OAW . E0D B 2 .   ? 14.407  7.145   0.591   1.00 14.76 ? 1201 E0D A OAW 1 
HETATM 983  C  CAV . E0D B 2 .   ? 14.857  6.494   -0.356  1.00 14.47 ? 1201 E0D A CAV 1 
HETATM 984  O  OAX . E0D B 2 .   ? 15.478  6.986   -1.333  1.00 15.47 ? 1201 E0D A OAX 1 
HETATM 985  C  CAR . E0D B 2 .   ? 14.588  4.966   -0.314  1.00 14.86 ? 1201 E0D A CAR 1 
HETATM 986  C  CAQ . E0D B 2 .   ? 15.304  4.412   0.879   1.00 14.73 ? 1201 E0D A CAQ 1 
HETATM 987  C  CAS . E0D B 2 .   ? 15.018  4.272   -1.635  1.00 15.49 ? 1201 E0D A CAS 1 
HETATM 988  C  CAT . E0D B 2 .   ? 14.782  2.742   -1.496  1.00 15.46 ? 1201 E0D A CAT 1 
HETATM 989  C  CAU . E0D B 2 .   ? 15.537  2.232   -0.302  1.00 15.10 ? 1201 E0D A CAU 1 
HETATM 990  N  NAO . E0D B 2 .   ? 15.042  2.940   0.915   1.00 14.29 ? 1201 E0D A NAO 1 
HETATM 991  C  C   . E0D B 2 .   ? 14.426  2.338   1.968   1.00 13.15 ? 1201 E0D A C   1 
HETATM 992  O  O   . E0D B 2 .   ? 14.042  2.953   2.963   1.00 13.55 ? 1201 E0D A O   1 
HETATM 993  C  CA  . E0D B 2 .   ? 14.243  0.827   1.866   1.00 12.36 ? 1201 E0D A CA  1 
HETATM 994  N  N   . E0D B 2 .   ? 13.482  0.310   3.055   1.00 11.50 ? 1201 E0D A N   1 
HETATM 995  C  CAH . E0D B 2 .   ? 12.166  0.045   3.065   1.00 10.90 ? 1201 E0D A CAH 1 
HETATM 996  C  CAE . E0D B 2 .   ? 13.976  -0.019  4.249   1.00 11.04 ? 1201 E0D A CAE 1 
HETATM 997  C  CAF . E0D B 2 .   ? 15.247  0.051   4.712   1.00 11.33 ? 1201 E0D A CAF 1 
HETATM 998  C  CAA . E0D B 2 .   ? 15.550  -0.348  6.004   1.00 11.17 ? 1201 E0D A CAA 1 
HETATM 999  C  CAB . E0D B 2 .   ? 14.532  -0.820  6.820   1.00 11.52 ? 1201 E0D A CAB 1 
HETATM 1000 C  CAC . E0D B 2 .   ? 13.239  -0.869  6.280   1.00 11.02 ? 1201 E0D A CAC 1 
HETATM 1001 C  CAD . E0D B 2 .   ? 12.966  -0.483  5.016   1.00 10.88 ? 1201 E0D A CAD 1 
HETATM 1002 C  CAG . E0D B 2 .   ? 11.822  -0.433  4.273   1.00 10.49 ? 1201 E0D A CAG 1 
HETATM 1003 C  CAK . E0D B 2 .   ? 10.541  -0.810  4.645   1.00 10.60 ? 1201 E0D A CAK 1 
HETATM 1004 O  OAM . E0D B 2 .   ? 10.253  -1.333  5.726   1.00 10.47 ? 1201 E0D A OAM 1 
HETATM 1005 C  CAL . E0D B 2 .   ? 9.383   -0.552  3.674   1.00 10.47 ? 1201 E0D A CAL 1 
HETATM 1006 C  C1  . EDO C 3 .   ? 10.881  -5.645  14.621  1.00 39.31 ? 1202 EDO A C1  1 
HETATM 1007 O  O1  . EDO C 3 .   ? 12.063  -5.433  13.844  1.00 37.48 ? 1202 EDO A O1  1 
HETATM 1008 C  C2  . EDO C 3 .   ? 11.042  -6.889  15.486  1.00 39.79 ? 1202 EDO A C2  1 
HETATM 1009 O  O2  . EDO C 3 .   ? 9.746   -7.412  15.799  1.00 42.29 ? 1202 EDO A O2  1 
HETATM 1010 MG MG  . MG  D 4 .   ? 7.028   17.210  2.207   1.00 18.47 ? 1203 MG  A MG  1 
HETATM 1011 O  O   . HOH E 5 .   ? 7.099   -5.542  -7.951  1.00 27.16 ? 1301 HOH A O   1 
HETATM 1012 O  O   . HOH E 5 .   ? 7.888   16.015  3.639   1.00 18.33 ? 1302 HOH A O   1 
HETATM 1013 O  O   . HOH E 5 .   ? -23.428 -14.917 -5.408  1.00 21.02 ? 1303 HOH A O   1 
HETATM 1014 O  O   . HOH E 5 .   ? 2.485   15.941  -0.390  1.00 16.95 ? 1304 HOH A O   1 
HETATM 1015 O  O   . HOH E 5 .   ? 7.954   -2.912  5.846   1.00 10.09 ? 1305 HOH A O   1 
HETATM 1016 O  O   . HOH E 5 .   ? -16.452 -8.012  -8.012  1.00 22.37 ? 1306 HOH A O   1 
HETATM 1017 O  O   . HOH E 5 .   ? 15.387  4.641   14.794  1.00 23.14 ? 1307 HOH A O   1 
HETATM 1018 O  O   . HOH E 5 .   ? -2.300  -9.600  -1.302  1.00 25.89 ? 1308 HOH A O   1 
HETATM 1019 O  O   . HOH E 5 .   ? -6.998  -4.785  6.121   1.00 29.14 ? 1309 HOH A O   1 
HETATM 1020 O  O   . HOH E 5 .   ? -5.989  -7.999  -0.712  1.00 16.12 ? 1310 HOH A O   1 
HETATM 1021 O  O   . HOH E 5 .   ? -1.381  14.175  -5.488  1.00 32.03 ? 1311 HOH A O   1 
HETATM 1022 O  O   . HOH E 5 .   ? 14.678  3.978   18.825  1.00 39.40 ? 1312 HOH A O   1 
HETATM 1023 O  O   . HOH E 5 .   ? 14.230  1.209   9.885   1.00 15.43 ? 1313 HOH A O   1 
HETATM 1024 O  O   . HOH E 5 .   ? -11.573 7.290   8.107   1.00 30.62 ? 1314 HOH A O   1 
HETATM 1025 O  O   . HOH E 5 .   ? -4.453  -5.780  5.347   1.00 18.39 ? 1315 HOH A O   1 
HETATM 1026 O  O   . HOH E 5 .   ? -6.521  11.936  -6.052  1.00 17.93 ? 1316 HOH A O   1 
HETATM 1027 O  O   . HOH E 5 .   ? 1.539   17.240  4.131   1.00 25.62 ? 1317 HOH A O   1 
HETATM 1028 O  O   . HOH E 5 .   ? 6.035   14.416  -6.076  1.00 28.08 ? 1318 HOH A O   1 
HETATM 1029 O  O   . HOH E 5 .   ? 13.362  10.248  14.907  1.00 18.95 ? 1319 HOH A O   1 
HETATM 1030 O  O   . HOH E 5 .   ? 6.860   1.222   -8.168  1.00 19.67 ? 1320 HOH A O   1 
HETATM 1031 O  O   . HOH E 5 .   ? 18.399  -7.590  10.477  1.00 33.00 ? 1321 HOH A O   1 
HETATM 1032 O  O   . HOH E 5 .   ? 4.750   -15.538 2.879   1.00 30.00 ? 1322 HOH A O   1 
HETATM 1033 O  O   . HOH E 5 .   ? 9.663   -7.779  0.505   1.00 14.14 ? 1323 HOH A O   1 
HETATM 1034 O  O   . HOH E 5 .   ? 4.941   11.074  10.264  1.00 27.26 ? 1324 HOH A O   1 
HETATM 1035 O  O   . HOH E 5 .   ? 9.078   -1.391  0.242   1.00 10.92 ? 1325 HOH A O   1 
HETATM 1036 O  O   . HOH E 5 .   ? 6.913   7.935   15.197  1.00 19.20 ? 1326 HOH A O   1 
HETATM 1037 O  O   . HOH E 5 .   ? -9.545  10.423  -3.736  1.00 21.56 ? 1327 HOH A O   1 
HETATM 1038 O  O   . HOH E 5 .   ? 4.415   -9.831  -1.679  1.00 24.10 ? 1328 HOH A O   1 
HETATM 1039 O  O   . HOH E 5 .   ? 6.315   -5.072  3.132   1.00 10.72 ? 1329 HOH A O   1 
HETATM 1040 O  O   . HOH E 5 .   ? -0.977  14.236  -2.823  1.00 31.94 ? 1330 HOH A O   1 
HETATM 1041 O  O   . HOH E 5 .   ? 5.921   -11.085 13.241  1.00 29.29 ? 1331 HOH A O   1 
HETATM 1042 O  O   . HOH E 5 .   ? 6.584   -1.646  1.402   1.00 10.99 ? 1332 HOH A O   1 
HETATM 1043 O  O   . HOH E 5 .   ? -4.102  -8.141  1.613   1.00 18.70 ? 1333 HOH A O   1 
HETATM 1044 O  O   . HOH E 5 .   ? -9.976  4.653   5.488   1.00 20.72 ? 1334 HOH A O   1 
HETATM 1045 O  O   . HOH E 5 .   ? 3.306   5.545   16.757  1.00 31.78 ? 1335 HOH A O   1 
HETATM 1046 O  O   . HOH E 5 .   ? 9.371   -17.524 12.401  1.00 26.63 ? 1336 HOH A O   1 
HETATM 1047 O  O   . HOH E 5 .   ? 1.780   -2.974  12.454  1.00 18.49 ? 1337 HOH A O   1 
HETATM 1048 O  O   . HOH E 5 .   ? 1.741   -10.402 0.533   1.00 19.70 ? 1338 HOH A O   1 
HETATM 1049 O  O   . HOH E 5 .   ? -22.628 1.557   -8.095  1.00 37.20 ? 1339 HOH A O   1 
HETATM 1050 O  O   . HOH E 5 .   ? -2.963  -5.802  7.666   1.00 20.60 ? 1340 HOH A O   1 
HETATM 1051 O  O   . HOH E 5 .   ? 8.746   13.917  6.159   1.00 34.44 ? 1341 HOH A O   1 
HETATM 1052 O  O   . HOH E 5 .   ? -11.357 8.311   -7.790  1.00 23.66 ? 1342 HOH A O   1 
HETATM 1053 O  O   . HOH E 5 .   ? 3.809   13.869  2.558   1.00 27.12 ? 1343 HOH A O   1 
HETATM 1054 O  O   . HOH E 5 .   ? 6.370   -6.322  -1.399  1.00 13.76 ? 1344 HOH A O   1 
HETATM 1055 O  O   . HOH E 5 .   ? 3.024   -9.366  7.196   1.00 11.69 ? 1345 HOH A O   1 
HETATM 1056 O  O   . HOH E 5 .   ? 6.149   15.525  1.412   1.00 16.00 ? 1346 HOH A O   1 
HETATM 1057 O  O   . HOH E 5 .   ? -4.008  11.374  -7.567  1.00 22.10 ? 1347 HOH A O   1 
HETATM 1058 O  O   . HOH E 5 .   ? 14.162  -14.338 6.773   1.00 26.88 ? 1348 HOH A O   1 
HETATM 1059 O  O   . HOH E 5 .   ? 8.072   -15.863 10.166  1.00 14.00 ? 1349 HOH A O   1 
HETATM 1060 O  O   . HOH E 5 .   ? 14.637  -11.754 5.564   1.00 15.49 ? 1350 HOH A O   1 
HETATM 1061 O  O   . HOH E 5 .   ? 5.958   -2.354  4.023   1.00 11.28 ? 1351 HOH A O   1 
HETATM 1062 O  O   . HOH E 5 .   ? -10.847 10.961  5.637   1.00 19.59 ? 1352 HOH A O   1 
HETATM 1063 O  O   . HOH E 5 .   ? 2.438   -12.957 0.889   1.00 26.17 ? 1353 HOH A O   1 
HETATM 1064 O  O   . HOH E 5 .   ? 0.031   -15.960 3.372   1.00 19.67 ? 1354 HOH A O   1 
HETATM 1065 O  O   . HOH E 5 .   ? 4.843   8.261   13.246  1.00 14.15 ? 1355 HOH A O   1 
HETATM 1066 O  O   . HOH E 5 .   ? -15.724 6.293   3.438   1.00 27.26 ? 1356 HOH A O   1 
HETATM 1067 O  O   . HOH E 5 .   ? 4.407   -2.210  -10.882 1.00 23.73 ? 1357 HOH A O   1 
HETATM 1068 O  O   . HOH E 5 .   ? 12.347  -17.677 13.657  1.00 40.73 ? 1358 HOH A O   1 
HETATM 1069 O  O   . HOH E 5 .   ? 4.112   -10.148 9.733   1.00 14.37 ? 1359 HOH A O   1 
HETATM 1070 O  O   . HOH E 5 .   ? -8.485  7.267   -13.030 1.00 34.77 ? 1360 HOH A O   1 
HETATM 1071 O  O   . HOH E 5 .   ? -4.669  4.861   5.965   1.00 19.86 ? 1361 HOH A O   1 
HETATM 1072 O  O   . HOH E 5 .   ? -18.525 -1.869  -11.893 1.00 28.64 ? 1362 HOH A O   1 
HETATM 1073 O  O   . HOH E 5 .   ? 1.426   -6.656  9.139   1.00 15.31 ? 1363 HOH A O   1 
HETATM 1074 O  O   . HOH E 5 .   ? -14.182 9.960   6.228   1.00 19.67 ? 1364 HOH A O   1 
HETATM 1075 O  O   . HOH E 5 .   ? 15.531  7.767   12.461  1.00 18.22 ? 1365 HOH A O   1 
HETATM 1076 O  O   . HOH E 5 .   ? -7.294  4.311   5.312   1.00 22.84 ? 1366 HOH A O   1 
HETATM 1077 O  O   . HOH E 5 .   ? 13.933  -2.248  12.807  1.00 22.89 ? 1367 HOH A O   1 
HETATM 1078 O  O   . HOH E 5 .   ? -8.587  -2.968  -16.166 1.00 44.80 ? 1368 HOH A O   1 
HETATM 1079 O  O   . HOH E 5 .   ? 13.966  0.606   12.678  1.00 15.48 ? 1369 HOH A O   1 
HETATM 1080 O  O   . HOH E 5 .   ? 19.319  -9.395  -3.788  1.00 46.86 ? 1370 HOH A O   1 
HETATM 1081 O  O   . HOH E 5 .   ? 7.449   -0.708  15.892  1.00 32.58 ? 1371 HOH A O   1 
HETATM 1082 O  O   . HOH E 5 .   ? -3.426  13.491  -1.734  1.00 24.68 ? 1372 HOH A O   1 
HETATM 1083 O  O   . HOH E 5 .   ? 0.704   -10.834 7.457   1.00 19.80 ? 1373 HOH A O   1 
HETATM 1084 O  O   . HOH E 5 .   ? -20.470 -2.007  -9.780  1.00 22.45 ? 1374 HOH A O   1 
HETATM 1085 O  O   . HOH E 5 .   ? -8.115  -9.063  0.907   1.00 28.78 ? 1375 HOH A O   1 
HETATM 1086 O  O   . HOH E 5 .   ? 11.797  6.030   -7.031  1.00 29.99 ? 1376 HOH A O   1 
HETATM 1087 O  O   . HOH E 5 .   ? -16.874 0.719   -0.950  1.00 33.80 ? 1377 HOH A O   1 
HETATM 1088 O  O   . HOH E 5 .   ? -12.824 -4.754  -16.622 1.00 31.10 ? 1378 HOH A O   1 
HETATM 1089 O  O   . HOH E 5 .   ? 14.220  -2.924  -1.342  1.00 20.95 ? 1379 HOH A O   1 
HETATM 1090 O  O   . HOH E 5 .   ? 8.595   17.015  0.902   1.00 17.60 ? 1380 HOH A O   1 
HETATM 1091 O  O   . HOH E 5 .   ? 12.364  4.440   -4.431  1.00 24.77 ? 1381 HOH A O   1 
HETATM 1092 O  O   . HOH E 5 .   ? -3.958  13.245  -5.220  1.00 21.53 ? 1382 HOH A O   1 
HETATM 1093 O  O   . HOH E 5 .   ? 11.576  1.141   -2.566  1.00 18.01 ? 1383 HOH A O   1 
HETATM 1094 O  O   . HOH E 5 .   ? 8.028   -5.408  0.554   1.00 12.35 ? 1384 HOH A O   1 
HETATM 1095 O  O   . HOH E 5 .   ? 14.097  3.818   8.709   1.00 16.00 ? 1385 HOH A O   1 
HETATM 1096 O  O   . HOH E 5 .   ? 15.786  5.530   10.246  1.00 15.40 ? 1386 HOH A O   1 
HETATM 1097 O  O   . HOH E 5 .   ? 16.195  -2.883  10.965  1.00 27.54 ? 1387 HOH A O   1 
HETATM 1098 O  O   . HOH E 5 .   ? -24.311 0.699   -3.751  1.00 37.22 ? 1388 HOH A O   1 
HETATM 1099 O  O   . HOH E 5 .   ? -5.859  11.663  7.475   1.00 31.96 ? 1389 HOH A O   1 
HETATM 1100 O  O   . HOH E 5 .   ? 0.496   -15.414 7.395   1.00 24.79 ? 1390 HOH A O   1 
HETATM 1101 O  O   . HOH E 5 .   ? 12.341  -5.108  -7.430  1.00 32.82 ? 1391 HOH A O   1 
HETATM 1102 O  O   . HOH E 5 .   ? 1.985   -10.169 -7.499  1.00 29.25 ? 1392 HOH A O   1 
HETATM 1103 O  O   . HOH E 5 .   ? 5.240   15.380  -1.244  1.00 18.48 ? 1393 HOH A O   1 
HETATM 1104 O  O   . HOH E 5 .   ? 16.700  -11.332 0.446   1.00 28.87 ? 1394 HOH A O   1 
HETATM 1105 O  O   . HOH E 5 .   ? 9.923   1.195   18.533  1.00 19.73 ? 1395 HOH A O   1 
HETATM 1106 O  O   . HOH E 5 .   ? -22.395 3.208   -4.693  1.00 35.94 ? 1396 HOH A O   1 
HETATM 1107 O  O   . HOH E 5 .   ? 12.349  -0.869  -0.651  1.00 21.43 ? 1397 HOH A O   1 
HETATM 1108 O  O   . HOH E 5 .   ? -15.882 10.715  2.231   1.00 26.54 ? 1398 HOH A O   1 
HETATM 1109 O  O   . HOH E 5 .   ? 1.221   -5.600  11.668  1.00 21.15 ? 1399 HOH A O   1 
HETATM 1110 O  O   . HOH E 5 .   ? 13.961  -7.839  -4.345  1.00 26.08 ? 1400 HOH A O   1 
HETATM 1111 O  O   . HOH E 5 .   ? -8.842  -11.392 -0.926  1.00 41.32 ? 1401 HOH A O   1 
HETATM 1112 O  O   . HOH E 5 .   ? 5.272   17.550  3.453   1.00 23.07 ? 1402 HOH A O   1 
HETATM 1113 O  O   . HOH E 5 .   ? 10.735  -2.380  16.180  1.00 42.36 ? 1403 HOH A O   1 
HETATM 1114 O  O   . HOH E 5 .   ? -24.679 -2.962  -1.381  1.00 28.43 ? 1404 HOH A O   1 
HETATM 1115 O  O   . HOH E 5 .   ? -4.270  -8.438  4.261   1.00 30.07 ? 1405 HOH A O   1 
HETATM 1116 O  O   . HOH E 5 .   ? 18.652  -12.366 3.937   1.00 30.49 ? 1406 HOH A O   1 
HETATM 1117 O  O   . HOH E 5 .   ? -1.563  -16.272 5.681   1.00 28.44 ? 1407 HOH A O   1 
HETATM 1118 O  O   . HOH E 5 .   ? 6.753   -8.869  -2.267  1.00 25.62 ? 1408 HOH A O   1 
HETATM 1119 O  O   . HOH E 5 .   ? 8.755   3.429   -8.894  1.00 33.12 ? 1409 HOH A O   1 
HETATM 1120 O  O   . HOH E 5 .   ? -11.345 2.314   3.809   1.00 28.13 ? 1410 HOH A O   1 
HETATM 1121 O  O   . HOH E 5 .   ? -16.289 8.868   4.820   1.00 26.45 ? 1411 HOH A O   1 
HETATM 1122 O  O   . HOH E 5 .   ? -24.450 -0.107  -9.317  1.00 28.80 ? 1412 HOH A O   1 
HETATM 1123 O  O   . HOH E 5 .   ? 4.194   -10.793 -5.445  1.00 25.88 ? 1413 HOH A O   1 
HETATM 1124 O  O   . HOH E 5 .   ? 8.820   12.230  8.446   1.00 25.76 ? 1414 HOH A O   1 
HETATM 1125 O  O   . HOH E 5 .   ? 6.988   12.816  10.713  1.00 33.56 ? 1415 HOH A O   1 
HETATM 1126 O  O   . HOH E 5 .   ? -0.728  -10.834 0.633   1.00 33.18 ? 1416 HOH A O   1 
HETATM 1127 O  O   . HOH E 5 .   ? 15.958  -12.535 3.008   1.00 22.22 ? 1417 HOH A O   1 
HETATM 1128 O  O   . HOH E 5 .   ? 2.302   -10.842 -3.121  1.00 21.96 ? 1418 HOH A O   1 
HETATM 1129 O  O   . HOH E 5 .   ? 16.649  -0.186  9.518   1.00 23.09 ? 1419 HOH A O   1 
HETATM 1130 O  O   . HOH E 5 .   ? -4.802  10.790  -10.760 1.00 33.37 ? 1420 HOH A O   1 
HETATM 1131 O  O   . HOH E 5 .   ? -14.728 9.996   9.082   1.00 21.30 ? 1421 HOH A O   1 
HETATM 1132 O  O   . HOH E 5 .   ? -8.857  12.102  -7.717  1.00 27.32 ? 1422 HOH A O   1 
# 
loop_
_pdbx_poly_seq_scheme.asym_id 
_pdbx_poly_seq_scheme.entity_id 
_pdbx_poly_seq_scheme.seq_id 
_pdbx_poly_seq_scheme.mon_id 
_pdbx_poly_seq_scheme.ndb_seq_num 
_pdbx_poly_seq_scheme.pdb_seq_num 
_pdbx_poly_seq_scheme.auth_seq_num 
_pdbx_poly_seq_scheme.pdb_mon_id 
_pdbx_poly_seq_scheme.auth_mon_id 
_pdbx_poly_seq_scheme.pdb_strand_id 
_pdbx_poly_seq_scheme.pdb_ins_code 
_pdbx_poly_seq_scheme.hetero 
A 1 1   MET 1   1065 ?    ?   ?   A . n 
A 1 2   LYS 2   1066 ?    ?   ?   A . n 
A 1 3   LYS 3   1067 ?    ?   ?   A . n 
A 1 4   GLY 4   1068 ?    ?   ?   A . n 
A 1 5   HIS 5   1069 ?    ?   ?   A . n 
A 1 6   HIS 6   1070 ?    ?   ?   A . n 
A 1 7   HIS 7   1071 ?    ?   ?   A . n 
A 1 8   HIS 8   1072 ?    ?   ?   A . n 
A 1 9   HIS 9   1073 ?    ?   ?   A . n 
A 1 10  HIS 10  1074 ?    ?   ?   A . n 
A 1 11  LEU 11  1075 ?    ?   ?   A . n 
A 1 12  VAL 12  1076 ?    ?   ?   A . n 
A 1 13  PRO 13  1077 ?    ?   ?   A . n 
A 1 14  ARG 14  1078 ?    ?   ?   A . n 
A 1 15  GLY 15  1079 ?    ?   ?   A . n 
A 1 16  SER 16  1080 ?    ?   ?   A . n 
A 1 17  ARG 17  1081 1081 ARG ARG A . n 
A 1 18  LYS 18  1082 1082 LYS LYS A . n 
A 1 19  LYS 19  1083 1083 LYS LYS A . n 
A 1 20  ILE 20  1084 1084 ILE ILE A . n 
A 1 21  PHE 21  1085 1085 PHE PHE A . n 
A 1 22  LYS 22  1086 1086 LYS LYS A . n 
A 1 23  PRO 23  1087 1087 PRO PRO A . n 
A 1 24  GLU 24  1088 1088 GLU GLU A . n 
A 1 25  GLU 25  1089 1089 GLU GLU A . n 
A 1 26  LEU 26  1090 1090 LEU LEU A . n 
A 1 27  ARG 27  1091 1091 ARG ARG A . n 
A 1 28  GLN 28  1092 1092 GLN GLN A . n 
A 1 29  ALA 29  1093 1093 ALA ALA A . n 
A 1 30  LEU 30  1094 1094 LEU LEU A . n 
A 1 31  MET 31  1095 1095 MET MET A . n 
A 1 32  PRO 32  1096 1096 PRO PRO A . n 
A 1 33  THR 33  1097 1097 THR THR A . n 
A 1 34  LEU 34  1098 1098 LEU LEU A . n 
A 1 35  GLU 35  1099 1099 GLU GLU A . n 
A 1 36  ALA 36  1100 1100 ALA ALA A . n 
A 1 37  LEU 37  1101 1101 LEU LEU A . n 
A 1 38  TYR 38  1102 1102 TYR TYR A . n 
A 1 39  ARG 39  1103 1103 ARG ARG A . n 
A 1 40  GLN 40  1104 1104 GLN GLN A . n 
A 1 41  ASP 41  1105 1105 ASP ASP A . n 
A 1 42  PRO 42  1106 1106 PRO PRO A . n 
A 1 43  GLU 43  1107 1107 GLU GLU A . n 
A 1 44  SER 44  1108 1108 SER SER A . n 
A 1 45  LEU 45  1109 1109 LEU LEU A . n 
A 1 46  PRO 46  1110 1110 PRO PRO A . n 
A 1 47  PHE 47  1111 1111 PHE PHE A . n 
A 1 48  ARG 48  1112 1112 ARG ARG A . n 
A 1 49  GLN 49  1113 1113 GLN GLN A . n 
A 1 50  PRO 50  1114 1114 PRO PRO A . n 
A 1 51  VAL 51  1115 1115 VAL VAL A . n 
A 1 52  ASP 52  1116 1116 ASP ASP A . n 
A 1 53  PRO 53  1117 1117 PRO PRO A . n 
A 1 54  GLN 54  1118 1118 GLN GLN A . n 
A 1 55  LEU 55  1119 1119 LEU LEU A . n 
A 1 56  LEU 56  1120 1120 LEU LEU A . n 
A 1 57  GLY 57  1121 1121 GLY GLY A . n 
A 1 58  ILE 58  1122 1122 ILE ILE A . n 
A 1 59  PRO 59  1123 1123 PRO PRO A . n 
A 1 60  ASP 60  1124 1124 ASP ASP A . n 
A 1 61  TYR 61  1125 1125 TYR TYR A . n 
A 1 62  PHE 62  1126 1126 PHE PHE A . n 
A 1 63  ASP 63  1127 1127 ASP ASP A . n 
A 1 64  ILE 64  1128 1128 ILE ILE A . n 
A 1 65  VAL 65  1129 1129 VAL VAL A . n 
A 1 66  LYS 66  1130 1130 LYS LYS A . n 
A 1 67  ASN 67  1131 1131 ASN ASN A . n 
A 1 68  PRO 68  1132 1132 PRO PRO A . n 
A 1 69  MET 69  1133 1133 MET MET A . n 
A 1 70  ASP 70  1134 1134 ASP ASP A . n 
A 1 71  LEU 71  1135 1135 LEU LEU A . n 
A 1 72  SER 72  1136 1136 SER SER A . n 
A 1 73  THR 73  1137 1137 THR THR A . n 
A 1 74  ILE 74  1138 1138 ILE ILE A . n 
A 1 75  LYS 75  1139 1139 LYS LYS A . n 
A 1 76  ARG 76  1140 1140 ARG ARG A . n 
A 1 77  LYS 77  1141 1141 LYS LYS A . n 
A 1 78  LEU 78  1142 1142 LEU LEU A . n 
A 1 79  ASP 79  1143 1143 ASP ASP A . n 
A 1 80  THR 80  1144 1144 THR THR A . n 
A 1 81  GLY 81  1145 1145 GLY GLY A . n 
A 1 82  GLN 82  1146 1146 GLN GLN A . n 
A 1 83  TYR 83  1147 1147 TYR TYR A . n 
A 1 84  GLN 84  1148 1148 GLN GLN A . n 
A 1 85  GLU 85  1149 1149 GLU GLU A . n 
A 1 86  PRO 86  1150 1150 PRO PRO A . n 
A 1 87  TRP 87  1151 1151 TRP TRP A . n 
A 1 88  GLN 88  1152 1152 GLN GLN A . n 
A 1 89  TYR 89  1153 1153 TYR TYR A . n 
A 1 90  VAL 90  1154 1154 VAL VAL A . n 
A 1 91  ASP 91  1155 1155 ASP ASP A . n 
A 1 92  ASP 92  1156 1156 ASP ASP A . n 
A 1 93  VAL 93  1157 1157 VAL VAL A . n 
A 1 94  TRP 94  1158 1158 TRP TRP A . n 
A 1 95  LEU 95  1159 1159 LEU LEU A . n 
A 1 96  MET 96  1160 1160 MET MET A . n 
A 1 97  PHE 97  1161 1161 PHE PHE A . n 
A 1 98  ASN 98  1162 1162 ASN ASN A . n 
A 1 99  ASN 99  1163 1163 ASN ASN A . n 
A 1 100 ALA 100 1164 1164 ALA ALA A . n 
A 1 101 TRP 101 1165 1165 TRP TRP A . n 
A 1 102 LEU 102 1166 1166 LEU LEU A . n 
A 1 103 TYR 103 1167 1167 TYR TYR A . n 
A 1 104 ASN 104 1168 1168 ASN ASN A . n 
A 1 105 ARG 105 1169 1169 ARG ARG A . n 
A 1 106 LYS 106 1170 1170 LYS LYS A . n 
A 1 107 THR 107 1171 1171 THR THR A . n 
A 1 108 SER 108 1172 1172 SER SER A . n 
A 1 109 ARG 109 1173 1173 ARG ARG A . n 
A 1 110 VAL 110 1174 1174 VAL VAL A . n 
A 1 111 TYR 111 1175 1175 TYR TYR A . n 
A 1 112 LYS 112 1176 1176 LYS LYS A . n 
A 1 113 PHE 113 1177 1177 PHE PHE A . n 
A 1 114 CYS 114 1178 1178 CYS CYS A . n 
A 1 115 SER 115 1179 1179 SER SER A . n 
A 1 116 LYS 116 1180 1180 LYS LYS A . n 
A 1 117 LEU 117 1181 1181 LEU LEU A . n 
A 1 118 ALA 118 1182 1182 ALA ALA A . n 
A 1 119 GLU 119 1183 1183 GLU GLU A . n 
A 1 120 VAL 120 1184 1184 VAL VAL A . n 
A 1 121 PHE 121 1185 1185 PHE PHE A . n 
A 1 122 GLU 122 1186 1186 GLU GLU A . n 
A 1 123 GLN 123 1187 1187 GLN GLN A . n 
A 1 124 GLU 124 1188 1188 GLU GLU A . n 
A 1 125 ILE 125 1189 1189 ILE ILE A . n 
A 1 126 ASP 126 1190 1190 ASP ASP A . n 
A 1 127 PRO 127 1191 1191 PRO PRO A . n 
A 1 128 VAL 128 1192 1192 VAL VAL A . n 
A 1 129 MET 129 1193 1193 MET MET A . n 
A 1 130 GLN 130 1194 1194 GLN GLN A . n 
A 1 131 SER 131 1195 1195 SER SER A . n 
A 1 132 LEU 132 1196 1196 LEU LEU A . n 
A 1 133 GLY 133 1197 1197 GLY GLY A . n 
# 
_pdbx_contact_author.id                 2 
_pdbx_contact_author.email              xu_yong@gibh.ac.cn 
_pdbx_contact_author.name_first         Xu 
_pdbx_contact_author.name_last          Yong 
_pdbx_contact_author.name_mi            ? 
_pdbx_contact_author.role               'principal investigator/group leader' 
_pdbx_contact_author.identifier_ORCID   0000-0003-3601-0246 
# 
loop_
_pdbx_nonpoly_scheme.asym_id 
_pdbx_nonpoly_scheme.entity_id 
_pdbx_nonpoly_scheme.mon_id 
_pdbx_nonpoly_scheme.ndb_seq_num 
_pdbx_nonpoly_scheme.pdb_seq_num 
_pdbx_nonpoly_scheme.auth_seq_num 
_pdbx_nonpoly_scheme.pdb_mon_id 
_pdbx_nonpoly_scheme.auth_mon_id 
_pdbx_nonpoly_scheme.pdb_strand_id 
_pdbx_nonpoly_scheme.pdb_ins_code 
B 2 E0D 1   1201 1201 E0D E0D A . 
C 3 EDO 1   1202 1202 EDO EDO A . 
D 4 MG  1   1203 1203 MG  MG  A . 
E 5 HOH 1   1301 1301 HOH HOH A . 
E 5 HOH 2   1302 1302 HOH HOH A . 
E 5 HOH 3   1303 1303 HOH HOH A . 
E 5 HOH 4   1304 1304 HOH HOH A . 
E 5 HOH 5   1305 1305 HOH HOH A . 
E 5 HOH 6   1306 1306 HOH HOH A . 
E 5 HOH 7   1307 1307 HOH HOH A . 
E 5 HOH 8   1308 1308 HOH HOH A . 
E 5 HOH 9   1309 1309 HOH HOH A . 
E 5 HOH 10  1310 1310 HOH HOH A . 
E 5 HOH 11  1311 1311 HOH HOH A . 
E 5 HOH 12  1312 1312 HOH HOH A . 
E 5 HOH 13  1313 1313 HOH HOH A . 
E 5 HOH 14  1314 1314 HOH HOH A . 
E 5 HOH 15  1315 1315 HOH HOH A . 
E 5 HOH 16  1316 1316 HOH HOH A . 
E 5 HOH 17  1317 1317 HOH HOH A . 
E 5 HOH 18  1318 1318 HOH HOH A . 
E 5 HOH 19  1319 1319 HOH HOH A . 
E 5 HOH 20  1320 1320 HOH HOH A . 
E 5 HOH 21  1321 1321 HOH HOH A . 
E 5 HOH 22  1322 1334 HOH HOH A . 
E 5 HOH 23  1323 1322 HOH HOH A . 
E 5 HOH 24  1324 1323 HOH HOH A . 
E 5 HOH 25  1325 1324 HOH HOH A . 
E 5 HOH 26  1326 1325 HOH HOH A . 
E 5 HOH 27  1327 1326 HOH HOH A . 
E 5 HOH 28  1328 1327 HOH HOH A . 
E 5 HOH 29  1329 1328 HOH HOH A . 
E 5 HOH 30  1330 1329 HOH HOH A . 
E 5 HOH 31  1331 1330 HOH HOH A . 
E 5 HOH 32  1332 1331 HOH HOH A . 
E 5 HOH 33  1333 1332 HOH HOH A . 
E 5 HOH 34  1334 1333 HOH HOH A . 
E 5 HOH 35  1335 1335 HOH HOH A . 
E 5 HOH 36  1336 1336 HOH HOH A . 
E 5 HOH 37  1337 1337 HOH HOH A . 
E 5 HOH 38  1338 1338 HOH HOH A . 
E 5 HOH 39  1339 1339 HOH HOH A . 
E 5 HOH 40  1340 1340 HOH HOH A . 
E 5 HOH 41  1341 1341 HOH HOH A . 
E 5 HOH 42  1342 1342 HOH HOH A . 
E 5 HOH 43  1343 1343 HOH HOH A . 
E 5 HOH 44  1344 1344 HOH HOH A . 
E 5 HOH 45  1345 1345 HOH HOH A . 
E 5 HOH 46  1346 1346 HOH HOH A . 
E 5 HOH 47  1347 1347 HOH HOH A . 
E 5 HOH 48  1348 1348 HOH HOH A . 
E 5 HOH 49  1349 1349 HOH HOH A . 
E 5 HOH 50  1350 1350 HOH HOH A . 
E 5 HOH 51  1351 1351 HOH HOH A . 
E 5 HOH 52  1352 1352 HOH HOH A . 
E 5 HOH 53  1353 1353 HOH HOH A . 
E 5 HOH 54  1354 1354 HOH HOH A . 
E 5 HOH 55  1355 1355 HOH HOH A . 
E 5 HOH 56  1356 1356 HOH HOH A . 
E 5 HOH 57  1357 1357 HOH HOH A . 
E 5 HOH 58  1358 1358 HOH HOH A . 
E 5 HOH 59  1359 1359 HOH HOH A . 
E 5 HOH 60  1360 1360 HOH HOH A . 
E 5 HOH 61  1361 1361 HOH HOH A . 
E 5 HOH 62  1362 1362 HOH HOH A . 
E 5 HOH 63  1363 1363 HOH HOH A . 
E 5 HOH 64  1364 1364 HOH HOH A . 
E 5 HOH 65  1365 1365 HOH HOH A . 
E 5 HOH 66  1366 1366 HOH HOH A . 
E 5 HOH 67  1367 1367 HOH HOH A . 
E 5 HOH 68  1368 1368 HOH HOH A . 
E 5 HOH 69  1369 1369 HOH HOH A . 
E 5 HOH 70  1370 1370 HOH HOH A . 
E 5 HOH 71  1371 1371 HOH HOH A . 
E 5 HOH 72  1372 1372 HOH HOH A . 
E 5 HOH 73  1373 1373 HOH HOH A . 
E 5 HOH 74  1374 1374 HOH HOH A . 
E 5 HOH 75  1375 1375 HOH HOH A . 
E 5 HOH 76  1376 1376 HOH HOH A . 
E 5 HOH 77  1377 1377 HOH HOH A . 
E 5 HOH 78  1378 1378 HOH HOH A . 
E 5 HOH 79  1379 1379 HOH HOH A . 
E 5 HOH 80  1380 1380 HOH HOH A . 
E 5 HOH 81  1381 1381 HOH HOH A . 
E 5 HOH 82  1382 1382 HOH HOH A . 
E 5 HOH 83  1383 1383 HOH HOH A . 
E 5 HOH 84  1384 1384 HOH HOH A . 
E 5 HOH 85  1385 1385 HOH HOH A . 
E 5 HOH 86  1386 1386 HOH HOH A . 
E 5 HOH 87  1387 1387 HOH HOH A . 
E 5 HOH 88  1388 1388 HOH HOH A . 
E 5 HOH 89  1389 1389 HOH HOH A . 
E 5 HOH 90  1390 1390 HOH HOH A . 
E 5 HOH 91  1391 1391 HOH HOH A . 
E 5 HOH 92  1392 1392 HOH HOH A . 
E 5 HOH 93  1393 1393 HOH HOH A . 
E 5 HOH 94  1394 1394 HOH HOH A . 
E 5 HOH 95  1395 1395 HOH HOH A . 
E 5 HOH 96  1396 1396 HOH HOH A . 
E 5 HOH 97  1397 1397 HOH HOH A . 
E 5 HOH 98  1398 1398 HOH HOH A . 
E 5 HOH 99  1399 1399 HOH HOH A . 
E 5 HOH 100 1400 1400 HOH HOH A . 
E 5 HOH 101 1401 1401 HOH HOH A . 
E 5 HOH 102 1402 1402 HOH HOH A . 
E 5 HOH 103 1403 1403 HOH HOH A . 
E 5 HOH 104 1404 1404 HOH HOH A . 
E 5 HOH 105 1405 1405 HOH HOH A . 
E 5 HOH 106 1406 1406 HOH HOH A . 
E 5 HOH 107 1407 1407 HOH HOH A . 
E 5 HOH 108 1408 1408 HOH HOH A . 
E 5 HOH 109 1409 1409 HOH HOH A . 
E 5 HOH 110 1410 1410 HOH HOH A . 
E 5 HOH 111 1411 1411 HOH HOH A . 
E 5 HOH 112 1412 1412 HOH HOH A . 
E 5 HOH 113 1413 1413 HOH HOH A . 
E 5 HOH 114 1414 1414 HOH HOH A . 
E 5 HOH 115 1415 1415 HOH HOH A . 
E 5 HOH 116 1416 1416 HOH HOH A . 
E 5 HOH 117 1417 1417 HOH HOH A . 
E 5 HOH 118 1418 1418 HOH HOH A . 
E 5 HOH 119 1419 1419 HOH HOH A . 
E 5 HOH 120 1420 1420 HOH HOH A . 
E 5 HOH 121 1421 1421 HOH HOH A . 
E 5 HOH 122 1422 1422 HOH HOH A . 
# 
_pdbx_struct_assembly.id                   1 
_pdbx_struct_assembly.details              author_defined_assembly 
_pdbx_struct_assembly.method_details       ? 
_pdbx_struct_assembly.oligomeric_details   monomeric 
_pdbx_struct_assembly.oligomeric_count     1 
# 
_pdbx_struct_assembly_gen.assembly_id       1 
_pdbx_struct_assembly_gen.oper_expression   1 
_pdbx_struct_assembly_gen.asym_id_list      A,B,C,D,E 
# 
_pdbx_struct_oper_list.id                   1 
_pdbx_struct_oper_list.type                 'identity operation' 
_pdbx_struct_oper_list.name                 1_555 
_pdbx_struct_oper_list.symmetry_operation   x,y,z 
_pdbx_struct_oper_list.matrix[1][1]         1.0000000000 
_pdbx_struct_oper_list.matrix[1][2]         0.0000000000 
_pdbx_struct_oper_list.matrix[1][3]         0.0000000000 
_pdbx_struct_oper_list.vector[1]            0.0000000000 
_pdbx_struct_oper_list.matrix[2][1]         0.0000000000 
_pdbx_struct_oper_list.matrix[2][2]         1.0000000000 
_pdbx_struct_oper_list.matrix[2][3]         0.0000000000 
_pdbx_struct_oper_list.vector[2]            0.0000000000 
_pdbx_struct_oper_list.matrix[3][1]         0.0000000000 
_pdbx_struct_oper_list.matrix[3][2]         0.0000000000 
_pdbx_struct_oper_list.matrix[3][3]         1.0000000000 
_pdbx_struct_oper_list.vector[3]            0.0000000000 
# 
loop_
_pdbx_struct_conn_angle.id 
_pdbx_struct_conn_angle.ptnr1_label_atom_id 
_pdbx_struct_conn_angle.ptnr1_label_alt_id 
_pdbx_struct_conn_angle.ptnr1_label_asym_id 
_pdbx_struct_conn_angle.ptnr1_label_comp_id 
_pdbx_struct_conn_angle.ptnr1_label_seq_id 
_pdbx_struct_conn_angle.ptnr1_auth_atom_id 
_pdbx_struct_conn_angle.ptnr1_auth_asym_id 
_pdbx_struct_conn_angle.ptnr1_auth_comp_id 
_pdbx_struct_conn_angle.ptnr1_auth_seq_id 
_pdbx_struct_conn_angle.ptnr1_PDB_ins_code 
_pdbx_struct_conn_angle.ptnr1_symmetry 
_pdbx_struct_conn_angle.ptnr2_label_atom_id 
_pdbx_struct_conn_angle.ptnr2_label_alt_id 
_pdbx_struct_conn_angle.ptnr2_label_asym_id 
_pdbx_struct_conn_angle.ptnr2_label_comp_id 
_pdbx_struct_conn_angle.ptnr2_label_seq_id 
_pdbx_struct_conn_angle.ptnr2_auth_atom_id 
_pdbx_struct_conn_angle.ptnr2_auth_asym_id 
_pdbx_struct_conn_angle.ptnr2_auth_comp_id 
_pdbx_struct_conn_angle.ptnr2_auth_seq_id 
_pdbx_struct_conn_angle.ptnr2_PDB_ins_code 
_pdbx_struct_conn_angle.ptnr2_symmetry 
_pdbx_struct_conn_angle.ptnr3_label_atom_id 
_pdbx_struct_conn_angle.ptnr3_label_alt_id 
_pdbx_struct_conn_angle.ptnr3_label_asym_id 
_pdbx_struct_conn_angle.ptnr3_label_comp_id 
_pdbx_struct_conn_angle.ptnr3_label_seq_id 
_pdbx_struct_conn_angle.ptnr3_auth_atom_id 
_pdbx_struct_conn_angle.ptnr3_auth_asym_id 
_pdbx_struct_conn_angle.ptnr3_auth_comp_id 
_pdbx_struct_conn_angle.ptnr3_auth_seq_id 
_pdbx_struct_conn_angle.ptnr3_PDB_ins_code 
_pdbx_struct_conn_angle.ptnr3_symmetry 
_pdbx_struct_conn_angle.value 
_pdbx_struct_conn_angle.value_esd 
1  O ? E HOH . ? A HOH 1302 ? 1_555 MG ? D MG . ? A MG 1203 ? 1_555 O ? E HOH . ? A HOH 1346 ? 1_555 88.4  ? 
2  O ? E HOH . ? A HOH 1302 ? 1_555 MG ? D MG . ? A MG 1203 ? 1_555 O ? E HOH . ? A HOH 1364 ? 5_555 178.5 ? 
3  O ? E HOH . ? A HOH 1346 ? 1_555 MG ? D MG . ? A MG 1203 ? 1_555 O ? E HOH . ? A HOH 1364 ? 5_555 93.1  ? 
4  O ? E HOH . ? A HOH 1302 ? 1_555 MG ? D MG . ? A MG 1203 ? 1_555 O ? E HOH . ? A HOH 1380 ? 1_555 93.9  ? 
5  O ? E HOH . ? A HOH 1346 ? 1_555 MG ? D MG . ? A MG 1203 ? 1_555 O ? E HOH . ? A HOH 1380 ? 1_555 90.1  ? 
6  O ? E HOH . ? A HOH 1364 ? 5_555 MG ? D MG . ? A MG 1203 ? 1_555 O ? E HOH . ? A HOH 1380 ? 1_555 86.4  ? 
7  O ? E HOH . ? A HOH 1302 ? 1_555 MG ? D MG . ? A MG 1203 ? 1_555 O ? E HOH . ? A HOH 1402 ? 1_555 91.7  ? 
8  O ? E HOH . ? A HOH 1346 ? 1_555 MG ? D MG . ? A MG 1203 ? 1_555 O ? E HOH . ? A HOH 1402 ? 1_555 90.3  ? 
9  O ? E HOH . ? A HOH 1364 ? 5_555 MG ? D MG . ? A MG 1203 ? 1_555 O ? E HOH . ? A HOH 1402 ? 1_555 88.0  ? 
10 O ? E HOH . ? A HOH 1380 ? 1_555 MG ? D MG . ? A MG 1203 ? 1_555 O ? E HOH . ? A HOH 1402 ? 1_555 174.4 ? 
11 O ? E HOH . ? A HOH 1302 ? 1_555 MG ? D MG . ? A MG 1203 ? 1_555 O ? E HOH . ? A HOH 1421 ? 5_555 89.4  ? 
12 O ? E HOH . ? A HOH 1346 ? 1_555 MG ? D MG . ? A MG 1203 ? 1_555 O ? E HOH . ? A HOH 1421 ? 5_555 177.8 ? 
13 O ? E HOH . ? A HOH 1364 ? 5_555 MG ? D MG . ? A MG 1203 ? 1_555 O ? E HOH . ? A HOH 1421 ? 5_555 89.1  ? 
14 O ? E HOH . ? A HOH 1380 ? 1_555 MG ? D MG . ? A MG 1203 ? 1_555 O ? E HOH . ? A HOH 1421 ? 5_555 90.4  ? 
15 O ? E HOH . ? A HOH 1402 ? 1_555 MG ? D MG . ? A MG 1203 ? 1_555 O ? E HOH . ? A HOH 1421 ? 5_555 89.4  ? 
# 
loop_
_pdbx_audit_revision_history.ordinal 
_pdbx_audit_revision_history.data_content_type 
_pdbx_audit_revision_history.major_revision 
_pdbx_audit_revision_history.minor_revision 
_pdbx_audit_revision_history.revision_date 
1 'Structure model' 1 0 2018-06-13 
2 'Structure model' 2 0 2023-10-18 
3 'Structure model' 2 1 2023-11-22 
# 
loop_
_pdbx_audit_revision_details.ordinal 
_pdbx_audit_revision_details.revision_ordinal 
_pdbx_audit_revision_details.data_content_type 
_pdbx_audit_revision_details.provider 
_pdbx_audit_revision_details.type 
_pdbx_audit_revision_details.description 
_pdbx_audit_revision_details.details 
1 1 'Structure model' repository 'Initial release'        ?                                                  ? 
2 2 'Structure model' author     'Coordinate replacement' 'Occupancy of atoms on special symmetry positions' ? 
# 
loop_
_pdbx_audit_revision_group.ordinal 
_pdbx_audit_revision_group.revision_ordinal 
_pdbx_audit_revision_group.data_content_type 
_pdbx_audit_revision_group.group 
1  2 'Structure model' 'Atomic model'               
2  2 'Structure model' 'Author supporting evidence' 
3  2 'Structure model' 'Data collection'            
4  2 'Structure model' 'Database references'        
5  2 'Structure model' 'Derived calculations'       
6  2 'Structure model' Other                        
7  2 'Structure model' 'Refinement description'     
8  2 'Structure model' 'Source and taxonomy'        
9  2 'Structure model' 'Structure summary'          
10 3 'Structure model' 'Refinement description'     
# 
loop_
_pdbx_audit_revision_category.ordinal 
_pdbx_audit_revision_category.revision_ordinal 
_pdbx_audit_revision_category.data_content_type 
_pdbx_audit_revision_category.category 
1  2 'Structure model' atom_site                     
2  2 'Structure model' atom_sites                    
3  2 'Structure model' chem_comp_atom                
4  2 'Structure model' chem_comp_bond                
5  2 'Structure model' database_2                    
6  2 'Structure model' diffrn                        
7  2 'Structure model' entity_src_gen                
8  2 'Structure model' pdbx_audit_support            
9  2 'Structure model' pdbx_contact_author           
10 2 'Structure model' pdbx_entity_instance_feature  
11 2 'Structure model' pdbx_entry_details            
12 2 'Structure model' pdbx_nonpoly_scheme           
13 2 'Structure model' pdbx_struct_assembly_prop     
14 2 'Structure model' pdbx_struct_conn_angle        
15 2 'Structure model' refine                        
16 2 'Structure model' refine_hist                   
17 2 'Structure model' refine_ls_restr               
18 2 'Structure model' refine_ls_shell               
19 2 'Structure model' reflns_shell                  
20 2 'Structure model' struct_conn                   
21 2 'Structure model' struct_site                   
22 2 'Structure model' struct_site_gen               
23 3 'Structure model' pdbx_initial_refinement_model 
# 
loop_
_pdbx_audit_revision_item.ordinal 
_pdbx_audit_revision_item.revision_ordinal 
_pdbx_audit_revision_item.data_content_type 
_pdbx_audit_revision_item.item 
1  2 'Structure model' '_atom_site.B_iso_or_equiv'                     
2  2 'Structure model' '_atom_site.Cartn_x'                            
3  2 'Structure model' '_atom_site.Cartn_y'                            
4  2 'Structure model' '_atom_site.Cartn_z'                            
5  2 'Structure model' '_atom_sites.fract_transf_matrix[2][1]'         
6  2 'Structure model' '_atom_sites.fract_transf_matrix[3][2]'         
7  2 'Structure model' '_database_2.pdbx_DOI'                          
8  2 'Structure model' '_database_2.pdbx_database_accession'           
9  2 'Structure model' '_diffrn.pdbx_serial_crystal_experiment'        
10 2 'Structure model' '_entity_src_gen.gene_src_common_name'          
11 2 'Structure model' '_entity_src_gen.pdbx_host_org_scientific_name' 
12 2 'Structure model' '_entity_src_gen.pdbx_host_org_strain'          
13 2 'Structure model' '_pdbx_contact_author.id'                       
14 2 'Structure model' '_pdbx_contact_author.identifier_ORCID'         
15 2 'Structure model' '_pdbx_nonpoly_scheme.auth_seq_num'             
16 2 'Structure model' '_pdbx_struct_conn_angle.ptnr1_auth_seq_id'     
17 2 'Structure model' '_pdbx_struct_conn_angle.ptnr1_symmetry'        
18 2 'Structure model' '_pdbx_struct_conn_angle.ptnr3_auth_seq_id'     
19 2 'Structure model' '_pdbx_struct_conn_angle.ptnr3_symmetry'        
20 2 'Structure model' '_pdbx_struct_conn_angle.value'                 
21 2 'Structure model' '_refine.B_iso_mean'                            
22 2 'Structure model' '_refine.aniso_B[2][3]'                         
23 2 'Structure model' '_refine.details'                               
24 2 'Structure model' '_refine.ls_R_factor_R_free'                    
25 2 'Structure model' '_refine.ls_R_factor_R_work'                    
26 2 'Structure model' '_refine.ls_R_factor_obs'                       
27 2 'Structure model' '_refine.ls_percent_reflns_obs'                 
28 2 'Structure model' '_refine_hist.pdbx_B_iso_mean_solvent'          
29 2 'Structure model' '_refine_ls_shell.d_res_high'                   
30 2 'Structure model' '_refine_ls_shell.d_res_low'                    
31 2 'Structure model' '_struct_conn.pdbx_dist_value'                  
32 2 'Structure model' '_struct_conn.ptnr2_auth_seq_id'                
33 2 'Structure model' '_struct_conn.ptnr2_symmetry'                   
# 
loop_
_software.citation_id 
_software.classification 
_software.compiler_name 
_software.compiler_version 
_software.contact_author 
_software.contact_author_email 
_software.date 
_software.description 
_software.dependencies 
_software.hardware 
_software.language 
_software.location 
_software.mods 
_software.name 
_software.os 
_software.os_version 
_software.type 
_software.version 
_software.pdbx_ordinal 
? refinement        ? ? ? ? ? ? ? ? ? ? ? REFMAC      ? ? ? 5.8.0135 1 
? 'data scaling'    ? ? ? ? ? ? ? ? ? ? ? Aimless     ? ? ? 0.5.23   2 
? 'data extraction' ? ? ? ? ? ? ? ? ? ? ? PDB_EXTRACT ? ? ? 3.22     3 
? 'data reduction'  ? ? ? ? ? ? ? ? ? ? ? iMOSFLM     ? ? ? .        4 
? phasing           ? ? ? ? ? ? ? ? ? ? ? MOLREP      ? ? ? .        5 
# 
_pdbx_entry_details.entry_id                 5XXH 
_pdbx_entry_details.has_ligand_of_interest   Y 
_pdbx_entry_details.compound_details         ? 
_pdbx_entry_details.source_details           ? 
_pdbx_entry_details.nonpolymer_details       ? 
_pdbx_entry_details.sequence_details         ? 
# 
_pdbx_validate_symm_contact.id                1 
_pdbx_validate_symm_contact.PDB_model_num     1 
_pdbx_validate_symm_contact.auth_atom_id_1    OE1 
_pdbx_validate_symm_contact.auth_asym_id_1    A 
_pdbx_validate_symm_contact.auth_comp_id_1    GLN 
_pdbx_validate_symm_contact.auth_seq_id_1     1187 
_pdbx_validate_symm_contact.PDB_ins_code_1    ? 
_pdbx_validate_symm_contact.label_alt_id_1    ? 
_pdbx_validate_symm_contact.site_symmetry_1   1_555 
_pdbx_validate_symm_contact.auth_atom_id_2    OE1 
_pdbx_validate_symm_contact.auth_asym_id_2    A 
_pdbx_validate_symm_contact.auth_comp_id_2    GLN 
_pdbx_validate_symm_contact.auth_seq_id_2     1187 
_pdbx_validate_symm_contact.PDB_ins_code_2    ? 
_pdbx_validate_symm_contact.label_alt_id_2    ? 
_pdbx_validate_symm_contact.site_symmetry_2   5_555 
_pdbx_validate_symm_contact.dist              1.74 
# 
loop_
_pdbx_unobs_or_zero_occ_atoms.id 
_pdbx_unobs_or_zero_occ_atoms.PDB_model_num 
_pdbx_unobs_or_zero_occ_atoms.polymer_flag 
_pdbx_unobs_or_zero_occ_atoms.occupancy_flag 
_pdbx_unobs_or_zero_occ_atoms.auth_asym_id 
_pdbx_unobs_or_zero_occ_atoms.auth_comp_id 
_pdbx_unobs_or_zero_occ_atoms.auth_seq_id 
_pdbx_unobs_or_zero_occ_atoms.PDB_ins_code 
_pdbx_unobs_or_zero_occ_atoms.auth_atom_id 
_pdbx_unobs_or_zero_occ_atoms.label_alt_id 
_pdbx_unobs_or_zero_occ_atoms.label_asym_id 
_pdbx_unobs_or_zero_occ_atoms.label_comp_id 
_pdbx_unobs_or_zero_occ_atoms.label_seq_id 
_pdbx_unobs_or_zero_occ_atoms.label_atom_id 
1  1 Y 1 A ARG 1091 ? CZ  ? A ARG 27  CZ  
2  1 Y 1 A ARG 1091 ? NH1 ? A ARG 27  NH1 
3  1 Y 1 A ARG 1091 ? NH2 ? A ARG 27  NH2 
4  1 Y 1 A GLN 1092 ? OE1 ? A GLN 28  OE1 
5  1 Y 1 A GLN 1092 ? NE2 ? A GLN 28  NE2 
6  1 Y 1 A GLU 1099 ? CD  ? A GLU 35  CD  
7  1 Y 1 A GLU 1099 ? OE1 ? A GLU 35  OE1 
8  1 Y 1 A GLU 1099 ? OE2 ? A GLU 35  OE2 
9  1 Y 1 A GLN 1118 ? CD  ? A GLN 54  CD  
10 1 Y 1 A GLN 1118 ? OE1 ? A GLN 54  OE1 
11 1 Y 1 A GLN 1118 ? NE2 ? A GLN 54  NE2 
12 1 Y 1 A ILE 1128 ? CD1 ? A ILE 64  CD1 
13 1 Y 1 A LYS 1170 ? NZ  ? A LYS 106 NZ  
# 
loop_
_pdbx_unobs_or_zero_occ_residues.id 
_pdbx_unobs_or_zero_occ_residues.PDB_model_num 
_pdbx_unobs_or_zero_occ_residues.polymer_flag 
_pdbx_unobs_or_zero_occ_residues.occupancy_flag 
_pdbx_unobs_or_zero_occ_residues.auth_asym_id 
_pdbx_unobs_or_zero_occ_residues.auth_comp_id 
_pdbx_unobs_or_zero_occ_residues.auth_seq_id 
_pdbx_unobs_or_zero_occ_residues.PDB_ins_code 
_pdbx_unobs_or_zero_occ_residues.label_asym_id 
_pdbx_unobs_or_zero_occ_residues.label_comp_id 
_pdbx_unobs_or_zero_occ_residues.label_seq_id 
1  1 Y 1 A MET 1065 ? A MET 1  
2  1 Y 1 A LYS 1066 ? A LYS 2  
3  1 Y 1 A LYS 1067 ? A LYS 3  
4  1 Y 1 A GLY 1068 ? A GLY 4  
5  1 Y 1 A HIS 1069 ? A HIS 5  
6  1 Y 1 A HIS 1070 ? A HIS 6  
7  1 Y 1 A HIS 1071 ? A HIS 7  
8  1 Y 1 A HIS 1072 ? A HIS 8  
9  1 Y 1 A HIS 1073 ? A HIS 9  
10 1 Y 1 A HIS 1074 ? A HIS 10 
11 1 Y 1 A LEU 1075 ? A LEU 11 
12 1 Y 1 A VAL 1076 ? A VAL 12 
13 1 Y 1 A PRO 1077 ? A PRO 13 
14 1 Y 1 A ARG 1078 ? A ARG 14 
15 1 Y 1 A GLY 1079 ? A GLY 15 
16 1 Y 1 A SER 1080 ? A SER 16 
# 
loop_
_chem_comp_atom.comp_id 
_chem_comp_atom.atom_id 
_chem_comp_atom.type_symbol 
_chem_comp_atom.pdbx_aromatic_flag 
_chem_comp_atom.pdbx_stereo_config 
_chem_comp_atom.pdbx_ordinal 
ALA N    N  N N 1   
ALA CA   C  N S 2   
ALA C    C  N N 3   
ALA O    O  N N 4   
ALA CB   C  N N 5   
ALA OXT  O  N N 6   
ALA H    H  N N 7   
ALA H2   H  N N 8   
ALA HA   H  N N 9   
ALA HB1  H  N N 10  
ALA HB2  H  N N 11  
ALA HB3  H  N N 12  
ALA HXT  H  N N 13  
ARG N    N  N N 14  
ARG CA   C  N S 15  
ARG C    C  N N 16  
ARG O    O  N N 17  
ARG CB   C  N N 18  
ARG CG   C  N N 19  
ARG CD   C  N N 20  
ARG NE   N  N N 21  
ARG CZ   C  N N 22  
ARG NH1  N  N N 23  
ARG NH2  N  N N 24  
ARG OXT  O  N N 25  
ARG H    H  N N 26  
ARG H2   H  N N 27  
ARG HA   H  N N 28  
ARG HB2  H  N N 29  
ARG HB3  H  N N 30  
ARG HG2  H  N N 31  
ARG HG3  H  N N 32  
ARG HD2  H  N N 33  
ARG HD3  H  N N 34  
ARG HE   H  N N 35  
ARG HH11 H  N N 36  
ARG HH12 H  N N 37  
ARG HH21 H  N N 38  
ARG HH22 H  N N 39  
ARG HXT  H  N N 40  
ASN N    N  N N 41  
ASN CA   C  N S 42  
ASN C    C  N N 43  
ASN O    O  N N 44  
ASN CB   C  N N 45  
ASN CG   C  N N 46  
ASN OD1  O  N N 47  
ASN ND2  N  N N 48  
ASN OXT  O  N N 49  
ASN H    H  N N 50  
ASN H2   H  N N 51  
ASN HA   H  N N 52  
ASN HB2  H  N N 53  
ASN HB3  H  N N 54  
ASN HD21 H  N N 55  
ASN HD22 H  N N 56  
ASN HXT  H  N N 57  
ASP N    N  N N 58  
ASP CA   C  N S 59  
ASP C    C  N N 60  
ASP O    O  N N 61  
ASP CB   C  N N 62  
ASP CG   C  N N 63  
ASP OD1  O  N N 64  
ASP OD2  O  N N 65  
ASP OXT  O  N N 66  
ASP H    H  N N 67  
ASP H2   H  N N 68  
ASP HA   H  N N 69  
ASP HB2  H  N N 70  
ASP HB3  H  N N 71  
ASP HD2  H  N N 72  
ASP HXT  H  N N 73  
CYS N    N  N N 74  
CYS CA   C  N R 75  
CYS C    C  N N 76  
CYS O    O  N N 77  
CYS CB   C  N N 78  
CYS SG   S  N N 79  
CYS OXT  O  N N 80  
CYS H    H  N N 81  
CYS H2   H  N N 82  
CYS HA   H  N N 83  
CYS HB2  H  N N 84  
CYS HB3  H  N N 85  
CYS HG   H  N N 86  
CYS HXT  H  N N 87  
E0D OAW  O  N N 88  
E0D CAV  C  N N 89  
E0D OAX  O  N N 90  
E0D CAR  C  N S 91  
E0D CAQ  C  N N 92  
E0D CAS  C  N N 93  
E0D CAT  C  N N 94  
E0D CAU  C  N N 95  
E0D NAO  N  N N 96  
E0D C    C  N N 97  
E0D O    O  N N 98  
E0D CA   C  N N 99  
E0D N    N  Y N 100 
E0D CAH  C  Y N 101 
E0D CAE  C  Y N 102 
E0D CAF  C  Y N 103 
E0D CAA  C  Y N 104 
E0D CAB  C  Y N 105 
E0D CAC  C  Y N 106 
E0D CAD  C  Y N 107 
E0D CAG  C  Y N 108 
E0D CAK  C  N N 109 
E0D OAM  O  N N 110 
E0D CAL  C  N N 111 
E0D H1   H  N N 112 
E0D H2   H  N N 113 
E0D H3   H  N N 114 
E0D H4   H  N N 115 
E0D H5   H  N N 116 
E0D H6   H  N N 117 
E0D H7   H  N N 118 
E0D H8   H  N N 119 
E0D H9   H  N N 120 
E0D H10  H  N N 121 
E0D H11  H  N N 122 
E0D H12  H  N N 123 
E0D H13  H  N N 124 
E0D H14  H  N N 125 
E0D H15  H  N N 126 
E0D H16  H  N N 127 
E0D H17  H  N N 128 
E0D H18  H  N N 129 
E0D H19  H  N N 130 
E0D H20  H  N N 131 
EDO C1   C  N N 132 
EDO O1   O  N N 133 
EDO C2   C  N N 134 
EDO O2   O  N N 135 
EDO H11  H  N N 136 
EDO H12  H  N N 137 
EDO HO1  H  N N 138 
EDO H21  H  N N 139 
EDO H22  H  N N 140 
EDO HO2  H  N N 141 
GLN N    N  N N 142 
GLN CA   C  N S 143 
GLN C    C  N N 144 
GLN O    O  N N 145 
GLN CB   C  N N 146 
GLN CG   C  N N 147 
GLN CD   C  N N 148 
GLN OE1  O  N N 149 
GLN NE2  N  N N 150 
GLN OXT  O  N N 151 
GLN H    H  N N 152 
GLN H2   H  N N 153 
GLN HA   H  N N 154 
GLN HB2  H  N N 155 
GLN HB3  H  N N 156 
GLN HG2  H  N N 157 
GLN HG3  H  N N 158 
GLN HE21 H  N N 159 
GLN HE22 H  N N 160 
GLN HXT  H  N N 161 
GLU N    N  N N 162 
GLU CA   C  N S 163 
GLU C    C  N N 164 
GLU O    O  N N 165 
GLU CB   C  N N 166 
GLU CG   C  N N 167 
GLU CD   C  N N 168 
GLU OE1  O  N N 169 
GLU OE2  O  N N 170 
GLU OXT  O  N N 171 
GLU H    H  N N 172 
GLU H2   H  N N 173 
GLU HA   H  N N 174 
GLU HB2  H  N N 175 
GLU HB3  H  N N 176 
GLU HG2  H  N N 177 
GLU HG3  H  N N 178 
GLU HE2  H  N N 179 
GLU HXT  H  N N 180 
GLY N    N  N N 181 
GLY CA   C  N N 182 
GLY C    C  N N 183 
GLY O    O  N N 184 
GLY OXT  O  N N 185 
GLY H    H  N N 186 
GLY H2   H  N N 187 
GLY HA2  H  N N 188 
GLY HA3  H  N N 189 
GLY HXT  H  N N 190 
HIS N    N  N N 191 
HIS CA   C  N S 192 
HIS C    C  N N 193 
HIS O    O  N N 194 
HIS CB   C  N N 195 
HIS CG   C  Y N 196 
HIS ND1  N  Y N 197 
HIS CD2  C  Y N 198 
HIS CE1  C  Y N 199 
HIS NE2  N  Y N 200 
HIS OXT  O  N N 201 
HIS H    H  N N 202 
HIS H2   H  N N 203 
HIS HA   H  N N 204 
HIS HB2  H  N N 205 
HIS HB3  H  N N 206 
HIS HD1  H  N N 207 
HIS HD2  H  N N 208 
HIS HE1  H  N N 209 
HIS HE2  H  N N 210 
HIS HXT  H  N N 211 
HOH O    O  N N 212 
HOH H1   H  N N 213 
HOH H2   H  N N 214 
ILE N    N  N N 215 
ILE CA   C  N S 216 
ILE C    C  N N 217 
ILE O    O  N N 218 
ILE CB   C  N S 219 
ILE CG1  C  N N 220 
ILE CG2  C  N N 221 
ILE CD1  C  N N 222 
ILE OXT  O  N N 223 
ILE H    H  N N 224 
ILE H2   H  N N 225 
ILE HA   H  N N 226 
ILE HB   H  N N 227 
ILE HG12 H  N N 228 
ILE HG13 H  N N 229 
ILE HG21 H  N N 230 
ILE HG22 H  N N 231 
ILE HG23 H  N N 232 
ILE HD11 H  N N 233 
ILE HD12 H  N N 234 
ILE HD13 H  N N 235 
ILE HXT  H  N N 236 
LEU N    N  N N 237 
LEU CA   C  N S 238 
LEU C    C  N N 239 
LEU O    O  N N 240 
LEU CB   C  N N 241 
LEU CG   C  N N 242 
LEU CD1  C  N N 243 
LEU CD2  C  N N 244 
LEU OXT  O  N N 245 
LEU H    H  N N 246 
LEU H2   H  N N 247 
LEU HA   H  N N 248 
LEU HB2  H  N N 249 
LEU HB3  H  N N 250 
LEU HG   H  N N 251 
LEU HD11 H  N N 252 
LEU HD12 H  N N 253 
LEU HD13 H  N N 254 
LEU HD21 H  N N 255 
LEU HD22 H  N N 256 
LEU HD23 H  N N 257 
LEU HXT  H  N N 258 
LYS N    N  N N 259 
LYS CA   C  N S 260 
LYS C    C  N N 261 
LYS O    O  N N 262 
LYS CB   C  N N 263 
LYS CG   C  N N 264 
LYS CD   C  N N 265 
LYS CE   C  N N 266 
LYS NZ   N  N N 267 
LYS OXT  O  N N 268 
LYS H    H  N N 269 
LYS H2   H  N N 270 
LYS HA   H  N N 271 
LYS HB2  H  N N 272 
LYS HB3  H  N N 273 
LYS HG2  H  N N 274 
LYS HG3  H  N N 275 
LYS HD2  H  N N 276 
LYS HD3  H  N N 277 
LYS HE2  H  N N 278 
LYS HE3  H  N N 279 
LYS HZ1  H  N N 280 
LYS HZ2  H  N N 281 
LYS HZ3  H  N N 282 
LYS HXT  H  N N 283 
MET N    N  N N 284 
MET CA   C  N S 285 
MET C    C  N N 286 
MET O    O  N N 287 
MET CB   C  N N 288 
MET CG   C  N N 289 
MET SD   S  N N 290 
MET CE   C  N N 291 
MET OXT  O  N N 292 
MET H    H  N N 293 
MET H2   H  N N 294 
MET HA   H  N N 295 
MET HB2  H  N N 296 
MET HB3  H  N N 297 
MET HG2  H  N N 298 
MET HG3  H  N N 299 
MET HE1  H  N N 300 
MET HE2  H  N N 301 
MET HE3  H  N N 302 
MET HXT  H  N N 303 
MG  MG   MG N N 304 
PHE N    N  N N 305 
PHE CA   C  N S 306 
PHE C    C  N N 307 
PHE O    O  N N 308 
PHE CB   C  N N 309 
PHE CG   C  Y N 310 
PHE CD1  C  Y N 311 
PHE CD2  C  Y N 312 
PHE CE1  C  Y N 313 
PHE CE2  C  Y N 314 
PHE CZ   C  Y N 315 
PHE OXT  O  N N 316 
PHE H    H  N N 317 
PHE H2   H  N N 318 
PHE HA   H  N N 319 
PHE HB2  H  N N 320 
PHE HB3  H  N N 321 
PHE HD1  H  N N 322 
PHE HD2  H  N N 323 
PHE HE1  H  N N 324 
PHE HE2  H  N N 325 
PHE HZ   H  N N 326 
PHE HXT  H  N N 327 
PRO N    N  N N 328 
PRO CA   C  N S 329 
PRO C    C  N N 330 
PRO O    O  N N 331 
PRO CB   C  N N 332 
PRO CG   C  N N 333 
PRO CD   C  N N 334 
PRO OXT  O  N N 335 
PRO H    H  N N 336 
PRO HA   H  N N 337 
PRO HB2  H  N N 338 
PRO HB3  H  N N 339 
PRO HG2  H  N N 340 
PRO HG3  H  N N 341 
PRO HD2  H  N N 342 
PRO HD3  H  N N 343 
PRO HXT  H  N N 344 
SER N    N  N N 345 
SER CA   C  N S 346 
SER C    C  N N 347 
SER O    O  N N 348 
SER CB   C  N N 349 
SER OG   O  N N 350 
SER OXT  O  N N 351 
SER H    H  N N 352 
SER H2   H  N N 353 
SER HA   H  N N 354 
SER HB2  H  N N 355 
SER HB3  H  N N 356 
SER HG   H  N N 357 
SER HXT  H  N N 358 
THR N    N  N N 359 
THR CA   C  N S 360 
THR C    C  N N 361 
THR O    O  N N 362 
THR CB   C  N R 363 
THR OG1  O  N N 364 
THR CG2  C  N N 365 
THR OXT  O  N N 366 
THR H    H  N N 367 
THR H2   H  N N 368 
THR HA   H  N N 369 
THR HB   H  N N 370 
THR HG1  H  N N 371 
THR HG21 H  N N 372 
THR HG22 H  N N 373 
THR HG23 H  N N 374 
THR HXT  H  N N 375 
TRP N    N  N N 376 
TRP CA   C  N S 377 
TRP C    C  N N 378 
TRP O    O  N N 379 
TRP CB   C  N N 380 
TRP CG   C  Y N 381 
TRP CD1  C  Y N 382 
TRP CD2  C  Y N 383 
TRP NE1  N  Y N 384 
TRP CE2  C  Y N 385 
TRP CE3  C  Y N 386 
TRP CZ2  C  Y N 387 
TRP CZ3  C  Y N 388 
TRP CH2  C  Y N 389 
TRP OXT  O  N N 390 
TRP H    H  N N 391 
TRP H2   H  N N 392 
TRP HA   H  N N 393 
TRP HB2  H  N N 394 
TRP HB3  H  N N 395 
TRP HD1  H  N N 396 
TRP HE1  H  N N 397 
TRP HE3  H  N N 398 
TRP HZ2  H  N N 399 
TRP HZ3  H  N N 400 
TRP HH2  H  N N 401 
TRP HXT  H  N N 402 
TYR N    N  N N 403 
TYR CA   C  N S 404 
TYR C    C  N N 405 
TYR O    O  N N 406 
TYR CB   C  N N 407 
TYR CG   C  Y N 408 
TYR CD1  C  Y N 409 
TYR CD2  C  Y N 410 
TYR CE1  C  Y N 411 
TYR CE2  C  Y N 412 
TYR CZ   C  Y N 413 
TYR OH   O  N N 414 
TYR OXT  O  N N 415 
TYR H    H  N N 416 
TYR H2   H  N N 417 
TYR HA   H  N N 418 
TYR HB2  H  N N 419 
TYR HB3  H  N N 420 
TYR HD1  H  N N 421 
TYR HD2  H  N N 422 
TYR HE1  H  N N 423 
TYR HE2  H  N N 424 
TYR HH   H  N N 425 
TYR HXT  H  N N 426 
VAL N    N  N N 427 
VAL CA   C  N S 428 
VAL C    C  N N 429 
VAL O    O  N N 430 
VAL CB   C  N N 431 
VAL CG1  C  N N 432 
VAL CG2  C  N N 433 
VAL OXT  O  N N 434 
VAL H    H  N N 435 
VAL H2   H  N N 436 
VAL HA   H  N N 437 
VAL HB   H  N N 438 
VAL HG11 H  N N 439 
VAL HG12 H  N N 440 
VAL HG13 H  N N 441 
VAL HG21 H  N N 442 
VAL HG22 H  N N 443 
VAL HG23 H  N N 444 
VAL HXT  H  N N 445 
# 
loop_
_chem_comp_bond.comp_id 
_chem_comp_bond.atom_id_1 
_chem_comp_bond.atom_id_2 
_chem_comp_bond.value_order 
_chem_comp_bond.pdbx_aromatic_flag 
_chem_comp_bond.pdbx_stereo_config 
_chem_comp_bond.pdbx_ordinal 
ALA N   CA   sing N N 1   
ALA N   H    sing N N 2   
ALA N   H2   sing N N 3   
ALA CA  C    sing N N 4   
ALA CA  CB   sing N N 5   
ALA CA  HA   sing N N 6   
ALA C   O    doub N N 7   
ALA C   OXT  sing N N 8   
ALA CB  HB1  sing N N 9   
ALA CB  HB2  sing N N 10  
ALA CB  HB3  sing N N 11  
ALA OXT HXT  sing N N 12  
ARG N   CA   sing N N 13  
ARG N   H    sing N N 14  
ARG N   H2   sing N N 15  
ARG CA  C    sing N N 16  
ARG CA  CB   sing N N 17  
ARG CA  HA   sing N N 18  
ARG C   O    doub N N 19  
ARG C   OXT  sing N N 20  
ARG CB  CG   sing N N 21  
ARG CB  HB2  sing N N 22  
ARG CB  HB3  sing N N 23  
ARG CG  CD   sing N N 24  
ARG CG  HG2  sing N N 25  
ARG CG  HG3  sing N N 26  
ARG CD  NE   sing N N 27  
ARG CD  HD2  sing N N 28  
ARG CD  HD3  sing N N 29  
ARG NE  CZ   sing N N 30  
ARG NE  HE   sing N N 31  
ARG CZ  NH1  sing N N 32  
ARG CZ  NH2  doub N N 33  
ARG NH1 HH11 sing N N 34  
ARG NH1 HH12 sing N N 35  
ARG NH2 HH21 sing N N 36  
ARG NH2 HH22 sing N N 37  
ARG OXT HXT  sing N N 38  
ASN N   CA   sing N N 39  
ASN N   H    sing N N 40  
ASN N   H2   sing N N 41  
ASN CA  C    sing N N 42  
ASN CA  CB   sing N N 43  
ASN CA  HA   sing N N 44  
ASN C   O    doub N N 45  
ASN C   OXT  sing N N 46  
ASN CB  CG   sing N N 47  
ASN CB  HB2  sing N N 48  
ASN CB  HB3  sing N N 49  
ASN CG  OD1  doub N N 50  
ASN CG  ND2  sing N N 51  
ASN ND2 HD21 sing N N 52  
ASN ND2 HD22 sing N N 53  
ASN OXT HXT  sing N N 54  
ASP N   CA   sing N N 55  
ASP N   H    sing N N 56  
ASP N   H2   sing N N 57  
ASP CA  C    sing N N 58  
ASP CA  CB   sing N N 59  
ASP CA  HA   sing N N 60  
ASP C   O    doub N N 61  
ASP C   OXT  sing N N 62  
ASP CB  CG   sing N N 63  
ASP CB  HB2  sing N N 64  
ASP CB  HB3  sing N N 65  
ASP CG  OD1  doub N N 66  
ASP CG  OD2  sing N N 67  
ASP OD2 HD2  sing N N 68  
ASP OXT HXT  sing N N 69  
CYS N   CA   sing N N 70  
CYS N   H    sing N N 71  
CYS N   H2   sing N N 72  
CYS CA  C    sing N N 73  
CYS CA  CB   sing N N 74  
CYS CA  HA   sing N N 75  
CYS C   O    doub N N 76  
CYS C   OXT  sing N N 77  
CYS CB  SG   sing N N 78  
CYS CB  HB2  sing N N 79  
CYS CB  HB3  sing N N 80  
CYS SG  HG   sing N N 81  
CYS OXT HXT  sing N N 82  
E0D CAU CAT  sing N N 83  
E0D CAU NAO  sing N N 84  
E0D CAA CAF  doub Y N 85  
E0D CAA CAB  sing Y N 86  
E0D CAF CAE  sing Y N 87  
E0D CAT CAS  sing N N 88  
E0D NAO CAQ  sing N N 89  
E0D NAO C    sing N N 90  
E0D CAB CAC  doub Y N 91  
E0D CA  C    sing N N 92  
E0D CA  N    sing N N 93  
E0D CAS CAR  sing N N 94  
E0D CAQ CAR  sing N N 95  
E0D CAE N    sing Y N 96  
E0D CAE CAD  doub Y N 97  
E0D C   O    doub N N 98  
E0D N   CAH  sing Y N 99  
E0D OAX CAV  doub N N 100 
E0D CAR CAV  sing N N 101 
E0D CAC CAD  sing Y N 102 
E0D CAD CAG  sing Y N 103 
E0D CAV OAW  sing N N 104 
E0D CAH CAG  doub Y N 105 
E0D CAG CAK  sing N N 106 
E0D CAK OAM  doub N N 107 
E0D CAK CAL  sing N N 108 
E0D OAW H1   sing N N 109 
E0D CAR H2   sing N N 110 
E0D CAQ H3   sing N N 111 
E0D CAQ H4   sing N N 112 
E0D CAS H5   sing N N 113 
E0D CAS H6   sing N N 114 
E0D CAT H7   sing N N 115 
E0D CAT H8   sing N N 116 
E0D CAU H9   sing N N 117 
E0D CAU H10  sing N N 118 
E0D CA  H11  sing N N 119 
E0D CA  H12  sing N N 120 
E0D CAH H13  sing N N 121 
E0D CAF H14  sing N N 122 
E0D CAA H15  sing N N 123 
E0D CAB H16  sing N N 124 
E0D CAC H17  sing N N 125 
E0D CAL H18  sing N N 126 
E0D CAL H19  sing N N 127 
E0D CAL H20  sing N N 128 
EDO C1  O1   sing N N 129 
EDO C1  C2   sing N N 130 
EDO C1  H11  sing N N 131 
EDO C1  H12  sing N N 132 
EDO O1  HO1  sing N N 133 
EDO C2  O2   sing N N 134 
EDO C2  H21  sing N N 135 
EDO C2  H22  sing N N 136 
EDO O2  HO2  sing N N 137 
GLN N   CA   sing N N 138 
GLN N   H    sing N N 139 
GLN N   H2   sing N N 140 
GLN CA  C    sing N N 141 
GLN CA  CB   sing N N 142 
GLN CA  HA   sing N N 143 
GLN C   O    doub N N 144 
GLN C   OXT  sing N N 145 
GLN CB  CG   sing N N 146 
GLN CB  HB2  sing N N 147 
GLN CB  HB3  sing N N 148 
GLN CG  CD   sing N N 149 
GLN CG  HG2  sing N N 150 
GLN CG  HG3  sing N N 151 
GLN CD  OE1  doub N N 152 
GLN CD  NE2  sing N N 153 
GLN NE2 HE21 sing N N 154 
GLN NE2 HE22 sing N N 155 
GLN OXT HXT  sing N N 156 
GLU N   CA   sing N N 157 
GLU N   H    sing N N 158 
GLU N   H2   sing N N 159 
GLU CA  C    sing N N 160 
GLU CA  CB   sing N N 161 
GLU CA  HA   sing N N 162 
GLU C   O    doub N N 163 
GLU C   OXT  sing N N 164 
GLU CB  CG   sing N N 165 
GLU CB  HB2  sing N N 166 
GLU CB  HB3  sing N N 167 
GLU CG  CD   sing N N 168 
GLU CG  HG2  sing N N 169 
GLU CG  HG3  sing N N 170 
GLU CD  OE1  doub N N 171 
GLU CD  OE2  sing N N 172 
GLU OE2 HE2  sing N N 173 
GLU OXT HXT  sing N N 174 
GLY N   CA   sing N N 175 
GLY N   H    sing N N 176 
GLY N   H2   sing N N 177 
GLY CA  C    sing N N 178 
GLY CA  HA2  sing N N 179 
GLY CA  HA3  sing N N 180 
GLY C   O    doub N N 181 
GLY C   OXT  sing N N 182 
GLY OXT HXT  sing N N 183 
HIS N   CA   sing N N 184 
HIS N   H    sing N N 185 
HIS N   H2   sing N N 186 
HIS CA  C    sing N N 187 
HIS CA  CB   sing N N 188 
HIS CA  HA   sing N N 189 
HIS C   O    doub N N 190 
HIS C   OXT  sing N N 191 
HIS CB  CG   sing N N 192 
HIS CB  HB2  sing N N 193 
HIS CB  HB3  sing N N 194 
HIS CG  ND1  sing Y N 195 
HIS CG  CD2  doub Y N 196 
HIS ND1 CE1  doub Y N 197 
HIS ND1 HD1  sing N N 198 
HIS CD2 NE2  sing Y N 199 
HIS CD2 HD2  sing N N 200 
HIS CE1 NE2  sing Y N 201 
HIS CE1 HE1  sing N N 202 
HIS NE2 HE2  sing N N 203 
HIS OXT HXT  sing N N 204 
HOH O   H1   sing N N 205 
HOH O   H2   sing N N 206 
ILE N   CA   sing N N 207 
ILE N   H    sing N N 208 
ILE N   H2   sing N N 209 
ILE CA  C    sing N N 210 
ILE CA  CB   sing N N 211 
ILE CA  HA   sing N N 212 
ILE C   O    doub N N 213 
ILE C   OXT  sing N N 214 
ILE CB  CG1  sing N N 215 
ILE CB  CG2  sing N N 216 
ILE CB  HB   sing N N 217 
ILE CG1 CD1  sing N N 218 
ILE CG1 HG12 sing N N 219 
ILE CG1 HG13 sing N N 220 
ILE CG2 HG21 sing N N 221 
ILE CG2 HG22 sing N N 222 
ILE CG2 HG23 sing N N 223 
ILE CD1 HD11 sing N N 224 
ILE CD1 HD12 sing N N 225 
ILE CD1 HD13 sing N N 226 
ILE OXT HXT  sing N N 227 
LEU N   CA   sing N N 228 
LEU N   H    sing N N 229 
LEU N   H2   sing N N 230 
LEU CA  C    sing N N 231 
LEU CA  CB   sing N N 232 
LEU CA  HA   sing N N 233 
LEU C   O    doub N N 234 
LEU C   OXT  sing N N 235 
LEU CB  CG   sing N N 236 
LEU CB  HB2  sing N N 237 
LEU CB  HB3  sing N N 238 
LEU CG  CD1  sing N N 239 
LEU CG  CD2  sing N N 240 
LEU CG  HG   sing N N 241 
LEU CD1 HD11 sing N N 242 
LEU CD1 HD12 sing N N 243 
LEU CD1 HD13 sing N N 244 
LEU CD2 HD21 sing N N 245 
LEU CD2 HD22 sing N N 246 
LEU CD2 HD23 sing N N 247 
LEU OXT HXT  sing N N 248 
LYS N   CA   sing N N 249 
LYS N   H    sing N N 250 
LYS N   H2   sing N N 251 
LYS CA  C    sing N N 252 
LYS CA  CB   sing N N 253 
LYS CA  HA   sing N N 254 
LYS C   O    doub N N 255 
LYS C   OXT  sing N N 256 
LYS CB  CG   sing N N 257 
LYS CB  HB2  sing N N 258 
LYS CB  HB3  sing N N 259 
LYS CG  CD   sing N N 260 
LYS CG  HG2  sing N N 261 
LYS CG  HG3  sing N N 262 
LYS CD  CE   sing N N 263 
LYS CD  HD2  sing N N 264 
LYS CD  HD3  sing N N 265 
LYS CE  NZ   sing N N 266 
LYS CE  HE2  sing N N 267 
LYS CE  HE3  sing N N 268 
LYS NZ  HZ1  sing N N 269 
LYS NZ  HZ2  sing N N 270 
LYS NZ  HZ3  sing N N 271 
LYS OXT HXT  sing N N 272 
MET N   CA   sing N N 273 
MET N   H    sing N N 274 
MET N   H2   sing N N 275 
MET CA  C    sing N N 276 
MET CA  CB   sing N N 277 
MET CA  HA   sing N N 278 
MET C   O    doub N N 279 
MET C   OXT  sing N N 280 
MET CB  CG   sing N N 281 
MET CB  HB2  sing N N 282 
MET CB  HB3  sing N N 283 
MET CG  SD   sing N N 284 
MET CG  HG2  sing N N 285 
MET CG  HG3  sing N N 286 
MET SD  CE   sing N N 287 
MET CE  HE1  sing N N 288 
MET CE  HE2  sing N N 289 
MET CE  HE3  sing N N 290 
MET OXT HXT  sing N N 291 
PHE N   CA   sing N N 292 
PHE N   H    sing N N 293 
PHE N   H2   sing N N 294 
PHE CA  C    sing N N 295 
PHE CA  CB   sing N N 296 
PHE CA  HA   sing N N 297 
PHE C   O    doub N N 298 
PHE C   OXT  sing N N 299 
PHE CB  CG   sing N N 300 
PHE CB  HB2  sing N N 301 
PHE CB  HB3  sing N N 302 
PHE CG  CD1  doub Y N 303 
PHE CG  CD2  sing Y N 304 
PHE CD1 CE1  sing Y N 305 
PHE CD1 HD1  sing N N 306 
PHE CD2 CE2  doub Y N 307 
PHE CD2 HD2  sing N N 308 
PHE CE1 CZ   doub Y N 309 
PHE CE1 HE1  sing N N 310 
PHE CE2 CZ   sing Y N 311 
PHE CE2 HE2  sing N N 312 
PHE CZ  HZ   sing N N 313 
PHE OXT HXT  sing N N 314 
PRO N   CA   sing N N 315 
PRO N   CD   sing N N 316 
PRO N   H    sing N N 317 
PRO CA  C    sing N N 318 
PRO CA  CB   sing N N 319 
PRO CA  HA   sing N N 320 
PRO C   O    doub N N 321 
PRO C   OXT  sing N N 322 
PRO CB  CG   sing N N 323 
PRO CB  HB2  sing N N 324 
PRO CB  HB3  sing N N 325 
PRO CG  CD   sing N N 326 
PRO CG  HG2  sing N N 327 
PRO CG  HG3  sing N N 328 
PRO CD  HD2  sing N N 329 
PRO CD  HD3  sing N N 330 
PRO OXT HXT  sing N N 331 
SER N   CA   sing N N 332 
SER N   H    sing N N 333 
SER N   H2   sing N N 334 
SER CA  C    sing N N 335 
SER CA  CB   sing N N 336 
SER CA  HA   sing N N 337 
SER C   O    doub N N 338 
SER C   OXT  sing N N 339 
SER CB  OG   sing N N 340 
SER CB  HB2  sing N N 341 
SER CB  HB3  sing N N 342 
SER OG  HG   sing N N 343 
SER OXT HXT  sing N N 344 
THR N   CA   sing N N 345 
THR N   H    sing N N 346 
THR N   H2   sing N N 347 
THR CA  C    sing N N 348 
THR CA  CB   sing N N 349 
THR CA  HA   sing N N 350 
THR C   O    doub N N 351 
THR C   OXT  sing N N 352 
THR CB  OG1  sing N N 353 
THR CB  CG2  sing N N 354 
THR CB  HB   sing N N 355 
THR OG1 HG1  sing N N 356 
THR CG2 HG21 sing N N 357 
THR CG2 HG22 sing N N 358 
THR CG2 HG23 sing N N 359 
THR OXT HXT  sing N N 360 
TRP N   CA   sing N N 361 
TRP N   H    sing N N 362 
TRP N   H2   sing N N 363 
TRP CA  C    sing N N 364 
TRP CA  CB   sing N N 365 
TRP CA  HA   sing N N 366 
TRP C   O    doub N N 367 
TRP C   OXT  sing N N 368 
TRP CB  CG   sing N N 369 
TRP CB  HB2  sing N N 370 
TRP CB  HB3  sing N N 371 
TRP CG  CD1  doub Y N 372 
TRP CG  CD2  sing Y N 373 
TRP CD1 NE1  sing Y N 374 
TRP CD1 HD1  sing N N 375 
TRP CD2 CE2  doub Y N 376 
TRP CD2 CE3  sing Y N 377 
TRP NE1 CE2  sing Y N 378 
TRP NE1 HE1  sing N N 379 
TRP CE2 CZ2  sing Y N 380 
TRP CE3 CZ3  doub Y N 381 
TRP CE3 HE3  sing N N 382 
TRP CZ2 CH2  doub Y N 383 
TRP CZ2 HZ2  sing N N 384 
TRP CZ3 CH2  sing Y N 385 
TRP CZ3 HZ3  sing N N 386 
TRP CH2 HH2  sing N N 387 
TRP OXT HXT  sing N N 388 
TYR N   CA   sing N N 389 
TYR N   H    sing N N 390 
TYR N   H2   sing N N 391 
TYR CA  C    sing N N 392 
TYR CA  CB   sing N N 393 
TYR CA  HA   sing N N 394 
TYR C   O    doub N N 395 
TYR C   OXT  sing N N 396 
TYR CB  CG   sing N N 397 
TYR CB  HB2  sing N N 398 
TYR CB  HB3  sing N N 399 
TYR CG  CD1  doub Y N 400 
TYR CG  CD2  sing Y N 401 
TYR CD1 CE1  sing Y N 402 
TYR CD1 HD1  sing N N 403 
TYR CD2 CE2  doub Y N 404 
TYR CD2 HD2  sing N N 405 
TYR CE1 CZ   doub Y N 406 
TYR CE1 HE1  sing N N 407 
TYR CE2 CZ   sing Y N 408 
TYR CE2 HE2  sing N N 409 
TYR CZ  OH   sing N N 410 
TYR OH  HH   sing N N 411 
TYR OXT HXT  sing N N 412 
VAL N   CA   sing N N 413 
VAL N   H    sing N N 414 
VAL N   H2   sing N N 415 
VAL CA  C    sing N N 416 
VAL CA  CB   sing N N 417 
VAL CA  HA   sing N N 418 
VAL C   O    doub N N 419 
VAL C   OXT  sing N N 420 
VAL CB  CG1  sing N N 421 
VAL CB  CG2  sing N N 422 
VAL CB  HB   sing N N 423 
VAL CG1 HG11 sing N N 424 
VAL CG1 HG12 sing N N 425 
VAL CG1 HG13 sing N N 426 
VAL CG2 HG21 sing N N 427 
VAL CG2 HG22 sing N N 428 
VAL CG2 HG23 sing N N 429 
VAL OXT HXT  sing N N 430 
# 
_pdbx_audit_support.funding_organization   'National Natural Science Foundation of China (NSFC)' 
_pdbx_audit_support.country                China 
_pdbx_audit_support.grant_number           ? 
_pdbx_audit_support.ordinal                1 
# 
_pdbx_entity_instance_feature.ordinal        1 
_pdbx_entity_instance_feature.comp_id        E0D 
_pdbx_entity_instance_feature.asym_id        ? 
_pdbx_entity_instance_feature.seq_num        ? 
_pdbx_entity_instance_feature.auth_comp_id   E0D 
_pdbx_entity_instance_feature.auth_asym_id   ? 
_pdbx_entity_instance_feature.auth_seq_num   ? 
_pdbx_entity_instance_feature.feature_type   'SUBJECT OF INVESTIGATION' 
_pdbx_entity_instance_feature.details        ? 
# 
loop_
_pdbx_entity_nonpoly.entity_id 
_pdbx_entity_nonpoly.name 
_pdbx_entity_nonpoly.comp_id 
2 '(3S)-1-[2-(3-ethanoylindol-1-yl)ethanoyl]piperidine-3-carboxylic acid' E0D 
3 1,2-ETHANEDIOL                                                          EDO 
4 'MAGNESIUM ION'                                                         MG  
5 water                                                                   HOH 
# 
_pdbx_initial_refinement_model.id               1 
_pdbx_initial_refinement_model.entity_id_list   ? 
_pdbx_initial_refinement_model.type             'experimental model' 
_pdbx_initial_refinement_model.source_name      PDB 
_pdbx_initial_refinement_model.accession_code   4NYX 
_pdbx_initial_refinement_model.details          ? 
# 
_pdbx_struct_assembly_auth_evidence.id                     1 
_pdbx_struct_assembly_auth_evidence.assembly_id            1 
_pdbx_struct_assembly_auth_evidence.experimental_support   none 
_pdbx_struct_assembly_auth_evidence.details                ? 
# 
